data_6QPJ
# 
_entry.id   6QPJ 
# 
_audit_conform.dict_name       mmcif_pdbx.dic 
_audit_conform.dict_version    5.392 
_audit_conform.dict_location   http://mmcif.pdb.org/dictionaries/ascii/mmcif_pdbx.dic 
# 
loop_
_database_2.database_id 
_database_2.database_code 
_database_2.pdbx_database_accession 
_database_2.pdbx_DOI 
PDB   6QPJ         pdb_00006qpj 10.2210/pdb6qpj/pdb 
WWPDB D_1292100613 ?            ?                   
# 
loop_
_pdbx_audit_revision_history.ordinal 
_pdbx_audit_revision_history.data_content_type 
_pdbx_audit_revision_history.major_revision 
_pdbx_audit_revision_history.minor_revision 
_pdbx_audit_revision_history.revision_date 
1 'Structure model' 1 0 2019-09-25 
2 'Structure model' 1 1 2019-10-02 
3 'Structure model' 1 2 2019-10-09 
4 'Structure model' 1 3 2024-05-15 
# 
_pdbx_audit_revision_details.ordinal             1 
_pdbx_audit_revision_details.revision_ordinal    1 
_pdbx_audit_revision_details.data_content_type   'Structure model' 
_pdbx_audit_revision_details.provider            repository 
_pdbx_audit_revision_details.type                'Initial release' 
_pdbx_audit_revision_details.description         ? 
_pdbx_audit_revision_details.details             ? 
# 
loop_
_pdbx_audit_revision_group.ordinal 
_pdbx_audit_revision_group.revision_ordinal 
_pdbx_audit_revision_group.data_content_type 
_pdbx_audit_revision_group.group 
1 2 'Structure model' 'Data collection'        
2 2 'Structure model' 'Database references'    
3 3 'Structure model' 'Data collection'        
4 3 'Structure model' 'Database references'    
5 4 'Structure model' 'Data collection'        
6 4 'Structure model' 'Database references'    
7 4 'Structure model' 'Refinement description' 
# 
loop_
_pdbx_audit_revision_category.ordinal 
_pdbx_audit_revision_category.revision_ordinal 
_pdbx_audit_revision_category.data_content_type 
_pdbx_audit_revision_category.category 
1 2 'Structure model' citation        
2 2 'Structure model' citation_author 
3 3 'Structure model' citation        
4 4 'Structure model' chem_comp_atom  
5 4 'Structure model' chem_comp_bond  
6 4 'Structure model' database_2      
7 4 'Structure model' refine          
# 
loop_
_pdbx_audit_revision_item.ordinal 
_pdbx_audit_revision_item.revision_ordinal 
_pdbx_audit_revision_item.data_content_type 
_pdbx_audit_revision_item.item 
1  2 'Structure model' '_citation.pdbx_database_id_PubMed'   
2  2 'Structure model' '_citation.title'                     
3  2 'Structure model' '_citation_author.identifier_ORCID'   
4  2 'Structure model' '_citation_author.name'               
5  3 'Structure model' '_citation.journal_volume'            
6  3 'Structure model' '_citation.page_first'                
7  3 'Structure model' '_citation.page_last'                 
8  4 'Structure model' '_database_2.pdbx_DOI'                
9  4 'Structure model' '_database_2.pdbx_database_accession' 
10 4 'Structure model' '_refine.pdbx_diffrn_id'              
# 
_pdbx_database_status.status_code                     REL 
_pdbx_database_status.status_code_sf                  REL 
_pdbx_database_status.status_code_mr                  ? 
_pdbx_database_status.entry_id                        6QPJ 
_pdbx_database_status.recvd_initial_deposition_date   2019-02-14 
_pdbx_database_status.SG_entry                        N 
_pdbx_database_status.deposit_site                    PDBE 
_pdbx_database_status.process_site                    PDBE 
_pdbx_database_status.status_code_cs                  ? 
_pdbx_database_status.methods_development_category    ? 
_pdbx_database_status.pdb_format_compatible           Y 
_pdbx_database_status.status_code_nmr_data            ? 
# 
loop_
_audit_author.name 
_audit_author.pdbx_ordinal 
_audit_author.identifier_ORCID 
'Kwon, H.'      1 0000-0001-6941-4808 
'Freeman, S.L.' 2 0000-0002-1467-5282 
'Moody, P.C.E.' 3 0000-0003-1762-9238 
'Raven, E.L.'   4 0000-0002-1643-8694 
'Basran, J.'    5 0000-0003-2273-7348 
# 
_citation.abstract                  ? 
_citation.abstract_id_CAS           ? 
_citation.book_id_ISBN              ? 
_citation.book_publisher            ? 
_citation.book_publisher_city       ? 
_citation.book_title                ? 
_citation.coordinate_linkage        ? 
_citation.country                   US 
_citation.database_id_Medline       ? 
_citation.details                   ? 
_citation.id                        primary 
_citation.journal_abbrev            Proc.Natl.Acad.Sci.USA 
_citation.journal_id_ASTM           PNASA6 
_citation.journal_id_CSD            0040 
_citation.journal_id_ISSN           1091-6490 
_citation.journal_full              ? 
_citation.journal_issue             ? 
_citation.journal_volume            116 
_citation.language                  ? 
_citation.page_first                19911 
_citation.page_last                 19916 
_citation.title                     'Heme binding to human CLOCK affects interactions with the E-box.' 
_citation.year                      2019 
_citation.database_id_CSD           ? 
_citation.pdbx_database_id_DOI      10.1073/pnas.1905216116 
_citation.pdbx_database_id_PubMed   31527239 
_citation.unpublished_flag          ? 
# 
loop_
_citation_author.citation_id 
_citation_author.name 
_citation_author.ordinal 
_citation_author.identifier_ORCID 
primary 'Freeman, S.L.'          1  0000-0002-1467-5282 
primary 'Kwon, H.'               2  0000-0001-6941-4808 
primary 'Portolano, N.'          3  ?                   
primary 'Parkin, G.'             4  ?                   
primary 'Venkatraman Girija, U.' 5  ?                   
primary 'Basran, J.'             6  ?                   
primary 'Fielding, A.J.'         7  0000-0002-4437-9791 
primary 'Fairall, L.'            8  ?                   
primary 'Svistunenko, D.A.'      9  ?                   
primary 'Moody, P.C.E.'          10 0000-0003-1762-9238 
primary 'Schwabe, J.W.R.'        11 ?                   
primary 'Kyriacou, C.P.'         12 ?                   
primary 'Raven, E.L.'            13 0000-0002-1643-8694 
# 
loop_
_entity.id 
_entity.type 
_entity.src_method 
_entity.pdbx_description 
_entity.formula_weight 
_entity.pdbx_number_of_molecules 
_entity.pdbx_ec 
_entity.pdbx_mutation 
_entity.pdbx_fragment 
_entity.details 
1 polymer man 'Circadian locomoter output cycles protein kaput' 18314.609 1  2.3.1.48 ? ? ? 
2 water   nat water                                             18.015    72 ?        ? ? ? 
# 
_entity_name_com.entity_id   1 
_entity_name_com.name        'hCLOCK,Class E basic helix-loop-helix protein 8,bHLHe8' 
# 
_entity_poly.entity_id                      1 
_entity_poly.type                           'polypeptide(L)' 
_entity_poly.nstd_linkage                   no 
_entity_poly.nstd_monomer                   no 
_entity_poly.pdbx_seq_one_letter_code       
;MSNEEFTQLMLEALDGFFLAIMTDGSIIYVSESVTSLLEHLPSDLVDQSIFNFIPEGEHSEVYKILSTHLLESDSLTPEY
LKSKNQLEFCCHMLRGTIDPKEPSTYEYVKFIGNFKSLNSVSSSAHNGFEGTIQRTHRPSYEDRVCFVATVRLATPQFIK
E
;
_entity_poly.pdbx_seq_one_letter_code_can   
;MSNEEFTQLMLEALDGFFLAIMTDGSIIYVSESVTSLLEHLPSDLVDQSIFNFIPEGEHSEVYKILSTHLLESDSLTPEY
LKSKNQLEFCCHMLRGTIDPKEPSTYEYVKFIGNFKSLNSVSSSAHNGFEGTIQRTHRPSYEDRVCFVATVRLATPQFIK
E
;
_entity_poly.pdbx_strand_id                 A 
_entity_poly.pdbx_target_identifier         ? 
# 
_pdbx_entity_nonpoly.entity_id   2 
_pdbx_entity_nonpoly.name        water 
_pdbx_entity_nonpoly.comp_id     HOH 
# 
loop_
_entity_poly_seq.entity_id 
_entity_poly_seq.num 
_entity_poly_seq.mon_id 
_entity_poly_seq.hetero 
1 1   MET n 
1 2   SER n 
1 3   ASN n 
1 4   GLU n 
1 5   GLU n 
1 6   PHE n 
1 7   THR n 
1 8   GLN n 
1 9   LEU n 
1 10  MET n 
1 11  LEU n 
1 12  GLU n 
1 13  ALA n 
1 14  LEU n 
1 15  ASP n 
1 16  GLY n 
1 17  PHE n 
1 18  PHE n 
1 19  LEU n 
1 20  ALA n 
1 21  ILE n 
1 22  MET n 
1 23  THR n 
1 24  ASP n 
1 25  GLY n 
1 26  SER n 
1 27  ILE n 
1 28  ILE n 
1 29  TYR n 
1 30  VAL n 
1 31  SER n 
1 32  GLU n 
1 33  SER n 
1 34  VAL n 
1 35  THR n 
1 36  SER n 
1 37  LEU n 
1 38  LEU n 
1 39  GLU n 
1 40  HIS n 
1 41  LEU n 
1 42  PRO n 
1 43  SER n 
1 44  ASP n 
1 45  LEU n 
1 46  VAL n 
1 47  ASP n 
1 48  GLN n 
1 49  SER n 
1 50  ILE n 
1 51  PHE n 
1 52  ASN n 
1 53  PHE n 
1 54  ILE n 
1 55  PRO n 
1 56  GLU n 
1 57  GLY n 
1 58  GLU n 
1 59  HIS n 
1 60  SER n 
1 61  GLU n 
1 62  VAL n 
1 63  TYR n 
1 64  LYS n 
1 65  ILE n 
1 66  LEU n 
1 67  SER n 
1 68  THR n 
1 69  HIS n 
1 70  LEU n 
1 71  LEU n 
1 72  GLU n 
1 73  SER n 
1 74  ASP n 
1 75  SER n 
1 76  LEU n 
1 77  THR n 
1 78  PRO n 
1 79  GLU n 
1 80  TYR n 
1 81  LEU n 
1 82  LYS n 
1 83  SER n 
1 84  LYS n 
1 85  ASN n 
1 86  GLN n 
1 87  LEU n 
1 88  GLU n 
1 89  PHE n 
1 90  CYS n 
1 91  CYS n 
1 92  HIS n 
1 93  MET n 
1 94  LEU n 
1 95  ARG n 
1 96  GLY n 
1 97  THR n 
1 98  ILE n 
1 99  ASP n 
1 100 PRO n 
1 101 LYS n 
1 102 GLU n 
1 103 PRO n 
1 104 SER n 
1 105 THR n 
1 106 TYR n 
1 107 GLU n 
1 108 TYR n 
1 109 VAL n 
1 110 LYS n 
1 111 PHE n 
1 112 ILE n 
1 113 GLY n 
1 114 ASN n 
1 115 PHE n 
1 116 LYS n 
1 117 SER n 
1 118 LEU n 
1 119 ASN n 
1 120 SER n 
1 121 VAL n 
1 122 SER n 
1 123 SER n 
1 124 SER n 
1 125 ALA n 
1 126 HIS n 
1 127 ASN n 
1 128 GLY n 
1 129 PHE n 
1 130 GLU n 
1 131 GLY n 
1 132 THR n 
1 133 ILE n 
1 134 GLN n 
1 135 ARG n 
1 136 THR n 
1 137 HIS n 
1 138 ARG n 
1 139 PRO n 
1 140 SER n 
1 141 TYR n 
1 142 GLU n 
1 143 ASP n 
1 144 ARG n 
1 145 VAL n 
1 146 CYS n 
1 147 PHE n 
1 148 VAL n 
1 149 ALA n 
1 150 THR n 
1 151 VAL n 
1 152 ARG n 
1 153 LEU n 
1 154 ALA n 
1 155 THR n 
1 156 PRO n 
1 157 GLN n 
1 158 PHE n 
1 159 ILE n 
1 160 LYS n 
1 161 GLU n 
# 
_entity_src_gen.entity_id                          1 
_entity_src_gen.pdbx_src_id                        1 
_entity_src_gen.pdbx_alt_source_flag               sample 
_entity_src_gen.pdbx_seq_type                      'Biological sequence' 
_entity_src_gen.pdbx_beg_seq_num                   1 
_entity_src_gen.pdbx_end_seq_num                   161 
_entity_src_gen.gene_src_common_name               Human 
_entity_src_gen.gene_src_genus                     ? 
_entity_src_gen.pdbx_gene_src_gene                 'CLOCK, BHLHE8, KIAA0334' 
_entity_src_gen.gene_src_species                   ? 
_entity_src_gen.gene_src_strain                    ? 
_entity_src_gen.gene_src_tissue                    ? 
_entity_src_gen.gene_src_tissue_fraction           ? 
_entity_src_gen.gene_src_details                   ? 
_entity_src_gen.pdbx_gene_src_fragment             ? 
_entity_src_gen.pdbx_gene_src_scientific_name      'Homo sapiens' 
_entity_src_gen.pdbx_gene_src_ncbi_taxonomy_id     9606 
_entity_src_gen.pdbx_gene_src_variant              ? 
_entity_src_gen.pdbx_gene_src_cell_line            ? 
_entity_src_gen.pdbx_gene_src_atcc                 ? 
_entity_src_gen.pdbx_gene_src_organ                ? 
_entity_src_gen.pdbx_gene_src_organelle            ? 
_entity_src_gen.pdbx_gene_src_cell                 ? 
_entity_src_gen.pdbx_gene_src_cellular_location    ? 
_entity_src_gen.host_org_common_name               ? 
_entity_src_gen.pdbx_host_org_scientific_name      'Escherichia coli' 
_entity_src_gen.pdbx_host_org_ncbi_taxonomy_id     562 
_entity_src_gen.host_org_genus                     ? 
_entity_src_gen.pdbx_host_org_gene                 ? 
_entity_src_gen.pdbx_host_org_organ                ? 
_entity_src_gen.host_org_species                   ? 
_entity_src_gen.pdbx_host_org_tissue               ? 
_entity_src_gen.pdbx_host_org_tissue_fraction      ? 
_entity_src_gen.pdbx_host_org_strain               ? 
_entity_src_gen.pdbx_host_org_variant              ? 
_entity_src_gen.pdbx_host_org_cell_line            ? 
_entity_src_gen.pdbx_host_org_atcc                 ? 
_entity_src_gen.pdbx_host_org_culture_collection   ? 
_entity_src_gen.pdbx_host_org_cell                 ? 
_entity_src_gen.pdbx_host_org_organelle            ? 
_entity_src_gen.pdbx_host_org_cellular_location    ? 
_entity_src_gen.pdbx_host_org_vector_type          ? 
_entity_src_gen.pdbx_host_org_vector               ? 
_entity_src_gen.host_org_details                   ? 
_entity_src_gen.expression_system_id               ? 
_entity_src_gen.plasmid_name                       ? 
_entity_src_gen.plasmid_details                    ? 
_entity_src_gen.pdbx_description                   ? 
# 
loop_
_chem_comp.id 
_chem_comp.type 
_chem_comp.mon_nstd_flag 
_chem_comp.name 
_chem_comp.pdbx_synonyms 
_chem_comp.formula 
_chem_comp.formula_weight 
ALA 'L-peptide linking' y ALANINE         ? 'C3 H7 N O2'     89.093  
ARG 'L-peptide linking' y ARGININE        ? 'C6 H15 N4 O2 1' 175.209 
ASN 'L-peptide linking' y ASPARAGINE      ? 'C4 H8 N2 O3'    132.118 
ASP 'L-peptide linking' y 'ASPARTIC ACID' ? 'C4 H7 N O4'     133.103 
CYS 'L-peptide linking' y CYSTEINE        ? 'C3 H7 N O2 S'   121.158 
GLN 'L-peptide linking' y GLUTAMINE       ? 'C5 H10 N2 O3'   146.144 
GLU 'L-peptide linking' y 'GLUTAMIC ACID' ? 'C5 H9 N O4'     147.129 
GLY 'peptide linking'   y GLYCINE         ? 'C2 H5 N O2'     75.067  
HIS 'L-peptide linking' y HISTIDINE       ? 'C6 H10 N3 O2 1' 156.162 
HOH non-polymer         . WATER           ? 'H2 O'           18.015  
ILE 'L-peptide linking' y ISOLEUCINE      ? 'C6 H13 N O2'    131.173 
LEU 'L-peptide linking' y LEUCINE         ? 'C6 H13 N O2'    131.173 
LYS 'L-peptide linking' y LYSINE          ? 'C6 H15 N2 O2 1' 147.195 
MET 'L-peptide linking' y METHIONINE      ? 'C5 H11 N O2 S'  149.211 
PHE 'L-peptide linking' y PHENYLALANINE   ? 'C9 H11 N O2'    165.189 
PRO 'L-peptide linking' y PROLINE         ? 'C5 H9 N O2'     115.130 
SER 'L-peptide linking' y SERINE          ? 'C3 H7 N O3'     105.093 
THR 'L-peptide linking' y THREONINE       ? 'C4 H9 N O3'     119.119 
TYR 'L-peptide linking' y TYROSINE        ? 'C9 H11 N O3'    181.189 
VAL 'L-peptide linking' y VALINE          ? 'C5 H11 N O2'    117.146 
# 
loop_
_pdbx_poly_seq_scheme.asym_id 
_pdbx_poly_seq_scheme.entity_id 
_pdbx_poly_seq_scheme.seq_id 
_pdbx_poly_seq_scheme.mon_id 
_pdbx_poly_seq_scheme.ndb_seq_num 
_pdbx_poly_seq_scheme.pdb_seq_num 
_pdbx_poly_seq_scheme.auth_seq_num 
_pdbx_poly_seq_scheme.pdb_mon_id 
_pdbx_poly_seq_scheme.auth_mon_id 
_pdbx_poly_seq_scheme.pdb_strand_id 
_pdbx_poly_seq_scheme.pdb_ins_code 
_pdbx_poly_seq_scheme.hetero 
A 1 1   MET 1   105 105 MET MET A . n 
A 1 2   SER 2   106 106 SER SER A . n 
A 1 3   ASN 3   107 107 ASN ASN A . n 
A 1 4   GLU 4   108 108 GLU GLU A . n 
A 1 5   GLU 5   109 109 GLU GLU A . n 
A 1 6   PHE 6   110 110 PHE PHE A . n 
A 1 7   THR 7   111 111 THR THR A . n 
A 1 8   GLN 8   112 112 GLN GLN A . n 
A 1 9   LEU 9   113 113 LEU LEU A . n 
A 1 10  MET 10  114 114 MET MET A . n 
A 1 11  LEU 11  115 115 LEU LEU A . n 
A 1 12  GLU 12  116 116 GLU GLU A . n 
A 1 13  ALA 13  117 117 ALA ALA A . n 
A 1 14  LEU 14  118 118 LEU LEU A . n 
A 1 15  ASP 15  119 119 ASP ASP A . n 
A 1 16  GLY 16  120 120 GLY GLY A . n 
A 1 17  PHE 17  121 121 PHE PHE A . n 
A 1 18  PHE 18  122 122 PHE PHE A . n 
A 1 19  LEU 19  123 123 LEU LEU A . n 
A 1 20  ALA 20  124 124 ALA ALA A . n 
A 1 21  ILE 21  125 125 ILE ILE A . n 
A 1 22  MET 22  126 126 MET MET A . n 
A 1 23  THR 23  127 127 THR THR A . n 
A 1 24  ASP 24  128 128 ASP ASP A . n 
A 1 25  GLY 25  129 129 GLY GLY A . n 
A 1 26  SER 26  130 130 SER SER A . n 
A 1 27  ILE 27  131 131 ILE ILE A . n 
A 1 28  ILE 28  132 132 ILE ILE A . n 
A 1 29  TYR 29  133 133 TYR TYR A . n 
A 1 30  VAL 30  134 134 VAL VAL A . n 
A 1 31  SER 31  135 135 SER SER A . n 
A 1 32  GLU 32  136 136 GLU GLU A . n 
A 1 33  SER 33  137 137 SER SER A . n 
A 1 34  VAL 34  138 138 VAL VAL A . n 
A 1 35  THR 35  139 139 THR THR A . n 
A 1 36  SER 36  140 140 SER SER A . n 
A 1 37  LEU 37  141 141 LEU LEU A . n 
A 1 38  LEU 38  142 142 LEU LEU A . n 
A 1 39  GLU 39  143 143 GLU GLU A . n 
A 1 40  HIS 40  144 144 HIS HIS A . n 
A 1 41  LEU 41  145 145 LEU LEU A . n 
A 1 42  PRO 42  146 146 PRO PRO A . n 
A 1 43  SER 43  147 147 SER SER A . n 
A 1 44  ASP 44  148 148 ASP ASP A . n 
A 1 45  LEU 45  149 149 LEU LEU A . n 
A 1 46  VAL 46  150 150 VAL VAL A . n 
A 1 47  ASP 47  151 151 ASP ASP A . n 
A 1 48  GLN 48  152 152 GLN GLN A . n 
A 1 49  SER 49  153 153 SER SER A . n 
A 1 50  ILE 50  154 154 ILE ILE A . n 
A 1 51  PHE 51  155 155 PHE PHE A . n 
A 1 52  ASN 52  156 156 ASN ASN A . n 
A 1 53  PHE 53  157 157 PHE PHE A . n 
A 1 54  ILE 54  158 158 ILE ILE A . n 
A 1 55  PRO 55  159 159 PRO PRO A . n 
A 1 56  GLU 56  160 160 GLU GLU A . n 
A 1 57  GLY 57  161 161 GLY GLY A . n 
A 1 58  GLU 58  162 162 GLU GLU A . n 
A 1 59  HIS 59  163 163 HIS HIS A . n 
A 1 60  SER 60  164 164 SER SER A . n 
A 1 61  GLU 61  165 165 GLU GLU A . n 
A 1 62  VAL 62  166 166 VAL VAL A . n 
A 1 63  TYR 63  167 167 TYR TYR A . n 
A 1 64  LYS 64  168 168 LYS LYS A . n 
A 1 65  ILE 65  169 169 ILE ILE A . n 
A 1 66  LEU 66  170 170 LEU LEU A . n 
A 1 67  SER 67  171 171 SER SER A . n 
A 1 68  THR 68  172 172 THR THR A . n 
A 1 69  HIS 69  173 173 HIS HIS A . n 
A 1 70  LEU 70  174 174 LEU LEU A . n 
A 1 71  LEU 71  175 175 LEU LEU A . n 
A 1 72  GLU 72  176 176 GLU GLU A . n 
A 1 73  SER 73  177 177 SER SER A . n 
A 1 74  ASP 74  178 178 ASP ASP A . n 
A 1 75  SER 75  179 179 SER SER A . n 
A 1 76  LEU 76  180 180 LEU LEU A . n 
A 1 77  THR 77  181 181 THR THR A . n 
A 1 78  PRO 78  182 182 PRO PRO A . n 
A 1 79  GLU 79  183 183 GLU GLU A . n 
A 1 80  TYR 80  184 184 TYR TYR A . n 
A 1 81  LEU 81  185 185 LEU LEU A . n 
A 1 82  LYS 82  186 186 LYS LYS A . n 
A 1 83  SER 83  187 187 SER SER A . n 
A 1 84  LYS 84  188 188 LYS LYS A . n 
A 1 85  ASN 85  189 189 ASN ASN A . n 
A 1 86  GLN 86  190 190 GLN GLN A . n 
A 1 87  LEU 87  191 191 LEU LEU A . n 
A 1 88  GLU 88  192 192 GLU GLU A . n 
A 1 89  PHE 89  193 193 PHE PHE A . n 
A 1 90  CYS 90  194 194 CYS CYS A . n 
A 1 91  CYS 91  195 195 CYS CYS A . n 
A 1 92  HIS 92  196 196 HIS HIS A . n 
A 1 93  MET 93  197 197 MET MET A . n 
A 1 94  LEU 94  198 198 LEU LEU A . n 
A 1 95  ARG 95  199 199 ARG ARG A . n 
A 1 96  GLY 96  200 200 GLY GLY A . n 
A 1 97  THR 97  201 201 THR THR A . n 
A 1 98  ILE 98  202 202 ILE ILE A . n 
A 1 99  ASP 99  203 203 ASP ASP A . n 
A 1 100 PRO 100 204 204 PRO PRO A . n 
A 1 101 LYS 101 205 205 LYS LYS A . n 
A 1 102 GLU 102 206 206 GLU GLU A . n 
A 1 103 PRO 103 207 207 PRO PRO A . n 
A 1 104 SER 104 208 208 SER SER A . n 
A 1 105 THR 105 209 209 THR THR A . n 
A 1 106 TYR 106 210 210 TYR TYR A . n 
A 1 107 GLU 107 211 211 GLU GLU A . n 
A 1 108 TYR 108 212 212 TYR TYR A . n 
A 1 109 VAL 109 213 213 VAL VAL A . n 
A 1 110 LYS 110 214 214 LYS LYS A . n 
A 1 111 PHE 111 215 215 PHE PHE A . n 
A 1 112 ILE 112 216 216 ILE ILE A . n 
A 1 113 GLY 113 217 217 GLY GLY A . n 
A 1 114 ASN 114 218 218 ASN ASN A . n 
A 1 115 PHE 115 219 219 PHE PHE A . n 
A 1 116 LYS 116 220 220 LYS LYS A . n 
A 1 117 SER 117 221 221 SER SER A . n 
A 1 118 LEU 118 222 222 LEU LEU A . n 
A 1 119 ASN 119 223 223 ASN ASN A . n 
A 1 120 SER 120 224 ?   ?   ?   A . n 
A 1 121 VAL 121 225 ?   ?   ?   A . n 
A 1 122 SER 122 226 ?   ?   ?   A . n 
A 1 123 SER 123 227 ?   ?   ?   A . n 
A 1 124 SER 124 228 ?   ?   ?   A . n 
A 1 125 ALA 125 229 ?   ?   ?   A . n 
A 1 126 HIS 126 230 ?   ?   ?   A . n 
A 1 127 ASN 127 231 ?   ?   ?   A . n 
A 1 128 GLY 128 232 ?   ?   ?   A . n 
A 1 129 PHE 129 233 ?   ?   ?   A . n 
A 1 130 GLU 130 234 ?   ?   ?   A . n 
A 1 131 GLY 131 235 ?   ?   ?   A . n 
A 1 132 THR 132 236 ?   ?   ?   A . n 
A 1 133 ILE 133 237 ?   ?   ?   A . n 
A 1 134 GLN 134 238 ?   ?   ?   A . n 
A 1 135 ARG 135 239 ?   ?   ?   A . n 
A 1 136 THR 136 240 ?   ?   ?   A . n 
A 1 137 HIS 137 241 ?   ?   ?   A . n 
A 1 138 ARG 138 242 ?   ?   ?   A . n 
A 1 139 PRO 139 243 ?   ?   ?   A . n 
A 1 140 SER 140 244 ?   ?   ?   A . n 
A 1 141 TYR 141 245 ?   ?   ?   A . n 
A 1 142 GLU 142 246 ?   ?   ?   A . n 
A 1 143 ASP 143 247 247 ASP ASP A . n 
A 1 144 ARG 144 248 248 ARG ARG A . n 
A 1 145 VAL 145 249 249 VAL VAL A . n 
A 1 146 CYS 146 250 250 CYS CYS A . n 
A 1 147 PHE 147 251 251 PHE PHE A . n 
A 1 148 VAL 148 252 252 VAL VAL A . n 
A 1 149 ALA 149 253 253 ALA ALA A . n 
A 1 150 THR 150 254 254 THR THR A . n 
A 1 151 VAL 151 255 255 VAL VAL A . n 
A 1 152 ARG 152 256 256 ARG ARG A . n 
A 1 153 LEU 153 257 257 LEU LEU A . n 
A 1 154 ALA 154 258 258 ALA ALA A . n 
A 1 155 THR 155 259 259 THR THR A . n 
A 1 156 PRO 156 260 260 PRO PRO A . n 
A 1 157 GLN 157 261 ?   ?   ?   A . n 
A 1 158 PHE 158 262 ?   ?   ?   A . n 
A 1 159 ILE 159 263 ?   ?   ?   A . n 
A 1 160 LYS 160 264 ?   ?   ?   A . n 
A 1 161 GLU 161 265 ?   ?   ?   A . n 
# 
loop_
_pdbx_nonpoly_scheme.asym_id 
_pdbx_nonpoly_scheme.entity_id 
_pdbx_nonpoly_scheme.mon_id 
_pdbx_nonpoly_scheme.ndb_seq_num 
_pdbx_nonpoly_scheme.pdb_seq_num 
_pdbx_nonpoly_scheme.auth_seq_num 
_pdbx_nonpoly_scheme.pdb_mon_id 
_pdbx_nonpoly_scheme.auth_mon_id 
_pdbx_nonpoly_scheme.pdb_strand_id 
_pdbx_nonpoly_scheme.pdb_ins_code 
B 2 HOH 1  301 87 HOH HOH A . 
B 2 HOH 2  302 74 HOH HOH A . 
B 2 HOH 3  303 58 HOH HOH A . 
B 2 HOH 4  304 4  HOH HOH A . 
B 2 HOH 5  305 80 HOH HOH A . 
B 2 HOH 6  306 36 HOH HOH A . 
B 2 HOH 7  307 6  HOH HOH A . 
B 2 HOH 8  308 48 HOH HOH A . 
B 2 HOH 9  309 30 HOH HOH A . 
B 2 HOH 10 310 45 HOH HOH A . 
B 2 HOH 11 311 12 HOH HOH A . 
B 2 HOH 12 312 11 HOH HOH A . 
B 2 HOH 13 313 81 HOH HOH A . 
B 2 HOH 14 314 79 HOH HOH A . 
B 2 HOH 15 315 23 HOH HOH A . 
B 2 HOH 16 316 39 HOH HOH A . 
B 2 HOH 17 317 24 HOH HOH A . 
B 2 HOH 18 318 25 HOH HOH A . 
B 2 HOH 19 319 10 HOH HOH A . 
B 2 HOH 20 320 71 HOH HOH A . 
B 2 HOH 21 321 27 HOH HOH A . 
B 2 HOH 22 322 21 HOH HOH A . 
B 2 HOH 23 323 76 HOH HOH A . 
B 2 HOH 24 324 2  HOH HOH A . 
B 2 HOH 25 325 18 HOH HOH A . 
B 2 HOH 26 326 15 HOH HOH A . 
B 2 HOH 27 327 17 HOH HOH A . 
B 2 HOH 28 328 35 HOH HOH A . 
B 2 HOH 29 329 19 HOH HOH A . 
B 2 HOH 30 330 31 HOH HOH A . 
B 2 HOH 31 331 3  HOH HOH A . 
B 2 HOH 32 332 9  HOH HOH A . 
B 2 HOH 33 333 63 HOH HOH A . 
B 2 HOH 34 334 5  HOH HOH A . 
B 2 HOH 35 335 59 HOH HOH A . 
B 2 HOH 36 336 88 HOH HOH A . 
B 2 HOH 37 337 55 HOH HOH A . 
B 2 HOH 38 338 73 HOH HOH A . 
B 2 HOH 39 339 41 HOH HOH A . 
B 2 HOH 40 340 14 HOH HOH A . 
B 2 HOH 41 341 49 HOH HOH A . 
B 2 HOH 42 342 1  HOH HOH A . 
B 2 HOH 43 343 83 HOH HOH A . 
B 2 HOH 44 344 37 HOH HOH A . 
B 2 HOH 45 345 64 HOH HOH A . 
B 2 HOH 46 346 7  HOH HOH A . 
B 2 HOH 47 347 8  HOH HOH A . 
B 2 HOH 48 348 32 HOH HOH A . 
B 2 HOH 49 349 40 HOH HOH A . 
B 2 HOH 50 350 29 HOH HOH A . 
B 2 HOH 51 351 56 HOH HOH A . 
B 2 HOH 52 352 84 HOH HOH A . 
B 2 HOH 53 353 65 HOH HOH A . 
B 2 HOH 54 354 22 HOH HOH A . 
B 2 HOH 55 355 13 HOH HOH A . 
B 2 HOH 56 356 75 HOH HOH A . 
B 2 HOH 57 357 61 HOH HOH A . 
B 2 HOH 58 358 51 HOH HOH A . 
B 2 HOH 59 359 78 HOH HOH A . 
B 2 HOH 60 360 54 HOH HOH A . 
B 2 HOH 61 361 72 HOH HOH A . 
B 2 HOH 62 362 47 HOH HOH A . 
B 2 HOH 63 363 38 HOH HOH A . 
B 2 HOH 64 364 52 HOH HOH A . 
B 2 HOH 65 365 69 HOH HOH A . 
B 2 HOH 66 366 68 HOH HOH A . 
B 2 HOH 67 367 82 HOH HOH A . 
B 2 HOH 68 368 20 HOH HOH A . 
B 2 HOH 69 369 26 HOH HOH A . 
B 2 HOH 70 370 67 HOH HOH A . 
B 2 HOH 71 371 53 HOH HOH A . 
B 2 HOH 72 372 70 HOH HOH A . 
# 
loop_
_software.citation_id 
_software.classification 
_software.compiler_name 
_software.compiler_version 
_software.contact_author 
_software.contact_author_email 
_software.date 
_software.description 
_software.dependencies 
_software.hardware 
_software.language 
_software.location 
_software.mods 
_software.name 
_software.os 
_software.os_version 
_software.type 
_software.version 
_software.pdbx_ordinal 
? refinement       ? ? ? ? ? ? ? ? ? ? ? PHENIX  ? ? ? '(1.14_3260: ???)' 1 
? 'data reduction' ? ? ? ? ? ? ? ? ? ? ? MOSFLM  ? ? ? .                  2 
? 'data scaling'   ? ? ? ? ? ? ? ? ? ? ? Aimless ? ? ? .                  3 
? phasing          ? ? ? ? ? ? ? ? ? ? ? PHASER  ? ? ? .                  4 
# 
_cell.angle_alpha                  90.00 
_cell.angle_alpha_esd              ? 
_cell.angle_beta                   93.46 
_cell.angle_beta_esd               ? 
_cell.angle_gamma                  90.00 
_cell.angle_gamma_esd              ? 
_cell.entry_id                     6QPJ 
_cell.details                      ? 
_cell.formula_units_Z              ? 
_cell.length_a                     45.990 
_cell.length_a_esd                 ? 
_cell.length_b                     45.360 
_cell.length_b_esd                 ? 
_cell.length_c                     75.675 
_cell.length_c_esd                 ? 
_cell.volume                       ? 
_cell.volume_esd                   ? 
_cell.Z_PDB                        4 
_cell.reciprocal_angle_alpha       ? 
_cell.reciprocal_angle_beta        ? 
_cell.reciprocal_angle_gamma       ? 
_cell.reciprocal_angle_alpha_esd   ? 
_cell.reciprocal_angle_beta_esd    ? 
_cell.reciprocal_angle_gamma_esd   ? 
_cell.reciprocal_length_a          ? 
_cell.reciprocal_length_b          ? 
_cell.reciprocal_length_c          ? 
_cell.reciprocal_length_a_esd      ? 
_cell.reciprocal_length_b_esd      ? 
_cell.reciprocal_length_c_esd      ? 
_cell.pdbx_unique_axis             ? 
# 
_symmetry.entry_id                         6QPJ 
_symmetry.cell_setting                     ? 
_symmetry.Int_Tables_number                5 
_symmetry.space_group_name_Hall            ? 
_symmetry.space_group_name_H-M             'I 1 2 1' 
_symmetry.pdbx_full_space_group_name_H-M   ? 
# 
_exptl.absorpt_coefficient_mu     ? 
_exptl.absorpt_correction_T_max   ? 
_exptl.absorpt_correction_T_min   ? 
_exptl.absorpt_correction_type    ? 
_exptl.absorpt_process_details    ? 
_exptl.entry_id                   6QPJ 
_exptl.crystals_number            1 
_exptl.details                    ? 
_exptl.method                     'X-RAY DIFFRACTION' 
_exptl.method_details             ? 
# 
_exptl_crystal.colour                      ? 
_exptl_crystal.density_diffrn              ? 
_exptl_crystal.density_Matthews            2.15 
_exptl_crystal.density_method              ? 
_exptl_crystal.density_percent_sol         42.82 
_exptl_crystal.description                 ? 
_exptl_crystal.F_000                       ? 
_exptl_crystal.id                          1 
_exptl_crystal.preparation                 ? 
_exptl_crystal.size_max                    ? 
_exptl_crystal.size_mid                    ? 
_exptl_crystal.size_min                    ? 
_exptl_crystal.size_rad                    ? 
_exptl_crystal.colour_lustre               ? 
_exptl_crystal.colour_modifier             ? 
_exptl_crystal.colour_primary              ? 
_exptl_crystal.density_meas                ? 
_exptl_crystal.density_meas_esd            ? 
_exptl_crystal.density_meas_gt             ? 
_exptl_crystal.density_meas_lt             ? 
_exptl_crystal.density_meas_temp           ? 
_exptl_crystal.density_meas_temp_esd       ? 
_exptl_crystal.density_meas_temp_gt        ? 
_exptl_crystal.density_meas_temp_lt        ? 
_exptl_crystal.pdbx_crystal_image_url      ? 
_exptl_crystal.pdbx_crystal_image_format   ? 
_exptl_crystal.pdbx_mosaicity              ? 
_exptl_crystal.pdbx_mosaicity_esd          ? 
# 
_exptl_crystal_grow.apparatus       ? 
_exptl_crystal_grow.atmosphere      ? 
_exptl_crystal_grow.crystal_id      1 
_exptl_crystal_grow.details         ? 
_exptl_crystal_grow.method          'VAPOR DIFFUSION, SITTING DROP' 
_exptl_crystal_grow.method_ref      ? 
_exptl_crystal_grow.pH              ? 
_exptl_crystal_grow.pressure        ? 
_exptl_crystal_grow.pressure_esd    ? 
_exptl_crystal_grow.seeding         ? 
_exptl_crystal_grow.seeding_ref     ? 
_exptl_crystal_grow.temp            298 
_exptl_crystal_grow.temp_details    ? 
_exptl_crystal_grow.temp_esd        ? 
_exptl_crystal_grow.time            ? 
_exptl_crystal_grow.pdbx_details    
;20 mM MES pH 6.5
0.1M Magnesium sulfate
20 % PEG 3350
;
_exptl_crystal_grow.pdbx_pH_range   ? 
# 
_diffrn.ambient_environment              ? 
_diffrn.ambient_temp                     100 
_diffrn.ambient_temp_details             ? 
_diffrn.ambient_temp_esd                 ? 
_diffrn.crystal_id                       1 
_diffrn.crystal_support                  ? 
_diffrn.crystal_treatment                ? 
_diffrn.details                          ? 
_diffrn.id                               1 
_diffrn.ambient_pressure                 ? 
_diffrn.ambient_pressure_esd             ? 
_diffrn.ambient_pressure_gt              ? 
_diffrn.ambient_pressure_lt              ? 
_diffrn.ambient_temp_gt                  ? 
_diffrn.ambient_temp_lt                  ? 
_diffrn.pdbx_serial_crystal_experiment   N 
# 
_diffrn_detector.details                      ? 
_diffrn_detector.detector                     CCD 
_diffrn_detector.diffrn_id                    1 
_diffrn_detector.type                         'RIGAKU SATURN 944+' 
_diffrn_detector.area_resol_mean              ? 
_diffrn_detector.dtime                        ? 
_diffrn_detector.pdbx_frames_total            ? 
_diffrn_detector.pdbx_collection_time_total   ? 
_diffrn_detector.pdbx_collection_date         2017-08-21 
_diffrn_detector.pdbx_frequency               ? 
# 
_diffrn_radiation.collimation                      ? 
_diffrn_radiation.diffrn_id                        1 
_diffrn_radiation.filter_edge                      ? 
_diffrn_radiation.inhomogeneity                    ? 
_diffrn_radiation.monochromator                    ? 
_diffrn_radiation.polarisn_norm                    ? 
_diffrn_radiation.polarisn_ratio                   ? 
_diffrn_radiation.probe                            ? 
_diffrn_radiation.type                             ? 
_diffrn_radiation.xray_symbol                      ? 
_diffrn_radiation.wavelength_id                    1 
_diffrn_radiation.pdbx_monochromatic_or_laue_m_l   M 
_diffrn_radiation.pdbx_wavelength_list             ? 
_diffrn_radiation.pdbx_wavelength                  ? 
_diffrn_radiation.pdbx_diffrn_protocol             'SINGLE WAVELENGTH' 
_diffrn_radiation.pdbx_analyzer                    ? 
_diffrn_radiation.pdbx_scattering_type             x-ray 
# 
_diffrn_radiation_wavelength.id           1 
_diffrn_radiation_wavelength.wavelength   1.5 
_diffrn_radiation_wavelength.wt           1.0 
# 
_diffrn_source.current                     ? 
_diffrn_source.details                     ? 
_diffrn_source.diffrn_id                   1 
_diffrn_source.power                       ? 
_diffrn_source.size                        ? 
_diffrn_source.source                      'ROTATING ANODE' 
_diffrn_source.target                      ? 
_diffrn_source.type                        'RIGAKU MICROMAX-007 HF' 
_diffrn_source.voltage                     ? 
_diffrn_source.take-off_angle              ? 
_diffrn_source.pdbx_wavelength_list        1.5 
_diffrn_source.pdbx_wavelength             ? 
_diffrn_source.pdbx_synchrotron_beamline   ? 
_diffrn_source.pdbx_synchrotron_site       ? 
# 
_reflns.B_iso_Wilson_estimate            ? 
_reflns.entry_id                         6QPJ 
_reflns.data_reduction_details           ? 
_reflns.data_reduction_method            ? 
_reflns.d_resolution_high                2.3 
_reflns.d_resolution_low                 25.0 
_reflns.details                          ? 
_reflns.limit_h_max                      ? 
_reflns.limit_h_min                      ? 
_reflns.limit_k_max                      ? 
_reflns.limit_k_min                      ? 
_reflns.limit_l_max                      ? 
_reflns.limit_l_min                      ? 
_reflns.number_all                       ? 
_reflns.number_obs                       6784 
_reflns.observed_criterion               ? 
_reflns.observed_criterion_F_max         ? 
_reflns.observed_criterion_F_min         ? 
_reflns.observed_criterion_I_max         ? 
_reflns.observed_criterion_I_min         ? 
_reflns.observed_criterion_sigma_F       ? 
_reflns.observed_criterion_sigma_I       ? 
_reflns.percent_possible_obs             98.4 
_reflns.R_free_details                   ? 
_reflns.Rmerge_F_all                     ? 
_reflns.Rmerge_F_obs                     ? 
_reflns.Friedel_coverage                 ? 
_reflns.number_gt                        ? 
_reflns.threshold_expression             ? 
_reflns.pdbx_redundancy                  3.4 
_reflns.pdbx_Rmerge_I_obs                ? 
_reflns.pdbx_Rmerge_I_all                ? 
_reflns.pdbx_Rsym_value                  ? 
_reflns.pdbx_netI_over_av_sigmaI         ? 
_reflns.pdbx_netI_over_sigmaI            10.8 
_reflns.pdbx_res_netI_over_av_sigmaI_2   ? 
_reflns.pdbx_res_netI_over_sigmaI_2      ? 
_reflns.pdbx_chi_squared                 ? 
_reflns.pdbx_scaling_rejects             ? 
_reflns.pdbx_d_res_high_opt              ? 
_reflns.pdbx_d_res_low_opt               ? 
_reflns.pdbx_d_res_opt_method            ? 
_reflns.phase_calculation_details        ? 
_reflns.pdbx_Rrim_I_all                  ? 
_reflns.pdbx_Rpim_I_all                  ? 
_reflns.pdbx_d_opt                       ? 
_reflns.pdbx_number_measured_all         ? 
_reflns.pdbx_diffrn_id                   1 
_reflns.pdbx_ordinal                     1 
_reflns.pdbx_CC_half                     ? 
_reflns.pdbx_R_split                     ? 
# 
_reflns_shell.d_res_high                  2.3 
_reflns_shell.d_res_low                   2.4 
_reflns_shell.meanI_over_sigI_all         ? 
_reflns_shell.meanI_over_sigI_obs         ? 
_reflns_shell.number_measured_all         ? 
_reflns_shell.number_measured_obs         ? 
_reflns_shell.number_possible             ? 
_reflns_shell.number_unique_all           ? 
_reflns_shell.number_unique_obs           ? 
_reflns_shell.percent_possible_all        ? 
_reflns_shell.percent_possible_obs        ? 
_reflns_shell.Rmerge_F_all                ? 
_reflns_shell.Rmerge_F_obs                ? 
_reflns_shell.Rmerge_I_all                ? 
_reflns_shell.Rmerge_I_obs                ? 
_reflns_shell.meanI_over_sigI_gt          ? 
_reflns_shell.meanI_over_uI_all           ? 
_reflns_shell.meanI_over_uI_gt            ? 
_reflns_shell.number_measured_gt          ? 
_reflns_shell.number_unique_gt            ? 
_reflns_shell.percent_possible_gt         ? 
_reflns_shell.Rmerge_F_gt                 ? 
_reflns_shell.Rmerge_I_gt                 ? 
_reflns_shell.pdbx_redundancy             ? 
_reflns_shell.pdbx_Rsym_value             ? 
_reflns_shell.pdbx_chi_squared            ? 
_reflns_shell.pdbx_netI_over_sigmaI_all   ? 
_reflns_shell.pdbx_netI_over_sigmaI_obs   ? 
_reflns_shell.pdbx_Rrim_I_all             ? 
_reflns_shell.pdbx_Rpim_I_all             ? 
_reflns_shell.pdbx_rejects                ? 
_reflns_shell.pdbx_ordinal                1 
_reflns_shell.pdbx_diffrn_id              1 
_reflns_shell.pdbx_CC_half                ? 
_reflns_shell.pdbx_R_split                ? 
# 
_refine.aniso_B[1][1]                            ? 
_refine.aniso_B[1][2]                            ? 
_refine.aniso_B[1][3]                            ? 
_refine.aniso_B[2][2]                            ? 
_refine.aniso_B[2][3]                            ? 
_refine.aniso_B[3][3]                            ? 
_refine.B_iso_max                                ? 
_refine.B_iso_mean                               ? 
_refine.B_iso_min                                ? 
_refine.correlation_coeff_Fo_to_Fc               ? 
_refine.correlation_coeff_Fo_to_Fc_free          ? 
_refine.details                                  ? 
_refine.diff_density_max                         ? 
_refine.diff_density_max_esd                     ? 
_refine.diff_density_min                         ? 
_refine.diff_density_min_esd                     ? 
_refine.diff_density_rms                         ? 
_refine.diff_density_rms_esd                     ? 
_refine.entry_id                                 6QPJ 
_refine.pdbx_refine_id                           'X-RAY DIFFRACTION' 
_refine.ls_abs_structure_details                 ? 
_refine.ls_abs_structure_Flack                   ? 
_refine.ls_abs_structure_Flack_esd               ? 
_refine.ls_abs_structure_Rogers                  ? 
_refine.ls_abs_structure_Rogers_esd              ? 
_refine.ls_d_res_high                            2.315 
_refine.ls_d_res_low                             25.063 
_refine.ls_extinction_coef                       ? 
_refine.ls_extinction_coef_esd                   ? 
_refine.ls_extinction_expression                 ? 
_refine.ls_extinction_method                     ? 
_refine.ls_goodness_of_fit_all                   ? 
_refine.ls_goodness_of_fit_all_esd               ? 
_refine.ls_goodness_of_fit_obs                   ? 
_refine.ls_goodness_of_fit_obs_esd               ? 
_refine.ls_hydrogen_treatment                    ? 
_refine.ls_matrix_type                           ? 
_refine.ls_number_constraints                    ? 
_refine.ls_number_parameters                     ? 
_refine.ls_number_reflns_all                     ? 
_refine.ls_number_reflns_obs                     6783 
_refine.ls_number_reflns_R_free                  296 
_refine.ls_number_reflns_R_work                  ? 
_refine.ls_number_restraints                     ? 
_refine.ls_percent_reflns_obs                    98.42 
_refine.ls_percent_reflns_R_free                 4.36 
_refine.ls_R_factor_all                          ? 
_refine.ls_R_factor_obs                          0.1826 
_refine.ls_R_factor_R_free                       0.2425 
_refine.ls_R_factor_R_free_error                 ? 
_refine.ls_R_factor_R_free_error_details         ? 
_refine.ls_R_factor_R_work                       0.1796 
_refine.ls_R_Fsqd_factor_obs                     ? 
_refine.ls_R_I_factor_obs                        ? 
_refine.ls_redundancy_reflns_all                 ? 
_refine.ls_redundancy_reflns_obs                 ? 
_refine.ls_restrained_S_all                      ? 
_refine.ls_restrained_S_obs                      ? 
_refine.ls_shift_over_esd_max                    ? 
_refine.ls_shift_over_esd_mean                   ? 
_refine.ls_structure_factor_coef                 ? 
_refine.ls_weighting_details                     ? 
_refine.ls_weighting_scheme                      ? 
_refine.ls_wR_factor_all                         ? 
_refine.ls_wR_factor_obs                         ? 
_refine.ls_wR_factor_R_free                      ? 
_refine.ls_wR_factor_R_work                      ? 
_refine.occupancy_max                            ? 
_refine.occupancy_min                            ? 
_refine.solvent_model_details                    'FLAT BULK SOLVENT MODEL' 
_refine.solvent_model_param_bsol                 ? 
_refine.solvent_model_param_ksol                 ? 
_refine.ls_R_factor_gt                           ? 
_refine.ls_goodness_of_fit_gt                    ? 
_refine.ls_goodness_of_fit_ref                   ? 
_refine.ls_shift_over_su_max                     ? 
_refine.ls_shift_over_su_max_lt                  ? 
_refine.ls_shift_over_su_mean                    ? 
_refine.ls_shift_over_su_mean_lt                 ? 
_refine.pdbx_ls_sigma_I                          ? 
_refine.pdbx_ls_sigma_F                          1.37 
_refine.pdbx_ls_sigma_Fsqd                       ? 
_refine.pdbx_data_cutoff_high_absF               ? 
_refine.pdbx_data_cutoff_high_rms_absF           ? 
_refine.pdbx_data_cutoff_low_absF                ? 
_refine.pdbx_isotropic_thermal_model             ? 
_refine.pdbx_ls_cross_valid_method               'FREE R-VALUE' 
_refine.pdbx_method_to_determine_struct          ? 
_refine.pdbx_starting_model                      ? 
_refine.pdbx_stereochemistry_target_values       ML 
_refine.pdbx_R_Free_selection_details            ? 
_refine.pdbx_stereochem_target_val_spec_case     ? 
_refine.pdbx_overall_ESU_R                       ? 
_refine.pdbx_overall_ESU_R_Free                  ? 
_refine.pdbx_solvent_vdw_probe_radii             1.11 
_refine.pdbx_solvent_ion_probe_radii             ? 
_refine.pdbx_solvent_shrinkage_radii             0.90 
_refine.pdbx_real_space_R                        ? 
_refine.pdbx_density_correlation                 ? 
_refine.pdbx_pd_number_of_powder_patterns        ? 
_refine.pdbx_pd_number_of_points                 ? 
_refine.pdbx_pd_meas_number_of_points            ? 
_refine.pdbx_pd_proc_ls_prof_R_factor            ? 
_refine.pdbx_pd_proc_ls_prof_wR_factor           ? 
_refine.pdbx_pd_Marquardt_correlation_coeff      ? 
_refine.pdbx_pd_Fsqrd_R_factor                   ? 
_refine.pdbx_pd_ls_matrix_band_width             ? 
_refine.pdbx_overall_phase_error                 14.19 
_refine.pdbx_overall_SU_R_free_Cruickshank_DPI   ? 
_refine.pdbx_overall_SU_R_free_Blow_DPI          ? 
_refine.pdbx_overall_SU_R_Blow_DPI               ? 
_refine.pdbx_TLS_residual_ADP_flag               ? 
_refine.pdbx_diffrn_id                           1 
_refine.overall_SU_B                             ? 
_refine.overall_SU_ML                            0.23 
_refine.overall_SU_R_Cruickshank_DPI             ? 
_refine.overall_SU_R_free                        ? 
_refine.overall_FOM_free_R_set                   ? 
_refine.overall_FOM_work_R_set                   ? 
_refine.pdbx_average_fsc_overall                 ? 
_refine.pdbx_average_fsc_work                    ? 
_refine.pdbx_average_fsc_free                    ? 
# 
_refine_hist.pdbx_refine_id                   'X-RAY DIFFRACTION' 
_refine_hist.cycle_id                         LAST 
_refine_hist.pdbx_number_atoms_protein        1061 
_refine_hist.pdbx_number_atoms_nucleic_acid   0 
_refine_hist.pdbx_number_atoms_ligand         0 
_refine_hist.number_atoms_solvent             72 
_refine_hist.number_atoms_total               1133 
_refine_hist.d_res_high                       2.315 
_refine_hist.d_res_low                        25.063 
# 
loop_
_refine_ls_restr.pdbx_refine_id 
_refine_ls_restr.criterion 
_refine_ls_restr.dev_ideal 
_refine_ls_restr.dev_ideal_target 
_refine_ls_restr.number 
_refine_ls_restr.rejects 
_refine_ls_restr.type 
_refine_ls_restr.weight 
_refine_ls_restr.pdbx_restraint_function 
'X-RAY DIFFRACTION' ? 0.009 ? 1083 ? f_bond_d           ? ? 
'X-RAY DIFFRACTION' ? 1.001 ? 1466 ? f_angle_d          ? ? 
'X-RAY DIFFRACTION' ? 3.345 ? 653  ? f_dihedral_angle_d ? ? 
'X-RAY DIFFRACTION' ? 0.054 ? 170  ? f_chiral_restr     ? ? 
'X-RAY DIFFRACTION' ? 0.006 ? 186  ? f_plane_restr      ? ? 
# 
loop_
_refine_ls_shell.pdbx_refine_id 
_refine_ls_shell.d_res_high 
_refine_ls_shell.d_res_low 
_refine_ls_shell.number_reflns_all 
_refine_ls_shell.number_reflns_obs 
_refine_ls_shell.number_reflns_R_free 
_refine_ls_shell.number_reflns_R_work 
_refine_ls_shell.percent_reflns_obs 
_refine_ls_shell.percent_reflns_R_free 
_refine_ls_shell.R_factor_all 
_refine_ls_shell.R_factor_obs 
_refine_ls_shell.R_factor_R_free 
_refine_ls_shell.R_factor_R_free_error 
_refine_ls_shell.R_factor_R_work 
_refine_ls_shell.redundancy_reflns_all 
_refine_ls_shell.redundancy_reflns_obs 
_refine_ls_shell.wR_factor_all 
_refine_ls_shell.wR_factor_obs 
_refine_ls_shell.wR_factor_R_free 
_refine_ls_shell.wR_factor_R_work 
_refine_ls_shell.pdbx_total_number_of_bins_used 
_refine_ls_shell.pdbx_phase_error 
_refine_ls_shell.pdbx_fsc_work 
_refine_ls_shell.pdbx_fsc_free 
'X-RAY DIFFRACTION' 2.3150 2.9160  . . 140 3154 97.00  . . . 0.3240 . 0.1731 . . . . . . . . . . 
'X-RAY DIFFRACTION' 2.9160 25.0644 . . 156 3333 100.00 . . . 0.2129 . 0.1822 . . . . . . . . . . 
# 
_struct.entry_id                     6QPJ 
_struct.title                        'Human CLOCK PAS-A domain' 
_struct.pdbx_model_details           ? 
_struct.pdbx_formula_weight          ? 
_struct.pdbx_formula_weight_method   ? 
_struct.pdbx_model_type_details      ? 
_struct.pdbx_CASP_flag               N 
# 
_struct_keywords.entry_id        6QPJ 
_struct_keywords.text            'Circadian, CLOCK, PAS, CIRCADIAN CLOCK PROTEIN' 
_struct_keywords.pdbx_keywords   'CIRCADIAN CLOCK PROTEIN' 
# 
loop_
_struct_asym.id 
_struct_asym.pdbx_blank_PDB_chainid_flag 
_struct_asym.pdbx_modified 
_struct_asym.entity_id 
_struct_asym.details 
A N N 1 ? 
B N N 2 ? 
# 
_struct_ref.id                         1 
_struct_ref.db_name                    UNP 
_struct_ref.db_code                    CLOCK_HUMAN 
_struct_ref.pdbx_db_accession          O15516 
_struct_ref.pdbx_db_isoform            ? 
_struct_ref.entity_id                  1 
_struct_ref.pdbx_seq_one_letter_code   
;SNEEFTQLMLEALDGFFLAIMTDGSIIYVSESVTSLLEHLPSDLVDQSIFNFIPEGEHSEVYKILSTHLLESDSLTPEYL
KSKNQLEFCCHMLRGTIDPKEPSTYEYVKFIGNFKSLNSVSSSAHNGFEGTIQRTHRPSYEDRVCFVATVRLATPQFIKE

;
_struct_ref.pdbx_align_begin           106 
# 
_struct_ref_seq.align_id                      1 
_struct_ref_seq.ref_id                        1 
_struct_ref_seq.pdbx_PDB_id_code              6QPJ 
_struct_ref_seq.pdbx_strand_id                A 
_struct_ref_seq.seq_align_beg                 2 
_struct_ref_seq.pdbx_seq_align_beg_ins_code   ? 
_struct_ref_seq.seq_align_end                 161 
_struct_ref_seq.pdbx_seq_align_end_ins_code   ? 
_struct_ref_seq.pdbx_db_accession             O15516 
_struct_ref_seq.db_align_beg                  106 
_struct_ref_seq.pdbx_db_align_beg_ins_code    ? 
_struct_ref_seq.db_align_end                  265 
_struct_ref_seq.pdbx_db_align_end_ins_code    ? 
_struct_ref_seq.pdbx_auth_seq_align_beg       106 
_struct_ref_seq.pdbx_auth_seq_align_end       265 
# 
_struct_ref_seq_dif.align_id                     1 
_struct_ref_seq_dif.pdbx_pdb_id_code             6QPJ 
_struct_ref_seq_dif.mon_id                       MET 
_struct_ref_seq_dif.pdbx_pdb_strand_id           A 
_struct_ref_seq_dif.seq_num                      1 
_struct_ref_seq_dif.pdbx_pdb_ins_code            ? 
_struct_ref_seq_dif.pdbx_seq_db_name             UNP 
_struct_ref_seq_dif.pdbx_seq_db_accession_code   O15516 
_struct_ref_seq_dif.db_mon_id                    ? 
_struct_ref_seq_dif.pdbx_seq_db_seq_num          ? 
_struct_ref_seq_dif.details                      'initiating methionine' 
_struct_ref_seq_dif.pdbx_auth_seq_num            105 
_struct_ref_seq_dif.pdbx_ordinal                 1 
# 
_pdbx_struct_assembly.id                   1 
_pdbx_struct_assembly.details              software_defined_assembly 
_pdbx_struct_assembly.method_details       PISA 
_pdbx_struct_assembly.oligomeric_details   monomeric 
_pdbx_struct_assembly.oligomeric_count     1 
# 
loop_
_pdbx_struct_assembly_prop.biol_id 
_pdbx_struct_assembly_prop.type 
_pdbx_struct_assembly_prop.value 
_pdbx_struct_assembly_prop.details 
1 'ABSA (A^2)' 0    ? 
1 MORE         0    ? 
1 'SSA (A^2)'  8140 ? 
# 
_pdbx_struct_assembly_gen.assembly_id       1 
_pdbx_struct_assembly_gen.oper_expression   1 
_pdbx_struct_assembly_gen.asym_id_list      A,B 
# 
_pdbx_struct_assembly_auth_evidence.id                     1 
_pdbx_struct_assembly_auth_evidence.assembly_id            1 
_pdbx_struct_assembly_auth_evidence.experimental_support   'gel filtration' 
_pdbx_struct_assembly_auth_evidence.details                ? 
# 
_pdbx_struct_oper_list.id                   1 
_pdbx_struct_oper_list.type                 'identity operation' 
_pdbx_struct_oper_list.name                 1_555 
_pdbx_struct_oper_list.symmetry_operation   x,y,z 
_pdbx_struct_oper_list.matrix[1][1]         1.0000000000 
_pdbx_struct_oper_list.matrix[1][2]         0.0000000000 
_pdbx_struct_oper_list.matrix[1][3]         0.0000000000 
_pdbx_struct_oper_list.vector[1]            0.0000000000 
_pdbx_struct_oper_list.matrix[2][1]         0.0000000000 
_pdbx_struct_oper_list.matrix[2][2]         1.0000000000 
_pdbx_struct_oper_list.matrix[2][3]         0.0000000000 
_pdbx_struct_oper_list.vector[2]            0.0000000000 
_pdbx_struct_oper_list.matrix[3][1]         0.0000000000 
_pdbx_struct_oper_list.matrix[3][2]         0.0000000000 
_pdbx_struct_oper_list.matrix[3][3]         1.0000000000 
_pdbx_struct_oper_list.vector[3]            0.0000000000 
# 
loop_
_struct_conf.conf_type_id 
_struct_conf.id 
_struct_conf.pdbx_PDB_helix_id 
_struct_conf.beg_label_comp_id 
_struct_conf.beg_label_asym_id 
_struct_conf.beg_label_seq_id 
_struct_conf.pdbx_beg_PDB_ins_code 
_struct_conf.end_label_comp_id 
_struct_conf.end_label_asym_id 
_struct_conf.end_label_seq_id 
_struct_conf.pdbx_end_PDB_ins_code 
_struct_conf.beg_auth_comp_id 
_struct_conf.beg_auth_asym_id 
_struct_conf.beg_auth_seq_id 
_struct_conf.end_auth_comp_id 
_struct_conf.end_auth_asym_id 
_struct_conf.end_auth_seq_id 
_struct_conf.pdbx_PDB_helix_class 
_struct_conf.details 
_struct_conf.pdbx_PDB_helix_length 
HELX_P HELX_P1 AA1 SER A 2  ? ASP A 15 ? SER A 106 ASP A 119 1 ? 14 
HELX_P HELX_P2 AA2 SER A 33 ? GLU A 39 ? SER A 137 GLU A 143 1 ? 7  
HELX_P HELX_P3 AA3 LEU A 41 ? VAL A 46 ? LEU A 145 VAL A 150 1 ? 6  
HELX_P HELX_P4 AA4 SER A 49 ? PHE A 53 ? SER A 153 PHE A 157 5 ? 5  
HELX_P HELX_P5 AA5 PRO A 55 ? GLY A 57 ? PRO A 159 GLY A 161 5 ? 3  
HELX_P HELX_P6 AA6 GLU A 58 ? LEU A 71 ? GLU A 162 LEU A 175 1 ? 14 
HELX_P HELX_P7 AA7 THR A 77 ? LEU A 81 ? THR A 181 LEU A 185 5 ? 5  
# 
_struct_conf_type.id          HELX_P 
_struct_conf_type.criteria    ? 
_struct_conf_type.reference   ? 
# 
_struct_sheet.id               AA1 
_struct_sheet.type             ? 
_struct_sheet.number_strands   5 
_struct_sheet.details          ? 
# 
loop_
_struct_sheet_order.sheet_id 
_struct_sheet_order.range_id_1 
_struct_sheet_order.range_id_2 
_struct_sheet_order.offset 
_struct_sheet_order.sense 
AA1 1 2 ? anti-parallel 
AA1 2 3 ? anti-parallel 
AA1 3 4 ? anti-parallel 
AA1 4 5 ? anti-parallel 
# 
loop_
_struct_sheet_range.sheet_id 
_struct_sheet_range.id 
_struct_sheet_range.beg_label_comp_id 
_struct_sheet_range.beg_label_asym_id 
_struct_sheet_range.beg_label_seq_id 
_struct_sheet_range.pdbx_beg_PDB_ins_code 
_struct_sheet_range.end_label_comp_id 
_struct_sheet_range.end_label_asym_id 
_struct_sheet_range.end_label_seq_id 
_struct_sheet_range.pdbx_end_PDB_ins_code 
_struct_sheet_range.beg_auth_comp_id 
_struct_sheet_range.beg_auth_asym_id 
_struct_sheet_range.beg_auth_seq_id 
_struct_sheet_range.end_auth_comp_id 
_struct_sheet_range.end_auth_asym_id 
_struct_sheet_range.end_auth_seq_id 
AA1 1 ILE A 27  ? VAL A 30  ? ILE A 131 VAL A 134 
AA1 2 GLY A 16  ? MET A 22  ? GLY A 120 MET A 126 
AA1 3 VAL A 145 ? LEU A 153 ? VAL A 249 LEU A 257 
AA1 4 TYR A 106 ? SER A 117 ? TYR A 210 SER A 221 
AA1 5 LEU A 87  ? LEU A 94  ? LEU A 191 LEU A 198 
# 
loop_
_pdbx_struct_sheet_hbond.sheet_id 
_pdbx_struct_sheet_hbond.range_id_1 
_pdbx_struct_sheet_hbond.range_id_2 
_pdbx_struct_sheet_hbond.range_1_label_atom_id 
_pdbx_struct_sheet_hbond.range_1_label_comp_id 
_pdbx_struct_sheet_hbond.range_1_label_asym_id 
_pdbx_struct_sheet_hbond.range_1_label_seq_id 
_pdbx_struct_sheet_hbond.range_1_PDB_ins_code 
_pdbx_struct_sheet_hbond.range_1_auth_atom_id 
_pdbx_struct_sheet_hbond.range_1_auth_comp_id 
_pdbx_struct_sheet_hbond.range_1_auth_asym_id 
_pdbx_struct_sheet_hbond.range_1_auth_seq_id 
_pdbx_struct_sheet_hbond.range_2_label_atom_id 
_pdbx_struct_sheet_hbond.range_2_label_comp_id 
_pdbx_struct_sheet_hbond.range_2_label_asym_id 
_pdbx_struct_sheet_hbond.range_2_label_seq_id 
_pdbx_struct_sheet_hbond.range_2_PDB_ins_code 
_pdbx_struct_sheet_hbond.range_2_auth_atom_id 
_pdbx_struct_sheet_hbond.range_2_auth_comp_id 
_pdbx_struct_sheet_hbond.range_2_auth_asym_id 
_pdbx_struct_sheet_hbond.range_2_auth_seq_id 
AA1 1 2 O ILE A 28  ? O ILE A 132 N ALA A 20  ? N ALA A 124 
AA1 2 3 N PHE A 17  ? N PHE A 121 O VAL A 151 ? O VAL A 255 
AA1 3 4 O ARG A 152 ? O ARG A 256 N LYS A 110 ? N LYS A 214 
AA1 4 5 O PHE A 111 ? O PHE A 215 N PHE A 89  ? N PHE A 193 
# 
loop_
_pdbx_validate_close_contact.id 
_pdbx_validate_close_contact.PDB_model_num 
_pdbx_validate_close_contact.auth_atom_id_1 
_pdbx_validate_close_contact.auth_asym_id_1 
_pdbx_validate_close_contact.auth_comp_id_1 
_pdbx_validate_close_contact.auth_seq_id_1 
_pdbx_validate_close_contact.PDB_ins_code_1 
_pdbx_validate_close_contact.label_alt_id_1 
_pdbx_validate_close_contact.auth_atom_id_2 
_pdbx_validate_close_contact.auth_asym_id_2 
_pdbx_validate_close_contact.auth_comp_id_2 
_pdbx_validate_close_contact.auth_seq_id_2 
_pdbx_validate_close_contact.PDB_ins_code_2 
_pdbx_validate_close_contact.label_alt_id_2 
_pdbx_validate_close_contact.dist 
1 1 OD1 A ASP 151 ? ? O A HOH 301 ? ? 2.14 
2 1 O   A HOH 365 ? ? O A HOH 366 ? ? 2.15 
3 1 OG  A SER 137 ? ? O A HOH 302 ? ? 2.18 
# 
loop_
_pdbx_validate_torsion.id 
_pdbx_validate_torsion.PDB_model_num 
_pdbx_validate_torsion.auth_comp_id 
_pdbx_validate_torsion.auth_asym_id 
_pdbx_validate_torsion.auth_seq_id 
_pdbx_validate_torsion.PDB_ins_code 
_pdbx_validate_torsion.label_alt_id 
_pdbx_validate_torsion.phi 
_pdbx_validate_torsion.psi 
1 1 TYR A 184 ? ? -119.90 55.57  
2 1 LEU A 185 ? ? -105.87 -91.08 
3 1 LYS A 186 ? ? 63.51   108.11 
4 1 CYS A 195 ? ? 179.53  174.79 
# 
_pdbx_struct_special_symmetry.id              1 
_pdbx_struct_special_symmetry.PDB_model_num   1 
_pdbx_struct_special_symmetry.auth_asym_id    A 
_pdbx_struct_special_symmetry.auth_comp_id    HOH 
_pdbx_struct_special_symmetry.auth_seq_id     344 
_pdbx_struct_special_symmetry.PDB_ins_code    ? 
_pdbx_struct_special_symmetry.label_asym_id   B 
_pdbx_struct_special_symmetry.label_comp_id   HOH 
_pdbx_struct_special_symmetry.label_seq_id    . 
# 
_pdbx_distant_solvent_atoms.id                                1 
_pdbx_distant_solvent_atoms.PDB_model_num                     1 
_pdbx_distant_solvent_atoms.auth_atom_id                      O 
_pdbx_distant_solvent_atoms.label_alt_id                      ? 
_pdbx_distant_solvent_atoms.auth_asym_id                      A 
_pdbx_distant_solvent_atoms.auth_comp_id                      HOH 
_pdbx_distant_solvent_atoms.auth_seq_id                       372 
_pdbx_distant_solvent_atoms.PDB_ins_code                      ? 
_pdbx_distant_solvent_atoms.neighbor_macromolecule_distance   6.79 
_pdbx_distant_solvent_atoms.neighbor_ligand_distance          . 
# 
loop_
_pdbx_unobs_or_zero_occ_residues.id 
_pdbx_unobs_or_zero_occ_residues.PDB_model_num 
_pdbx_unobs_or_zero_occ_residues.polymer_flag 
_pdbx_unobs_or_zero_occ_residues.occupancy_flag 
_pdbx_unobs_or_zero_occ_residues.auth_asym_id 
_pdbx_unobs_or_zero_occ_residues.auth_comp_id 
_pdbx_unobs_or_zero_occ_residues.auth_seq_id 
_pdbx_unobs_or_zero_occ_residues.PDB_ins_code 
_pdbx_unobs_or_zero_occ_residues.label_asym_id 
_pdbx_unobs_or_zero_occ_residues.label_comp_id 
_pdbx_unobs_or_zero_occ_residues.label_seq_id 
1  1 Y 1 A SER 224 ? A SER 120 
2  1 Y 1 A VAL 225 ? A VAL 121 
3  1 Y 1 A SER 226 ? A SER 122 
4  1 Y 1 A SER 227 ? A SER 123 
5  1 Y 1 A SER 228 ? A SER 124 
6  1 Y 1 A ALA 229 ? A ALA 125 
7  1 Y 1 A HIS 230 ? A HIS 126 
8  1 Y 1 A ASN 231 ? A ASN 127 
9  1 Y 1 A GLY 232 ? A GLY 128 
10 1 Y 1 A PHE 233 ? A PHE 129 
11 1 Y 1 A GLU 234 ? A GLU 130 
12 1 Y 1 A GLY 235 ? A GLY 131 
13 1 Y 1 A THR 236 ? A THR 132 
14 1 Y 1 A ILE 237 ? A ILE 133 
15 1 Y 1 A GLN 238 ? A GLN 134 
16 1 Y 1 A ARG 239 ? A ARG 135 
17 1 Y 1 A THR 240 ? A THR 136 
18 1 Y 1 A HIS 241 ? A HIS 137 
19 1 Y 1 A ARG 242 ? A ARG 138 
20 1 Y 1 A PRO 243 ? A PRO 139 
21 1 Y 1 A SER 244 ? A SER 140 
22 1 Y 1 A TYR 245 ? A TYR 141 
23 1 Y 1 A GLU 246 ? A GLU 142 
24 1 Y 1 A GLN 261 ? A GLN 157 
25 1 Y 1 A PHE 262 ? A PHE 158 
26 1 Y 1 A ILE 263 ? A ILE 159 
27 1 Y 1 A LYS 264 ? A LYS 160 
28 1 Y 1 A GLU 265 ? A GLU 161 
# 
loop_
_chem_comp_atom.comp_id 
_chem_comp_atom.atom_id 
_chem_comp_atom.type_symbol 
_chem_comp_atom.pdbx_aromatic_flag 
_chem_comp_atom.pdbx_stereo_config 
_chem_comp_atom.pdbx_ordinal 
ALA N    N N N 1   
ALA CA   C N S 2   
ALA C    C N N 3   
ALA O    O N N 4   
ALA CB   C N N 5   
ALA OXT  O N N 6   
ALA H    H N N 7   
ALA H2   H N N 8   
ALA HA   H N N 9   
ALA HB1  H N N 10  
ALA HB2  H N N 11  
ALA HB3  H N N 12  
ALA HXT  H N N 13  
ARG N    N N N 14  
ARG CA   C N S 15  
ARG C    C N N 16  
ARG O    O N N 17  
ARG CB   C N N 18  
ARG CG   C N N 19  
ARG CD   C N N 20  
ARG NE   N N N 21  
ARG CZ   C N N 22  
ARG NH1  N N N 23  
ARG NH2  N N N 24  
ARG OXT  O N N 25  
ARG H    H N N 26  
ARG H2   H N N 27  
ARG HA   H N N 28  
ARG HB2  H N N 29  
ARG HB3  H N N 30  
ARG HG2  H N N 31  
ARG HG3  H N N 32  
ARG HD2  H N N 33  
ARG HD3  H N N 34  
ARG HE   H N N 35  
ARG HH11 H N N 36  
ARG HH12 H N N 37  
ARG HH21 H N N 38  
ARG HH22 H N N 39  
ARG HXT  H N N 40  
ASN N    N N N 41  
ASN CA   C N S 42  
ASN C    C N N 43  
ASN O    O N N 44  
ASN CB   C N N 45  
ASN CG   C N N 46  
ASN OD1  O N N 47  
ASN ND2  N N N 48  
ASN OXT  O N N 49  
ASN H    H N N 50  
ASN H2   H N N 51  
ASN HA   H N N 52  
ASN HB2  H N N 53  
ASN HB3  H N N 54  
ASN HD21 H N N 55  
ASN HD22 H N N 56  
ASN HXT  H N N 57  
ASP N    N N N 58  
ASP CA   C N S 59  
ASP C    C N N 60  
ASP O    O N N 61  
ASP CB   C N N 62  
ASP CG   C N N 63  
ASP OD1  O N N 64  
ASP OD2  O N N 65  
ASP OXT  O N N 66  
ASP H    H N N 67  
ASP H2   H N N 68  
ASP HA   H N N 69  
ASP HB2  H N N 70  
ASP HB3  H N N 71  
ASP HD2  H N N 72  
ASP HXT  H N N 73  
CYS N    N N N 74  
CYS CA   C N R 75  
CYS C    C N N 76  
CYS O    O N N 77  
CYS CB   C N N 78  
CYS SG   S N N 79  
CYS OXT  O N N 80  
CYS H    H N N 81  
CYS H2   H N N 82  
CYS HA   H N N 83  
CYS HB2  H N N 84  
CYS HB3  H N N 85  
CYS HG   H N N 86  
CYS HXT  H N N 87  
GLN N    N N N 88  
GLN CA   C N S 89  
GLN C    C N N 90  
GLN O    O N N 91  
GLN CB   C N N 92  
GLN CG   C N N 93  
GLN CD   C N N 94  
GLN OE1  O N N 95  
GLN NE2  N N N 96  
GLN OXT  O N N 97  
GLN H    H N N 98  
GLN H2   H N N 99  
GLN HA   H N N 100 
GLN HB2  H N N 101 
GLN HB3  H N N 102 
GLN HG2  H N N 103 
GLN HG3  H N N 104 
GLN HE21 H N N 105 
GLN HE22 H N N 106 
GLN HXT  H N N 107 
GLU N    N N N 108 
GLU CA   C N S 109 
GLU C    C N N 110 
GLU O    O N N 111 
GLU CB   C N N 112 
GLU CG   C N N 113 
GLU CD   C N N 114 
GLU OE1  O N N 115 
GLU OE2  O N N 116 
GLU OXT  O N N 117 
GLU H    H N N 118 
GLU H2   H N N 119 
GLU HA   H N N 120 
GLU HB2  H N N 121 
GLU HB3  H N N 122 
GLU HG2  H N N 123 
GLU HG3  H N N 124 
GLU HE2  H N N 125 
GLU HXT  H N N 126 
GLY N    N N N 127 
GLY CA   C N N 128 
GLY C    C N N 129 
GLY O    O N N 130 
GLY OXT  O N N 131 
GLY H    H N N 132 
GLY H2   H N N 133 
GLY HA2  H N N 134 
GLY HA3  H N N 135 
GLY HXT  H N N 136 
HIS N    N N N 137 
HIS CA   C N S 138 
HIS C    C N N 139 
HIS O    O N N 140 
HIS CB   C N N 141 
HIS CG   C Y N 142 
HIS ND1  N Y N 143 
HIS CD2  C Y N 144 
HIS CE1  C Y N 145 
HIS NE2  N Y N 146 
HIS OXT  O N N 147 
HIS H    H N N 148 
HIS H2   H N N 149 
HIS HA   H N N 150 
HIS HB2  H N N 151 
HIS HB3  H N N 152 
HIS HD1  H N N 153 
HIS HD2  H N N 154 
HIS HE1  H N N 155 
HIS HE2  H N N 156 
HIS HXT  H N N 157 
HOH O    O N N 158 
HOH H1   H N N 159 
HOH H2   H N N 160 
ILE N    N N N 161 
ILE CA   C N S 162 
ILE C    C N N 163 
ILE O    O N N 164 
ILE CB   C N S 165 
ILE CG1  C N N 166 
ILE CG2  C N N 167 
ILE CD1  C N N 168 
ILE OXT  O N N 169 
ILE H    H N N 170 
ILE H2   H N N 171 
ILE HA   H N N 172 
ILE HB   H N N 173 
ILE HG12 H N N 174 
ILE HG13 H N N 175 
ILE HG21 H N N 176 
ILE HG22 H N N 177 
ILE HG23 H N N 178 
ILE HD11 H N N 179 
ILE HD12 H N N 180 
ILE HD13 H N N 181 
ILE HXT  H N N 182 
LEU N    N N N 183 
LEU CA   C N S 184 
LEU C    C N N 185 
LEU O    O N N 186 
LEU CB   C N N 187 
LEU CG   C N N 188 
LEU CD1  C N N 189 
LEU CD2  C N N 190 
LEU OXT  O N N 191 
LEU H    H N N 192 
LEU H2   H N N 193 
LEU HA   H N N 194 
LEU HB2  H N N 195 
LEU HB3  H N N 196 
LEU HG   H N N 197 
LEU HD11 H N N 198 
LEU HD12 H N N 199 
LEU HD13 H N N 200 
LEU HD21 H N N 201 
LEU HD22 H N N 202 
LEU HD23 H N N 203 
LEU HXT  H N N 204 
LYS N    N N N 205 
LYS CA   C N S 206 
LYS C    C N N 207 
LYS O    O N N 208 
LYS CB   C N N 209 
LYS CG   C N N 210 
LYS CD   C N N 211 
LYS CE   C N N 212 
LYS NZ   N N N 213 
LYS OXT  O N N 214 
LYS H    H N N 215 
LYS H2   H N N 216 
LYS HA   H N N 217 
LYS HB2  H N N 218 
LYS HB3  H N N 219 
LYS HG2  H N N 220 
LYS HG3  H N N 221 
LYS HD2  H N N 222 
LYS HD3  H N N 223 
LYS HE2  H N N 224 
LYS HE3  H N N 225 
LYS HZ1  H N N 226 
LYS HZ2  H N N 227 
LYS HZ3  H N N 228 
LYS HXT  H N N 229 
MET N    N N N 230 
MET CA   C N S 231 
MET C    C N N 232 
MET O    O N N 233 
MET CB   C N N 234 
MET CG   C N N 235 
MET SD   S N N 236 
MET CE   C N N 237 
MET OXT  O N N 238 
MET H    H N N 239 
MET H2   H N N 240 
MET HA   H N N 241 
MET HB2  H N N 242 
MET HB3  H N N 243 
MET HG2  H N N 244 
MET HG3  H N N 245 
MET HE1  H N N 246 
MET HE2  H N N 247 
MET HE3  H N N 248 
MET HXT  H N N 249 
PHE N    N N N 250 
PHE CA   C N S 251 
PHE C    C N N 252 
PHE O    O N N 253 
PHE CB   C N N 254 
PHE CG   C Y N 255 
PHE CD1  C Y N 256 
PHE CD2  C Y N 257 
PHE CE1  C Y N 258 
PHE CE2  C Y N 259 
PHE CZ   C Y N 260 
PHE OXT  O N N 261 
PHE H    H N N 262 
PHE H2   H N N 263 
PHE HA   H N N 264 
PHE HB2  H N N 265 
PHE HB3  H N N 266 
PHE HD1  H N N 267 
PHE HD2  H N N 268 
PHE HE1  H N N 269 
PHE HE2  H N N 270 
PHE HZ   H N N 271 
PHE HXT  H N N 272 
PRO N    N N N 273 
PRO CA   C N S 274 
PRO C    C N N 275 
PRO O    O N N 276 
PRO CB   C N N 277 
PRO CG   C N N 278 
PRO CD   C N N 279 
PRO OXT  O N N 280 
PRO H    H N N 281 
PRO HA   H N N 282 
PRO HB2  H N N 283 
PRO HB3  H N N 284 
PRO HG2  H N N 285 
PRO HG3  H N N 286 
PRO HD2  H N N 287 
PRO HD3  H N N 288 
PRO HXT  H N N 289 
SER N    N N N 290 
SER CA   C N S 291 
SER C    C N N 292 
SER O    O N N 293 
SER CB   C N N 294 
SER OG   O N N 295 
SER OXT  O N N 296 
SER H    H N N 297 
SER H2   H N N 298 
SER HA   H N N 299 
SER HB2  H N N 300 
SER HB3  H N N 301 
SER HG   H N N 302 
SER HXT  H N N 303 
THR N    N N N 304 
THR CA   C N S 305 
THR C    C N N 306 
THR O    O N N 307 
THR CB   C N R 308 
THR OG1  O N N 309 
THR CG2  C N N 310 
THR OXT  O N N 311 
THR H    H N N 312 
THR H2   H N N 313 
THR HA   H N N 314 
THR HB   H N N 315 
THR HG1  H N N 316 
THR HG21 H N N 317 
THR HG22 H N N 318 
THR HG23 H N N 319 
THR HXT  H N N 320 
TYR N    N N N 321 
TYR CA   C N S 322 
TYR C    C N N 323 
TYR O    O N N 324 
TYR CB   C N N 325 
TYR CG   C Y N 326 
TYR CD1  C Y N 327 
TYR CD2  C Y N 328 
TYR CE1  C Y N 329 
TYR CE2  C Y N 330 
TYR CZ   C Y N 331 
TYR OH   O N N 332 
TYR OXT  O N N 333 
TYR H    H N N 334 
TYR H2   H N N 335 
TYR HA   H N N 336 
TYR HB2  H N N 337 
TYR HB3  H N N 338 
TYR HD1  H N N 339 
TYR HD2  H N N 340 
TYR HE1  H N N 341 
TYR HE2  H N N 342 
TYR HH   H N N 343 
TYR HXT  H N N 344 
VAL N    N N N 345 
VAL CA   C N S 346 
VAL C    C N N 347 
VAL O    O N N 348 
VAL CB   C N N 349 
VAL CG1  C N N 350 
VAL CG2  C N N 351 
VAL OXT  O N N 352 
VAL H    H N N 353 
VAL H2   H N N 354 
VAL HA   H N N 355 
VAL HB   H N N 356 
VAL HG11 H N N 357 
VAL HG12 H N N 358 
VAL HG13 H N N 359 
VAL HG21 H N N 360 
VAL HG22 H N N 361 
VAL HG23 H N N 362 
VAL HXT  H N N 363 
# 
loop_
_chem_comp_bond.comp_id 
_chem_comp_bond.atom_id_1 
_chem_comp_bond.atom_id_2 
_chem_comp_bond.value_order 
_chem_comp_bond.pdbx_aromatic_flag 
_chem_comp_bond.pdbx_stereo_config 
_chem_comp_bond.pdbx_ordinal 
ALA N   CA   sing N N 1   
ALA N   H    sing N N 2   
ALA N   H2   sing N N 3   
ALA CA  C    sing N N 4   
ALA CA  CB   sing N N 5   
ALA CA  HA   sing N N 6   
ALA C   O    doub N N 7   
ALA C   OXT  sing N N 8   
ALA CB  HB1  sing N N 9   
ALA CB  HB2  sing N N 10  
ALA CB  HB3  sing N N 11  
ALA OXT HXT  sing N N 12  
ARG N   CA   sing N N 13  
ARG N   H    sing N N 14  
ARG N   H2   sing N N 15  
ARG CA  C    sing N N 16  
ARG CA  CB   sing N N 17  
ARG CA  HA   sing N N 18  
ARG C   O    doub N N 19  
ARG C   OXT  sing N N 20  
ARG CB  CG   sing N N 21  
ARG CB  HB2  sing N N 22  
ARG CB  HB3  sing N N 23  
ARG CG  CD   sing N N 24  
ARG CG  HG2  sing N N 25  
ARG CG  HG3  sing N N 26  
ARG CD  NE   sing N N 27  
ARG CD  HD2  sing N N 28  
ARG CD  HD3  sing N N 29  
ARG NE  CZ   sing N N 30  
ARG NE  HE   sing N N 31  
ARG CZ  NH1  sing N N 32  
ARG CZ  NH2  doub N N 33  
ARG NH1 HH11 sing N N 34  
ARG NH1 HH12 sing N N 35  
ARG NH2 HH21 sing N N 36  
ARG NH2 HH22 sing N N 37  
ARG OXT HXT  sing N N 38  
ASN N   CA   sing N N 39  
ASN N   H    sing N N 40  
ASN N   H2   sing N N 41  
ASN CA  C    sing N N 42  
ASN CA  CB   sing N N 43  
ASN CA  HA   sing N N 44  
ASN C   O    doub N N 45  
ASN C   OXT  sing N N 46  
ASN CB  CG   sing N N 47  
ASN CB  HB2  sing N N 48  
ASN CB  HB3  sing N N 49  
ASN CG  OD1  doub N N 50  
ASN CG  ND2  sing N N 51  
ASN ND2 HD21 sing N N 52  
ASN ND2 HD22 sing N N 53  
ASN OXT HXT  sing N N 54  
ASP N   CA   sing N N 55  
ASP N   H    sing N N 56  
ASP N   H2   sing N N 57  
ASP CA  C    sing N N 58  
ASP CA  CB   sing N N 59  
ASP CA  HA   sing N N 60  
ASP C   O    doub N N 61  
ASP C   OXT  sing N N 62  
ASP CB  CG   sing N N 63  
ASP CB  HB2  sing N N 64  
ASP CB  HB3  sing N N 65  
ASP CG  OD1  doub N N 66  
ASP CG  OD2  sing N N 67  
ASP OD2 HD2  sing N N 68  
ASP OXT HXT  sing N N 69  
CYS N   CA   sing N N 70  
CYS N   H    sing N N 71  
CYS N   H2   sing N N 72  
CYS CA  C    sing N N 73  
CYS CA  CB   sing N N 74  
CYS CA  HA   sing N N 75  
CYS C   O    doub N N 76  
CYS C   OXT  sing N N 77  
CYS CB  SG   sing N N 78  
CYS CB  HB2  sing N N 79  
CYS CB  HB3  sing N N 80  
CYS SG  HG   sing N N 81  
CYS OXT HXT  sing N N 82  
GLN N   CA   sing N N 83  
GLN N   H    sing N N 84  
GLN N   H2   sing N N 85  
GLN CA  C    sing N N 86  
GLN CA  CB   sing N N 87  
GLN CA  HA   sing N N 88  
GLN C   O    doub N N 89  
GLN C   OXT  sing N N 90  
GLN CB  CG   sing N N 91  
GLN CB  HB2  sing N N 92  
GLN CB  HB3  sing N N 93  
GLN CG  CD   sing N N 94  
GLN CG  HG2  sing N N 95  
GLN CG  HG3  sing N N 96  
GLN CD  OE1  doub N N 97  
GLN CD  NE2  sing N N 98  
GLN NE2 HE21 sing N N 99  
GLN NE2 HE22 sing N N 100 
GLN OXT HXT  sing N N 101 
GLU N   CA   sing N N 102 
GLU N   H    sing N N 103 
GLU N   H2   sing N N 104 
GLU CA  C    sing N N 105 
GLU CA  CB   sing N N 106 
GLU CA  HA   sing N N 107 
GLU C   O    doub N N 108 
GLU C   OXT  sing N N 109 
GLU CB  CG   sing N N 110 
GLU CB  HB2  sing N N 111 
GLU CB  HB3  sing N N 112 
GLU CG  CD   sing N N 113 
GLU CG  HG2  sing N N 114 
GLU CG  HG3  sing N N 115 
GLU CD  OE1  doub N N 116 
GLU CD  OE2  sing N N 117 
GLU OE2 HE2  sing N N 118 
GLU OXT HXT  sing N N 119 
GLY N   CA   sing N N 120 
GLY N   H    sing N N 121 
GLY N   H2   sing N N 122 
GLY CA  C    sing N N 123 
GLY CA  HA2  sing N N 124 
GLY CA  HA3  sing N N 125 
GLY C   O    doub N N 126 
GLY C   OXT  sing N N 127 
GLY OXT HXT  sing N N 128 
HIS N   CA   sing N N 129 
HIS N   H    sing N N 130 
HIS N   H2   sing N N 131 
HIS CA  C    sing N N 132 
HIS CA  CB   sing N N 133 
HIS CA  HA   sing N N 134 
HIS C   O    doub N N 135 
HIS C   OXT  sing N N 136 
HIS CB  CG   sing N N 137 
HIS CB  HB2  sing N N 138 
HIS CB  HB3  sing N N 139 
HIS CG  ND1  sing Y N 140 
HIS CG  CD2  doub Y N 141 
HIS ND1 CE1  doub Y N 142 
HIS ND1 HD1  sing N N 143 
HIS CD2 NE2  sing Y N 144 
HIS CD2 HD2  sing N N 145 
HIS CE1 NE2  sing Y N 146 
HIS CE1 HE1  sing N N 147 
HIS NE2 HE2  sing N N 148 
HIS OXT HXT  sing N N 149 
HOH O   H1   sing N N 150 
HOH O   H2   sing N N 151 
ILE N   CA   sing N N 152 
ILE N   H    sing N N 153 
ILE N   H2   sing N N 154 
ILE CA  C    sing N N 155 
ILE CA  CB   sing N N 156 
ILE CA  HA   sing N N 157 
ILE C   O    doub N N 158 
ILE C   OXT  sing N N 159 
ILE CB  CG1  sing N N 160 
ILE CB  CG2  sing N N 161 
ILE CB  HB   sing N N 162 
ILE CG1 CD1  sing N N 163 
ILE CG1 HG12 sing N N 164 
ILE CG1 HG13 sing N N 165 
ILE CG2 HG21 sing N N 166 
ILE CG2 HG22 sing N N 167 
ILE CG2 HG23 sing N N 168 
ILE CD1 HD11 sing N N 169 
ILE CD1 HD12 sing N N 170 
ILE CD1 HD13 sing N N 171 
ILE OXT HXT  sing N N 172 
LEU N   CA   sing N N 173 
LEU N   H    sing N N 174 
LEU N   H2   sing N N 175 
LEU CA  C    sing N N 176 
LEU CA  CB   sing N N 177 
LEU CA  HA   sing N N 178 
LEU C   O    doub N N 179 
LEU C   OXT  sing N N 180 
LEU CB  CG   sing N N 181 
LEU CB  HB2  sing N N 182 
LEU CB  HB3  sing N N 183 
LEU CG  CD1  sing N N 184 
LEU CG  CD2  sing N N 185 
LEU CG  HG   sing N N 186 
LEU CD1 HD11 sing N N 187 
LEU CD1 HD12 sing N N 188 
LEU CD1 HD13 sing N N 189 
LEU CD2 HD21 sing N N 190 
LEU CD2 HD22 sing N N 191 
LEU CD2 HD23 sing N N 192 
LEU OXT HXT  sing N N 193 
LYS N   CA   sing N N 194 
LYS N   H    sing N N 195 
LYS N   H2   sing N N 196 
LYS CA  C    sing N N 197 
LYS CA  CB   sing N N 198 
LYS CA  HA   sing N N 199 
LYS C   O    doub N N 200 
LYS C   OXT  sing N N 201 
LYS CB  CG   sing N N 202 
LYS CB  HB2  sing N N 203 
LYS CB  HB3  sing N N 204 
LYS CG  CD   sing N N 205 
LYS CG  HG2  sing N N 206 
LYS CG  HG3  sing N N 207 
LYS CD  CE   sing N N 208 
LYS CD  HD2  sing N N 209 
LYS CD  HD3  sing N N 210 
LYS CE  NZ   sing N N 211 
LYS CE  HE2  sing N N 212 
LYS CE  HE3  sing N N 213 
LYS NZ  HZ1  sing N N 214 
LYS NZ  HZ2  sing N N 215 
LYS NZ  HZ3  sing N N 216 
LYS OXT HXT  sing N N 217 
MET N   CA   sing N N 218 
MET N   H    sing N N 219 
MET N   H2   sing N N 220 
MET CA  C    sing N N 221 
MET CA  CB   sing N N 222 
MET CA  HA   sing N N 223 
MET C   O    doub N N 224 
MET C   OXT  sing N N 225 
MET CB  CG   sing N N 226 
MET CB  HB2  sing N N 227 
MET CB  HB3  sing N N 228 
MET CG  SD   sing N N 229 
MET CG  HG2  sing N N 230 
MET CG  HG3  sing N N 231 
MET SD  CE   sing N N 232 
MET CE  HE1  sing N N 233 
MET CE  HE2  sing N N 234 
MET CE  HE3  sing N N 235 
MET OXT HXT  sing N N 236 
PHE N   CA   sing N N 237 
PHE N   H    sing N N 238 
PHE N   H2   sing N N 239 
PHE CA  C    sing N N 240 
PHE CA  CB   sing N N 241 
PHE CA  HA   sing N N 242 
PHE C   O    doub N N 243 
PHE C   OXT  sing N N 244 
PHE CB  CG   sing N N 245 
PHE CB  HB2  sing N N 246 
PHE CB  HB3  sing N N 247 
PHE CG  CD1  doub Y N 248 
PHE CG  CD2  sing Y N 249 
PHE CD1 CE1  sing Y N 250 
PHE CD1 HD1  sing N N 251 
PHE CD2 CE2  doub Y N 252 
PHE CD2 HD2  sing N N 253 
PHE CE1 CZ   doub Y N 254 
PHE CE1 HE1  sing N N 255 
PHE CE2 CZ   sing Y N 256 
PHE CE2 HE2  sing N N 257 
PHE CZ  HZ   sing N N 258 
PHE OXT HXT  sing N N 259 
PRO N   CA   sing N N 260 
PRO N   CD   sing N N 261 
PRO N   H    sing N N 262 
PRO CA  C    sing N N 263 
PRO CA  CB   sing N N 264 
PRO CA  HA   sing N N 265 
PRO C   O    doub N N 266 
PRO C   OXT  sing N N 267 
PRO CB  CG   sing N N 268 
PRO CB  HB2  sing N N 269 
PRO CB  HB3  sing N N 270 
PRO CG  CD   sing N N 271 
PRO CG  HG2  sing N N 272 
PRO CG  HG3  sing N N 273 
PRO CD  HD2  sing N N 274 
PRO CD  HD3  sing N N 275 
PRO OXT HXT  sing N N 276 
SER N   CA   sing N N 277 
SER N   H    sing N N 278 
SER N   H2   sing N N 279 
SER CA  C    sing N N 280 
SER CA  CB   sing N N 281 
SER CA  HA   sing N N 282 
SER C   O    doub N N 283 
SER C   OXT  sing N N 284 
SER CB  OG   sing N N 285 
SER CB  HB2  sing N N 286 
SER CB  HB3  sing N N 287 
SER OG  HG   sing N N 288 
SER OXT HXT  sing N N 289 
THR N   CA   sing N N 290 
THR N   H    sing N N 291 
THR N   H2   sing N N 292 
THR CA  C    sing N N 293 
THR CA  CB   sing N N 294 
THR CA  HA   sing N N 295 
THR C   O    doub N N 296 
THR C   OXT  sing N N 297 
THR CB  OG1  sing N N 298 
THR CB  CG2  sing N N 299 
THR CB  HB   sing N N 300 
THR OG1 HG1  sing N N 301 
THR CG2 HG21 sing N N 302 
THR CG2 HG22 sing N N 303 
THR CG2 HG23 sing N N 304 
THR OXT HXT  sing N N 305 
TYR N   CA   sing N N 306 
TYR N   H    sing N N 307 
TYR N   H2   sing N N 308 
TYR CA  C    sing N N 309 
TYR CA  CB   sing N N 310 
TYR CA  HA   sing N N 311 
TYR C   O    doub N N 312 
TYR C   OXT  sing N N 313 
TYR CB  CG   sing N N 314 
TYR CB  HB2  sing N N 315 
TYR CB  HB3  sing N N 316 
TYR CG  CD1  doub Y N 317 
TYR CG  CD2  sing Y N 318 
TYR CD1 CE1  sing Y N 319 
TYR CD1 HD1  sing N N 320 
TYR CD2 CE2  doub Y N 321 
TYR CD2 HD2  sing N N 322 
TYR CE1 CZ   doub Y N 323 
TYR CE1 HE1  sing N N 324 
TYR CE2 CZ   sing Y N 325 
TYR CE2 HE2  sing N N 326 
TYR CZ  OH   sing N N 327 
TYR OH  HH   sing N N 328 
TYR OXT HXT  sing N N 329 
VAL N   CA   sing N N 330 
VAL N   H    sing N N 331 
VAL N   H2   sing N N 332 
VAL CA  C    sing N N 333 
VAL CA  CB   sing N N 334 
VAL CA  HA   sing N N 335 
VAL C   O    doub N N 336 
VAL C   OXT  sing N N 337 
VAL CB  CG1  sing N N 338 
VAL CB  CG2  sing N N 339 
VAL CB  HB   sing N N 340 
VAL CG1 HG11 sing N N 341 
VAL CG1 HG12 sing N N 342 
VAL CG1 HG13 sing N N 343 
VAL CG2 HG21 sing N N 344 
VAL CG2 HG22 sing N N 345 
VAL CG2 HG23 sing N N 346 
VAL OXT HXT  sing N N 347 
# 
_pdbx_audit_support.funding_organization   'Biotechnology and Biological Sciences Research Council' 
_pdbx_audit_support.country                'United Kingdom' 
_pdbx_audit_support.grant_number           BB/L006626/1 
_pdbx_audit_support.ordinal                1 
# 
_atom_sites.entry_id                    6QPJ 
_atom_sites.fract_transf_matrix[1][1]   -0.01503800 
_atom_sites.fract_transf_matrix[1][2]   -0.01115460 
_atom_sites.fract_transf_matrix[1][3]   -0.01113380 
_atom_sites.fract_transf_matrix[2][1]   -0.00926388 
_atom_sites.fract_transf_matrix[2][2]   0.01893435 
_atom_sites.fract_transf_matrix[2][3]   -0.00645733 
_atom_sites.fract_transf_matrix[3][1]   0.00723166 
_atom_sites.fract_transf_matrix[3][2]   -0.00024281 
_atom_sites.fract_transf_matrix[3][3]   -0.01108672 
_atom_sites.fract_transf_vector[1]      -1.766179 
_atom_sites.fract_transf_vector[2]      -1.698586 
_atom_sites.fract_transf_vector[3]      1.088973 
# 
loop_
_atom_type.symbol 
C 
N 
O 
S 
# 
loop_
_atom_site.group_PDB 
_atom_site.id 
_atom_site.type_symbol 
_atom_site.label_atom_id 
_atom_site.label_alt_id 
_atom_site.label_comp_id 
_atom_site.label_asym_id 
_atom_site.label_entity_id 
_atom_site.label_seq_id 
_atom_site.pdbx_PDB_ins_code 
_atom_site.Cartn_x 
_atom_site.Cartn_y 
_atom_site.Cartn_z 
_atom_site.occupancy 
_atom_site.B_iso_or_equiv 
_atom_site.pdbx_formal_charge 
_atom_site.auth_seq_id 
_atom_site.auth_comp_id 
_atom_site.auth_asym_id 
_atom_site.auth_atom_id 
_atom_site.pdbx_PDB_model_num 
ATOM   1    N N   . MET A 1 1   ? 6.002   23.511  13.118  1.00 26.19 ? 105 MET A N   1 
ATOM   2    C CA  . MET A 1 1   ? 6.051   22.409  12.159  1.00 29.02 ? 105 MET A CA  1 
ATOM   3    C C   . MET A 1 1   ? 4.626   21.944  11.887  1.00 28.10 ? 105 MET A C   1 
ATOM   4    O O   . MET A 1 1   ? 3.849   21.710  12.819  1.00 27.24 ? 105 MET A O   1 
ATOM   5    C CB  . MET A 1 1   ? 6.930   21.244  12.670  1.00 28.69 ? 105 MET A CB  1 
ATOM   6    C CG  . MET A 1 1   ? 6.765   19.946  11.849  1.00 26.01 ? 105 MET A CG  1 
ATOM   7    S SD  . MET A 1 1   ? 7.824   18.552  12.291  1.00 25.56 ? 105 MET A SD  1 
ATOM   8    C CE  . MET A 1 1   ? 9.443   19.310  12.312  1.00 24.95 ? 105 MET A CE  1 
ATOM   9    N N   . SER A 1 2   ? 4.274   21.847  10.607  1.00 21.50 ? 106 SER A N   1 
ATOM   10   C CA  . SER A 1 2   ? 2.932   21.457  10.205  1.00 30.62 ? 106 SER A CA  1 
ATOM   11   C C   . SER A 1 2   ? 2.778   19.933  10.163  1.00 23.06 ? 106 SER A C   1 
ATOM   12   O O   . SER A 1 2   ? 3.752   19.172  10.190  1.00 16.82 ? 106 SER A O   1 
ATOM   13   C CB  . SER A 1 2   ? 2.597   22.042  8.836   1.00 28.34 ? 106 SER A CB  1 
ATOM   14   O OG  . SER A 1 2   ? 3.565   21.641  7.880   1.00 34.26 ? 106 SER A OG  1 
ATOM   15   N N   . ASN A 1 3   ? 1.517   19.501  10.084  1.00 22.43 ? 107 ASN A N   1 
ATOM   16   C CA  . ASN A 1 3   ? 1.215   18.087  9.911   1.00 23.26 ? 107 ASN A CA  1 
ATOM   17   C C   . ASN A 1 3   ? 1.933   17.526  8.691   1.00 28.23 ? 107 ASN A C   1 
ATOM   18   O O   . ASN A 1 3   ? 2.579   16.471  8.757   1.00 26.38 ? 107 ASN A O   1 
ATOM   19   C CB  . ASN A 1 3   ? -0.292  17.899  9.785   1.00 23.33 ? 107 ASN A CB  1 
ATOM   20   C CG  . ASN A 1 3   ? -1.021  18.295  11.037  1.00 28.71 ? 107 ASN A CG  1 
ATOM   21   O OD1 . ASN A 1 3   ? -0.540  18.072  12.152  1.00 30.89 ? 107 ASN A OD1 1 
ATOM   22   N ND2 . ASN A 1 3   ? -2.183  18.899  10.869  1.00 29.94 ? 107 ASN A ND2 1 
ATOM   23   N N   . GLU A 1 4   ? 1.847   18.249  7.575   1.00 32.34 ? 108 GLU A N   1 
ATOM   24   C CA  . GLU A 1 4   ? 2.441   17.809  6.323   1.00 28.74 ? 108 GLU A CA  1 
ATOM   25   C C   . GLU A 1 4   ? 3.960   17.796  6.390   1.00 30.92 ? 108 GLU A C   1 
ATOM   26   O O   . GLU A 1 4   ? 4.604   16.943  5.769   1.00 31.98 ? 108 GLU A O   1 
ATOM   27   C CB  . GLU A 1 4   ? 1.980   18.716  5.193   1.00 28.08 ? 108 GLU A CB  1 
ATOM   28   C CG  . GLU A 1 4   ? 1.960   18.028  3.861   1.00 45.08 ? 108 GLU A CG  1 
ATOM   29   C CD  . GLU A 1 4   ? 1.055   18.722  2.874   1.00 45.13 ? 108 GLU A CD  1 
ATOM   30   O OE1 . GLU A 1 4   ? -0.078  18.240  2.685   1.00 52.65 ? 108 GLU A OE1 1 
ATOM   31   O OE2 . GLU A 1 4   ? 1.472   19.754  2.298   1.00 55.68 ? 108 GLU A OE2 1 
ATOM   32   N N   . GLU A 1 5   ? 4.558   18.758  7.093   1.00 29.26 ? 109 GLU A N   1 
ATOM   33   C CA  . GLU A 1 5   ? 6.007   18.734  7.217   1.00 24.17 ? 109 GLU A CA  1 
ATOM   34   C C   . GLU A 1 5   ? 6.460   17.531  8.026   1.00 19.77 ? 109 GLU A C   1 
ATOM   35   O O   . GLU A 1 5   ? 7.431   16.861  7.656   1.00 22.90 ? 109 GLU A O   1 
ATOM   36   C CB  . GLU A 1 5   ? 6.512   20.032  7.842   1.00 26.54 ? 109 GLU A CB  1 
ATOM   37   C CG  . GLU A 1 5   ? 6.525   21.176  6.872   1.00 43.59 ? 109 GLU A CG  1 
ATOM   38   C CD  . GLU A 1 5   ? 6.410   22.529  7.542   1.00 44.15 ? 109 GLU A CD  1 
ATOM   39   O OE1 . GLU A 1 5   ? 6.359   23.540  6.806   1.00 41.54 ? 109 GLU A OE1 1 
ATOM   40   O OE2 . GLU A 1 5   ? 6.368   22.574  8.793   1.00 38.55 ? 109 GLU A OE2 1 
ATOM   41   N N   . PHE A 1 6   ? 5.762   17.221  9.119   1.00 22.26 ? 110 PHE A N   1 
ATOM   42   C CA  . PHE A 1 6   ? 6.156   16.063  9.913   1.00 25.09 ? 110 PHE A CA  1 
ATOM   43   C C   . PHE A 1 6   ? 6.145   14.786  9.071   1.00 21.79 ? 110 PHE A C   1 
ATOM   44   O O   . PHE A 1 6   ? 7.100   13.999  9.117   1.00 16.66 ? 110 PHE A O   1 
ATOM   45   C CB  . PHE A 1 6   ? 5.254   15.882  11.140  1.00 18.68 ? 110 PHE A CB  1 
ATOM   46   C CG  . PHE A 1 6   ? 5.512   14.585  11.844  1.00 21.29 ? 110 PHE A CG  1 
ATOM   47   C CD1 . PHE A 1 6   ? 6.558   14.476  12.759  1.00 21.29 ? 110 PHE A CD1 1 
ATOM   48   C CD2 . PHE A 1 6   ? 4.781   13.454  11.528  1.00 19.09 ? 110 PHE A CD2 1 
ATOM   49   C CE1 . PHE A 1 6   ? 6.829   13.270  13.381  1.00 21.62 ? 110 PHE A CE1 1 
ATOM   50   C CE2 . PHE A 1 6   ? 5.064   12.235  12.137  1.00 20.47 ? 110 PHE A CE2 1 
ATOM   51   C CZ  . PHE A 1 6   ? 6.076   12.143  13.069  1.00 18.14 ? 110 PHE A CZ  1 
ATOM   52   N N   . THR A 1 7   ? 5.057   14.546  8.321   1.00 14.48 ? 111 THR A N   1 
ATOM   53   C CA  . THR A 1 7   ? 4.994   13.314  7.534   1.00 17.87 ? 111 THR A CA  1 
ATOM   54   C C   . THR A 1 7   ? 6.028   13.330  6.412   1.00 20.43 ? 111 THR A C   1 
ATOM   55   O O   . THR A 1 7   ? 6.539   12.274  6.024   1.00 12.83 ? 111 THR A O   1 
ATOM   56   C CB  . THR A 1 7   ? 3.564   13.064  6.979   1.00 21.04 ? 111 THR A CB  1 
ATOM   57   O OG1 . THR A 1 7   ? 3.090   14.183  6.204   1.00 21.29 ? 111 THR A OG1 1 
ATOM   58   C CG2 . THR A 1 7   ? 2.561   12.817  8.114   1.00 15.87 ? 111 THR A CG2 1 
ATOM   59   N N   . GLN A 1 8   ? 6.388   14.508  5.898   1.00 22.58 ? 112 GLN A N   1 
ATOM   60   C CA  . GLN A 1 8   ? 7.470   14.547  4.919   1.00 22.49 ? 112 GLN A CA  1 
ATOM   61   C C   . GLN A 1 8   ? 8.748   13.970  5.514   1.00 21.29 ? 112 GLN A C   1 
ATOM   62   O O   . GLN A 1 8   ? 9.420   13.138  4.893   1.00 27.39 ? 112 GLN A O   1 
ATOM   63   C CB  . GLN A 1 8   ? 7.686   15.978  4.423   1.00 30.16 ? 112 GLN A CB  1 
ATOM   64   C CG  . GLN A 1 8   ? 8.462   16.098  3.106   1.00 25.08 ? 112 GLN A CG  1 
ATOM   65   C CD  . GLN A 1 8   ? 9.978   16.034  3.296   1.00 41.78 ? 112 GLN A CD  1 
ATOM   66   O OE1 . GLN A 1 8   ? 10.499  16.314  4.383   1.00 37.81 ? 112 GLN A OE1 1 
ATOM   67   N NE2 . GLN A 1 8   ? 10.693  15.659  2.234   1.00 41.13 ? 112 GLN A NE2 1 
ATOM   68   N N   . LEU A 1 9   ? 9.078   14.369  6.745   1.00 21.43 ? 113 LEU A N   1 
ATOM   69   C CA  . LEU A 1 9   ? 10.339  13.944  7.333   1.00 18.23 ? 113 LEU A CA  1 
ATOM   70   C C   . LEU A 1 9   ? 10.319  12.462  7.671   1.00 20.23 ? 113 LEU A C   1 
ATOM   71   O O   . LEU A 1 9   ? 11.298  11.742  7.429   1.00 15.99 ? 113 LEU A O   1 
ATOM   72   C CB  . LEU A 1 9   ? 10.634  14.780  8.584   1.00 29.17 ? 113 LEU A CB  1 
ATOM   73   C CG  . LEU A 1 9   ? 10.998  16.254  8.372   1.00 32.79 ? 113 LEU A CG  1 
ATOM   74   C CD1 . LEU A 1 9   ? 10.705  17.092  9.606   1.00 26.83 ? 113 LEU A CD1 1 
ATOM   75   C CD2 . LEU A 1 9   ? 12.462  16.389  7.975   1.00 25.43 ? 113 LEU A CD2 1 
ATOM   76   N N   . MET A 1 10  ? 9.208   11.988  8.238   1.00 20.74 ? 114 MET A N   1 
ATOM   77   C CA  . MET A 1 10  ? 9.131   10.589  8.633   1.00 21.09 ? 114 MET A CA  1 
ATOM   78   C C   . MET A 1 10  ? 9.233   9.691   7.412   1.00 17.46 ? 114 MET A C   1 
ATOM   79   O O   . MET A 1 10  ? 10.039  8.756   7.374   1.00 16.30 ? 114 MET A O   1 
ATOM   80   C CB  . MET A 1 10  ? 7.827   10.346  9.407   1.00 23.48 ? 114 MET A CB  1 
ATOM   81   C CG  . MET A 1 10  ? 7.131   9.016   9.108   1.00 25.84 ? 114 MET A CG  1 
ATOM   82   S SD  . MET A 1 10  ? 5.629   8.872   10.077  1.00 31.41 ? 114 MET A SD  1 
ATOM   83   C CE  . MET A 1 10  ? 6.363   8.612   11.707  1.00 30.30 ? 114 MET A CE  1 
ATOM   84   N N   . LEU A 1 11  ? 8.451   9.999   6.382   1.00 18.93 ? 115 LEU A N   1 
ATOM   85   C CA  . LEU A 1 11  ? 8.441   9.196   5.171   1.00 23.39 ? 115 LEU A CA  1 
ATOM   86   C C   . LEU A 1 11  ? 9.751   9.316   4.418   1.00 24.14 ? 115 LEU A C   1 
ATOM   87   O O   . LEU A 1 11  ? 10.170  8.351   3.765   1.00 22.81 ? 115 LEU A O   1 
ATOM   88   C CB  . LEU A 1 11  ? 7.265   9.608   4.274   1.00 20.73 ? 115 LEU A CB  1 
ATOM   89   C CG  . LEU A 1 11  ? 5.871   9.354   4.842   1.00 18.74 ? 115 LEU A CG  1 
ATOM   90   C CD1 . LEU A 1 11  ? 4.808   9.981   3.936   1.00 21.73 ? 115 LEU A CD1 1 
ATOM   91   C CD2 . LEU A 1 11  ? 5.603   7.855   5.007   1.00 20.29 ? 115 LEU A CD2 1 
ATOM   92   N N   . GLU A 1 12  ? 10.412  10.480  4.491   1.00 24.46 ? 116 GLU A N   1 
ATOM   93   C CA  . GLU A 1 12  ? 11.752  10.597  3.916   1.00 28.75 ? 116 GLU A CA  1 
ATOM   94   C C   . GLU A 1 12  ? 12.710  9.648   4.603   1.00 27.64 ? 116 GLU A C   1 
ATOM   95   O O   . GLU A 1 12  ? 13.443  8.901   3.946   1.00 27.09 ? 116 GLU A O   1 
ATOM   96   C CB  . GLU A 1 12  ? 12.291  12.021  4.046   1.00 32.13 ? 116 GLU A CB  1 
ATOM   97   C CG  . GLU A 1 12  ? 12.409  12.775  2.748   1.00 42.26 ? 116 GLU A CG  1 
ATOM   98   C CD  . GLU A 1 12  ? 13.358  13.954  2.867   1.00 43.06 ? 116 GLU A CD  1 
ATOM   99   O OE1 . GLU A 1 12  ? 14.587  13.726  2.918   1.00 38.46 ? 116 GLU A OE1 1 
ATOM   100  O OE2 . GLU A 1 12  ? 12.878  15.101  2.941   1.00 45.90 ? 116 GLU A OE2 1 
ATOM   101  N N   . ALA A 1 13  ? 12.743  9.700   5.938   1.00 25.85 ? 117 ALA A N   1 
ATOM   102  C CA  . ALA A 1 13  ? 13.616  8.812   6.697   1.00 22.29 ? 117 ALA A CA  1 
ATOM   103  C C   . ALA A 1 13  ? 13.301  7.353   6.414   1.00 23.00 ? 117 ALA A C   1 
ATOM   104  O O   . ALA A 1 13  ? 14.203  6.505   6.415   1.00 27.70 ? 117 ALA A O   1 
ATOM   105  C CB  . ALA A 1 13  ? 13.481  9.103   8.196   1.00 21.37 ? 117 ALA A CB  1 
ATOM   106  N N   . LEU A 1 14  ? 12.029  7.032   6.182   1.00 23.51 ? 118 LEU A N   1 
ATOM   107  C CA  . LEU A 1 14  ? 11.671  5.655   5.875   1.00 22.85 ? 118 LEU A CA  1 
ATOM   108  C C   . LEU A 1 14  ? 11.964  5.270   4.431   1.00 23.56 ? 118 LEU A C   1 
ATOM   109  O O   . LEU A 1 14  ? 12.088  4.076   4.154   1.00 26.41 ? 118 LEU A O   1 
ATOM   110  C CB  . LEU A 1 14  ? 10.191  5.420   6.177   1.00 21.66 ? 118 LEU A CB  1 
ATOM   111  C CG  . LEU A 1 14  ? 9.819   5.600   7.652   1.00 25.15 ? 118 LEU A CG  1 
ATOM   112  C CD1 . LEU A 1 14  ? 8.305   5.645   7.850   1.00 24.39 ? 118 LEU A CD1 1 
ATOM   113  C CD2 . LEU A 1 14  ? 10.462  4.515   8.519   1.00 27.61 ? 118 LEU A CD2 1 
ATOM   114  N N   . ASP A 1 15  ? 12.112  6.246   3.514   1.00 31.48 ? 119 ASP A N   1 
ATOM   115  C CA  . ASP A 1 15  ? 12.019  5.991   2.066   1.00 25.09 ? 119 ASP A CA  1 
ATOM   116  C C   . ASP A 1 15  ? 10.681  5.329   1.749   1.00 28.06 ? 119 ASP A C   1 
ATOM   117  O O   . ASP A 1 15  ? 10.615  4.261   1.133   1.00 30.30 ? 119 ASP A O   1 
ATOM   118  C CB  . ASP A 1 15  ? 13.171  5.116   1.558   1.00 32.67 ? 119 ASP A CB  1 
ATOM   119  C CG  . ASP A 1 15  ? 14.491  5.844   1.527   1.00 32.76 ? 119 ASP A CG  1 
ATOM   120  O OD1 . ASP A 1 15  ? 14.513  6.996   1.075   1.00 31.75 ? 119 ASP A OD1 1 
ATOM   121  O OD2 . ASP A 1 15  ? 15.502  5.251   1.962   1.00 48.25 ? 119 ASP A OD2 1 
ATOM   122  N N   . GLY A 1 16  ? 9.602   5.960   2.206   1.00 23.35 ? 120 GLY A N   1 
ATOM   123  C CA  . GLY A 1 16  ? 8.302   5.338   2.159   1.00 23.76 ? 120 GLY A CA  1 
ATOM   124  C C   . GLY A 1 16  ? 7.219   6.303   1.731   1.00 24.30 ? 120 GLY A C   1 
ATOM   125  O O   . GLY A 1 16  ? 7.431   7.513   1.624   1.00 23.43 ? 120 GLY A O   1 
ATOM   126  N N   . PHE A 1 17  ? 6.043   5.733   1.491   1.00 20.47 ? 121 PHE A N   1 
ATOM   127  C CA  . PHE A 1 17  ? 4.858   6.514   1.205   1.00 17.55 ? 121 PHE A CA  1 
ATOM   128  C C   . PHE A 1 17  ? 3.677   5.834   1.876   1.00 19.06 ? 121 PHE A C   1 
ATOM   129  O O   . PHE A 1 17  ? 3.747   4.666   2.280   1.00 20.02 ? 121 PHE A O   1 
ATOM   130  C CB  . PHE A 1 17  ? 4.623   6.694   -0.309  1.00 21.48 ? 121 PHE A CB  1 
ATOM   131  C CG  . PHE A 1 17  ? 4.498   5.398   -1.080  1.00 19.56 ? 121 PHE A CG  1 
ATOM   132  C CD1 . PHE A 1 17  ? 5.623   4.704   -1.500  1.00 20.83 ? 121 PHE A CD1 1 
ATOM   133  C CD2 . PHE A 1 17  ? 3.258   4.888   -1.395  1.00 17.39 ? 121 PHE A CD2 1 
ATOM   134  C CE1 . PHE A 1 17  ? 5.494   3.515   -2.216  1.00 20.99 ? 121 PHE A CE1 1 
ATOM   135  C CE2 . PHE A 1 17  ? 3.126   3.702   -2.114  1.00 22.29 ? 121 PHE A CE2 1 
ATOM   136  C CZ  . PHE A 1 17  ? 4.238   3.024   -2.523  1.00 22.35 ? 121 PHE A CZ  1 
ATOM   137  N N   . PHE A 1 18  ? 2.613   6.611   2.036   1.00 14.56 ? 122 PHE A N   1 
ATOM   138  C CA  . PHE A 1 18  ? 1.384   6.178   2.674   1.00 16.97 ? 122 PHE A CA  1 
ATOM   139  C C   . PHE A 1 18  ? 0.443   5.626   1.611   1.00 14.79 ? 122 PHE A C   1 
ATOM   140  O O   . PHE A 1 18  ? 0.360   6.168   0.501   1.00 18.30 ? 122 PHE A O   1 
ATOM   141  C CB  . PHE A 1 18  ? 0.711   7.355   3.394   1.00 15.62 ? 122 PHE A CB  1 
ATOM   142  C CG  . PHE A 1 18  ? 1.348   7.723   4.713   1.00 17.34 ? 122 PHE A CG  1 
ATOM   143  C CD1 . PHE A 1 18  ? 1.958   6.758   5.496   1.00 13.94 ? 122 PHE A CD1 1 
ATOM   144  C CD2 . PHE A 1 18  ? 1.307   9.042   5.183   1.00 18.38 ? 122 PHE A CD2 1 
ATOM   145  C CE1 . PHE A 1 18  ? 2.540   7.082   6.717   1.00 10.81 ? 122 PHE A CE1 1 
ATOM   146  C CE2 . PHE A 1 18  ? 1.901   9.381   6.414   1.00 13.02 ? 122 PHE A CE2 1 
ATOM   147  C CZ  . PHE A 1 18  ? 2.525   8.394   7.177   1.00 10.65 ? 122 PHE A CZ  1 
ATOM   148  N N   . LEU A 1 19  ? -0.274  4.558   1.957   1.00 14.78 ? 123 LEU A N   1 
ATOM   149  C CA  . LEU A 1 19  ? -1.161  3.889   1.014   1.00 13.65 ? 123 LEU A CA  1 
ATOM   150  C C   . LEU A 1 19  ? -2.384  3.323   1.725   1.00 12.89 ? 123 LEU A C   1 
ATOM   151  O O   . LEU A 1 19  ? -2.277  2.733   2.801   1.00 14.76 ? 123 LEU A O   1 
ATOM   152  C CB  . LEU A 1 19  ? -0.425  2.767   0.272   1.00 14.61 ? 123 LEU A CB  1 
ATOM   153  C CG  . LEU A 1 19  ? -1.235  1.895   -0.691  1.00 16.77 ? 123 LEU A CG  1 
ATOM   154  C CD1 . LEU A 1 19  ? -1.327  2.599   -2.046  1.00 21.91 ? 123 LEU A CD1 1 
ATOM   155  C CD2 . LEU A 1 19  ? -0.613  0.529   -0.841  1.00 19.46 ? 123 LEU A CD2 1 
ATOM   156  N N   . ALA A 1 20  ? -3.549  3.491   1.109   1.00 16.46 ? 124 ALA A N   1 
ATOM   157  C CA  . ALA A 1 20  ? -4.786  2.937   1.644   1.00 14.97 ? 124 ALA A CA  1 
ATOM   158  C C   . ALA A 1 20  ? -5.488  2.180   0.537   1.00 15.42 ? 124 ALA A C   1 
ATOM   159  O O   . ALA A 1 20  ? -5.687  2.721   -0.562  1.00 15.00 ? 124 ALA A O   1 
ATOM   160  C CB  . ALA A 1 20  ? -5.698  4.027   2.216   1.00 9.94  ? 124 ALA A CB  1 
ATOM   161  N N   . ILE A 1 21  ? -5.840  0.920   0.817   1.00 14.67 ? 125 ILE A N   1 
ATOM   162  C CA  . ILE A 1 21  ? -6.534  0.075   -0.142  1.00 16.14 ? 125 ILE A CA  1 
ATOM   163  C C   . ILE A 1 21  ? -7.803  -0.461  0.504   1.00 17.09 ? 125 ILE A C   1 
ATOM   164  O O   . ILE A 1 21  ? -7.927  -0.507  1.732   1.00 17.81 ? 125 ILE A O   1 
ATOM   165  C CB  . ILE A 1 21  ? -5.650  -1.092  -0.649  1.00 18.51 ? 125 ILE A CB  1 
ATOM   166  C CG1 . ILE A 1 21  ? -5.122  -1.923  0.532   1.00 17.30 ? 125 ILE A CG1 1 
ATOM   167  C CG2 . ILE A 1 21  ? -4.519  -0.574  -1.527  1.00 13.45 ? 125 ILE A CG2 1 
ATOM   168  C CD1 . ILE A 1 21  ? -4.645  -3.317  0.122   1.00 18.59 ? 125 ILE A CD1 1 
ATOM   169  N N   . MET A 1 22  ? -8.766  -0.840  -0.350  1.00 14.96 ? 126 MET A N   1 
ATOM   170  C CA  . MET A 1 22  ? -9.880  -1.680  0.081   1.00 17.03 ? 126 MET A CA  1 
ATOM   171  C C   . MET A 1 22  ? -9.444  -3.141  0.085   1.00 20.99 ? 126 MET A C   1 
ATOM   172  O O   . MET A 1 22  ? -8.349  -3.490  -0.374  1.00 16.31 ? 126 MET A O   1 
ATOM   173  C CB  . MET A 1 22  ? -11.103 -1.512  -0.828  1.00 17.27 ? 126 MET A CB  1 
ATOM   174  C CG  . MET A 1 22  ? -11.487 -0.079  -1.144  1.00 22.72 ? 126 MET A CG  1 
ATOM   175  S SD  . MET A 1 22  ? -11.786 0.827   0.370   1.00 33.11 ? 126 MET A SD  1 
ATOM   176  C CE  . MET A 1 22  ? -13.531 0.546   0.569   1.00 28.91 ? 126 MET A CE  1 
ATOM   177  N N   . THR A 1 23  ? -10.335 -4.016  0.576   1.00 13.71 ? 127 THR A N   1 
ATOM   178  C CA  . THR A 1 23  ? -9.945  -5.408  0.793   1.00 15.36 ? 127 THR A CA  1 
ATOM   179  C C   . THR A 1 23  ? -9.722  -6.161  -0.504  1.00 16.44 ? 127 THR A C   1 
ATOM   180  O O   . THR A 1 23  ? -9.014  -7.172  -0.486  1.00 23.80 ? 127 THR A O   1 
ATOM   181  C CB  . THR A 1 23  ? -10.982 -6.160  1.647   1.00 19.44 ? 127 THR A CB  1 
ATOM   182  O OG1 . THR A 1 23  ? -12.241 -6.232  0.956   1.00 13.56 ? 127 THR A OG1 1 
ATOM   183  C CG2 . THR A 1 23  ? -11.164 -5.467  2.983   1.00 16.10 ? 127 THR A CG2 1 
ATOM   184  N N   . ASP A 1 24  ? -10.295 -5.700  -1.619  1.00 15.20 ? 128 ASP A N   1 
ATOM   185  C CA  . ASP A 1 24  ? -9.980  -6.241  -2.940  1.00 12.01 ? 128 ASP A CA  1 
ATOM   186  C C   . ASP A 1 24  ? -8.752  -5.581  -3.566  1.00 16.80 ? 128 ASP A C   1 
ATOM   187  O O   . ASP A 1 24  ? -8.446  -5.842  -4.731  1.00 17.06 ? 128 ASP A O   1 
ATOM   188  C CB  . ASP A 1 24  ? -11.181 -6.093  -3.890  1.00 14.39 ? 128 ASP A CB  1 
ATOM   189  C CG  . ASP A 1 24  ? -11.488 -4.627  -4.253  1.00 17.51 ? 128 ASP A CG  1 
ATOM   190  O OD1 . ASP A 1 24  ? -10.930 -3.711  -3.615  1.00 16.80 ? 128 ASP A OD1 1 
ATOM   191  O OD2 . ASP A 1 24  ? -12.294 -4.387  -5.182  1.00 21.02 ? 128 ASP A OD2 1 
ATOM   192  N N   . GLY A 1 25  ? -8.059  -4.702  -2.846  1.00 16.14 ? 129 GLY A N   1 
ATOM   193  C CA  . GLY A 1 25  ? -6.859  -4.110  -3.400  1.00 15.33 ? 129 GLY A CA  1 
ATOM   194  C C   . GLY A 1 25  ? -7.062  -2.780  -4.078  1.00 16.36 ? 129 GLY A C   1 
ATOM   195  O O   . GLY A 1 25  ? -6.078  -2.177  -4.540  1.00 20.90 ? 129 GLY A O   1 
ATOM   196  N N   . SER A 1 26  ? -8.296  -2.311  -4.162  1.00 12.42 ? 130 SER A N   1 
ATOM   197  C CA  . SER A 1 26  ? -8.584  -1.067  -4.855  1.00 18.33 ? 130 SER A CA  1 
ATOM   198  C C   . SER A 1 26  ? -7.976  0.101   -4.085  1.00 14.12 ? 130 SER A C   1 
ATOM   199  O O   . SER A 1 26  ? -8.099  0.185   -2.861  1.00 18.20 ? 130 SER A O   1 
ATOM   200  C CB  . SER A 1 26  ? -10.102 -0.920  -5.023  1.00 18.62 ? 130 SER A CB  1 
ATOM   201  O OG  . SER A 1 26  ? -10.431 0.405   -5.364  1.00 19.36 ? 130 SER A OG  1 
ATOM   202  N N   . ILE A 1 27  ? -7.293  0.986   -4.787  1.00 19.64 ? 131 ILE A N   1 
ATOM   203  C CA  . ILE A 1 27  ? -6.495  2.029   -4.150  1.00 16.84 ? 131 ILE A CA  1 
ATOM   204  C C   . ILE A 1 27  ? -7.328  3.285   -3.960  1.00 11.54 ? 131 ILE A C   1 
ATOM   205  O O   . ILE A 1 27  ? -7.900  3.815   -4.916  1.00 16.64 ? 131 ILE A O   1 
ATOM   206  C CB  . ILE A 1 27  ? -5.241  2.334   -4.971  1.00 14.24 ? 131 ILE A CB  1 
ATOM   207  C CG1 . ILE A 1 27  ? -4.412  1.063   -5.127  1.00 14.91 ? 131 ILE A CG1 1 
ATOM   208  C CG2 . ILE A 1 27  ? -4.439  3.455   -4.282  1.00 13.65 ? 131 ILE A CG2 1 
ATOM   209  C CD1 . ILE A 1 27  ? -3.224  1.190   -6.102  1.00 15.35 ? 131 ILE A CD1 1 
ATOM   210  N N   . ILE A 1 28  ? -7.398  3.773   -2.724  1.00 13.08 ? 132 ILE A N   1 
ATOM   211  C CA  . ILE A 1 28  ? -8.167  4.975   -2.454  1.00 11.84 ? 132 ILE A CA  1 
ATOM   212  C C   . ILE A 1 28  ? -7.302  6.156   -2.056  1.00 15.53 ? 132 ILE A C   1 
ATOM   213  O O   . ILE A 1 28  ? -7.785  7.291   -2.126  1.00 16.66 ? 132 ILE A O   1 
ATOM   214  C CB  . ILE A 1 28  ? -9.270  4.737   -1.401  1.00 16.22 ? 132 ILE A CB  1 
ATOM   215  C CG1 . ILE A 1 28  ? -8.684  4.533   -0.002  1.00 12.83 ? 132 ILE A CG1 1 
ATOM   216  C CG2 . ILE A 1 28  ? -10.253 3.602   -1.871  1.00 10.39 ? 132 ILE A CG2 1 
ATOM   217  C CD1 . ILE A 1 28  ? -9.699  4.085   1.002   1.00 22.31 ? 132 ILE A CD1 1 
ATOM   218  N N   . TYR A 1 29  ? -6.047  5.945   -1.671  1.00 17.66 ? 133 TYR A N   1 
ATOM   219  C CA  . TYR A 1 29  ? -5.188  7.041   -1.253  1.00 16.13 ? 133 TYR A CA  1 
ATOM   220  C C   . TYR A 1 29  ? -3.730  6.639   -1.427  1.00 11.53 ? 133 TYR A C   1 
ATOM   221  O O   . TYR A 1 29  ? -3.362  5.490   -1.170  1.00 12.36 ? 133 TYR A O   1 
ATOM   222  C CB  . TYR A 1 29  ? -5.427  7.433   0.212   1.00 12.22 ? 133 TYR A CB  1 
ATOM   223  C CG  . TYR A 1 29  ? -4.403  8.430   0.737   1.00 11.71 ? 133 TYR A CG  1 
ATOM   224  C CD1 . TYR A 1 29  ? -4.562  9.793   0.531   1.00 19.05 ? 133 TYR A CD1 1 
ATOM   225  C CD2 . TYR A 1 29  ? -3.276  8.008   1.402   1.00 12.87 ? 133 TYR A CD2 1 
ATOM   226  C CE1 . TYR A 1 29  ? -3.627  10.707  0.998   1.00 19.17 ? 133 TYR A CE1 1 
ATOM   227  C CE2 . TYR A 1 29  ? -2.332  8.910   1.873   1.00 12.48 ? 133 TYR A CE2 1 
ATOM   228  C CZ  . TYR A 1 29  ? -2.519  10.241  1.679   1.00 14.95 ? 133 TYR A CZ  1 
ATOM   229  O OH  . TYR A 1 29  ? -1.591  11.109  2.159   1.00 26.04 ? 133 TYR A OH  1 
ATOM   230  N N   . VAL A 1 30  ? -2.917  7.606   -1.837  1.00 10.04 ? 134 VAL A N   1 
ATOM   231  C CA  . VAL A 1 30  ? -1.472  7.488   -1.965  1.00 16.69 ? 134 VAL A CA  1 
ATOM   232  C C   . VAL A 1 30  ? -0.886  8.867   -1.694  1.00 13.70 ? 134 VAL A C   1 
ATOM   233  O O   . VAL A 1 30  ? -1.372  9.865   -2.227  1.00 19.68 ? 134 VAL A O   1 
ATOM   234  C CB  . VAL A 1 30  ? -1.030  6.991   -3.358  1.00 13.31 ? 134 VAL A CB  1 
ATOM   235  C CG1 . VAL A 1 30  ? 0.446   6.781   -3.377  1.00 17.90 ? 134 VAL A CG1 1 
ATOM   236  C CG2 . VAL A 1 30  ? -1.699  5.698   -3.707  1.00 15.53 ? 134 VAL A CG2 1 
ATOM   237  N N   . SER A 1 31  ? 0.139   8.937   -0.860  1.00 15.02 ? 135 SER A N   1 
ATOM   238  C CA  . SER A 1 31  ? 0.766   10.214  -0.560  1.00 17.29 ? 135 SER A CA  1 
ATOM   239  C C   . SER A 1 31  ? 1.823   10.562  -1.612  1.00 20.17 ? 135 SER A C   1 
ATOM   240  O O   . SER A 1 31  ? 2.313   9.701   -2.354  1.00 14.98 ? 135 SER A O   1 
ATOM   241  C CB  . SER A 1 31  ? 1.389   10.192  0.829   1.00 13.89 ? 135 SER A CB  1 
ATOM   242  O OG  . SER A 1 31  ? 2.505   9.311   0.869   1.00 14.93 ? 135 SER A OG  1 
ATOM   243  N N   . GLU A 1 32  ? 2.189   11.856  -1.636  1.00 24.57 ? 136 GLU A N   1 
ATOM   244  C CA  . GLU A 1 32  ? 2.969   12.448  -2.731  1.00 25.60 ? 136 GLU A CA  1 
ATOM   245  C C   . GLU A 1 32  ? 4.345   11.808  -2.927  1.00 19.22 ? 136 GLU A C   1 
ATOM   246  O O   . GLU A 1 32  ? 4.899   11.895  -4.025  1.00 21.78 ? 136 GLU A O   1 
ATOM   247  C CB  . GLU A 1 32  ? 3.141   13.962  -2.496  1.00 23.75 ? 136 GLU A CB  1 
ATOM   248  C CG  . GLU A 1 32  ? 3.904   14.319  -1.177  1.00 19.59 ? 136 GLU A CG  1 
ATOM   249  C CD  . GLU A 1 32  ? 5.424   14.418  -1.364  1.00 34.70 ? 136 GLU A CD  1 
ATOM   250  O OE1 . GLU A 1 32  ? 5.850   14.714  -2.511  1.00 34.73 ? 136 GLU A OE1 1 
ATOM   251  O OE2 . GLU A 1 32  ? 6.191   14.195  -0.380  1.00 27.93 ? 136 GLU A OE2 1 
ATOM   252  N N   . SER A 1 33  ? 4.935   11.190  -1.897  1.00 17.54 ? 137 SER A N   1 
ATOM   253  C CA  . SER A 1 33  ? 6.301   10.697  -2.076  1.00 20.09 ? 137 SER A CA  1 
ATOM   254  C C   . SER A 1 33  ? 6.386   9.471   -2.972  1.00 23.07 ? 137 SER A C   1 
ATOM   255  O O   . SER A 1 33  ? 7.498   9.076   -3.329  1.00 26.46 ? 137 SER A O   1 
ATOM   256  C CB  . SER A 1 33  ? 6.970   10.369  -0.739  1.00 22.89 ? 137 SER A CB  1 
ATOM   257  O OG  . SER A 1 33  ? 6.064   9.770   0.169   1.00 27.70 ? 137 SER A OG  1 
ATOM   258  N N   . VAL A 1 34  ? 5.261   8.856   -3.347  1.00 20.43 ? 138 VAL A N   1 
ATOM   259  C CA  . VAL A 1 34  ? 5.330   7.746   -4.291  1.00 16.24 ? 138 VAL A CA  1 
ATOM   260  C C   . VAL A 1 34  ? 5.936   8.186   -5.609  1.00 20.25 ? 138 VAL A C   1 
ATOM   261  O O   . VAL A 1 34  ? 6.446   7.353   -6.367  1.00 22.79 ? 138 VAL A O   1 
ATOM   262  C CB  . VAL A 1 34  ? 3.941   7.124   -4.531  1.00 22.61 ? 138 VAL A CB  1 
ATOM   263  C CG1 . VAL A 1 34  ? 3.099   8.036   -5.413  1.00 14.22 ? 138 VAL A CG1 1 
ATOM   264  C CG2 . VAL A 1 34  ? 4.093   5.703   -5.125  1.00 20.06 ? 138 VAL A CG2 1 
ATOM   265  N N   . THR A 1 35  ? 5.898   9.483   -5.909  1.00 17.91 ? 139 THR A N   1 
ATOM   266  C CA  . THR A 1 35  ? 6.457   9.946   -7.168  1.00 24.17 ? 139 THR A CA  1 
ATOM   267  C C   . THR A 1 35  ? 7.966   9.807   -7.182  1.00 24.71 ? 139 THR A C   1 
ATOM   268  O O   . THR A 1 35  ? 8.545   9.355   -8.175  1.00 30.08 ? 139 THR A O   1 
ATOM   269  C CB  . THR A 1 35  ? 6.065   11.394  -7.426  1.00 28.31 ? 139 THR A CB  1 
ATOM   270  O OG1 . THR A 1 35  ? 4.641   11.475  -7.466  1.00 27.32 ? 139 THR A OG1 1 
ATOM   271  C CG2 . THR A 1 35  ? 6.660   11.867  -8.775  1.00 20.28 ? 139 THR A CG2 1 
ATOM   272  N N   . SER A 1 36  ? 8.631   10.203  -6.098  1.00 24.01 ? 140 SER A N   1 
ATOM   273  C CA  . SER A 1 36  ? 10.081  10.118  -6.127  1.00 26.32 ? 140 SER A CA  1 
ATOM   274  C C   . SER A 1 36  ? 10.565  8.712   -5.813  1.00 25.60 ? 140 SER A C   1 
ATOM   275  O O   . SER A 1 36  ? 11.698  8.372   -6.151  1.00 33.78 ? 140 SER A O   1 
ATOM   276  C CB  . SER A 1 36  ? 10.699  11.155  -5.185  1.00 26.41 ? 140 SER A CB  1 
ATOM   277  O OG  . SER A 1 36  ? 10.565  10.779  -3.834  1.00 35.79 ? 140 SER A OG  1 
ATOM   278  N N   . LEU A 1 37  ? 9.724   7.866   -5.241  1.00 27.50 ? 141 LEU A N   1 
ATOM   279  C CA  . LEU A 1 37  ? 10.146  6.491   -5.005  1.00 21.84 ? 141 LEU A CA  1 
ATOM   280  C C   . LEU A 1 37  ? 9.776   5.550   -6.141  1.00 29.60 ? 141 LEU A C   1 
ATOM   281  O O   . LEU A 1 37  ? 10.441  4.525   -6.321  1.00 25.77 ? 141 LEU A O   1 
ATOM   282  C CB  . LEU A 1 37  ? 9.538   5.980   -3.702  1.00 30.15 ? 141 LEU A CB  1 
ATOM   283  C CG  . LEU A 1 37  ? 10.051  6.757   -2.500  1.00 29.34 ? 141 LEU A CG  1 
ATOM   284  C CD1 . LEU A 1 37  ? 9.022   6.804   -1.399  1.00 24.01 ? 141 LEU A CD1 1 
ATOM   285  C CD2 . LEU A 1 37  ? 11.365  6.133   -2.041  1.00 24.90 ? 141 LEU A CD2 1 
ATOM   286  N N   . LEU A 1 38  ? 8.723   5.854   -6.910  1.00 21.15 ? 142 LEU A N   1 
ATOM   287  C CA  . LEU A 1 38  ? 8.277   4.934   -7.941  1.00 20.97 ? 142 LEU A CA  1 
ATOM   288  C C   . LEU A 1 38  ? 7.973   5.610   -9.265  1.00 25.78 ? 142 LEU A C   1 
ATOM   289  O O   . LEU A 1 38  ? 7.635   4.910   -10.224 1.00 24.32 ? 142 LEU A O   1 
ATOM   290  C CB  . LEU A 1 38  ? 7.029   4.169   -7.489  1.00 23.13 ? 142 LEU A CB  1 
ATOM   291  C CG  . LEU A 1 38  ? 7.092   3.270   -6.260  1.00 22.80 ? 142 LEU A CG  1 
ATOM   292  C CD1 . LEU A 1 38  ? 5.797   2.489   -6.181  1.00 22.52 ? 142 LEU A CD1 1 
ATOM   293  C CD2 . LEU A 1 38  ? 8.265   2.340   -6.322  1.00 24.61 ? 142 LEU A CD2 1 
ATOM   294  N N   . GLU A 1 39  ? 8.078   6.940   -9.344  1.00 23.65 ? 143 GLU A N   1 
ATOM   295  C CA  . GLU A 1 39  ? 7.784   7.706   -10.556 1.00 27.57 ? 143 GLU A CA  1 
ATOM   296  C C   . GLU A 1 39  ? 6.343   7.526   -11.037 1.00 25.17 ? 143 GLU A C   1 
ATOM   297  O O   . GLU A 1 39  ? 6.068   7.659   -12.231 1.00 33.36 ? 143 GLU A O   1 
ATOM   298  C CB  . GLU A 1 39  ? 8.751   7.373   -11.696 1.00 24.31 ? 143 GLU A CB  1 
ATOM   299  C CG  . GLU A 1 39  ? 10.220  7.342   -11.323 1.00 40.54 ? 143 GLU A CG  1 
ATOM   300  C CD  . GLU A 1 39  ? 11.093  6.961   -12.515 1.00 43.25 ? 143 GLU A CD  1 
ATOM   301  O OE1 . GLU A 1 39  ? 11.319  7.839   -13.373 1.00 40.91 ? 143 GLU A OE1 1 
ATOM   302  O OE2 . GLU A 1 39  ? 11.539  5.789   -12.600 1.00 35.30 ? 143 GLU A OE2 1 
ATOM   303  N N   . HIS A 1 40  ? 5.409   7.233   -10.133 1.00 27.16 ? 144 HIS A N   1 
ATOM   304  C CA  . HIS A 1 40  ? 3.987   7.402   -10.426 1.00 19.97 ? 144 HIS A CA  1 
ATOM   305  C C   . HIS A 1 40  ? 3.481   8.685   -9.787  1.00 19.33 ? 144 HIS A C   1 
ATOM   306  O O   . HIS A 1 40  ? 3.956   9.100   -8.727  1.00 19.78 ? 144 HIS A O   1 
ATOM   307  C CB  . HIS A 1 40  ? 3.137   6.240   -9.904  1.00 11.26 ? 144 HIS A CB  1 
ATOM   308  C CG  . HIS A 1 40  ? 3.526   4.896   -10.435 1.00 21.73 ? 144 HIS A CG  1 
ATOM   309  N ND1 . HIS A 1 40  ? 3.351   4.530   -11.756 1.00 22.44 ? 144 HIS A ND1 1 
ATOM   310  C CD2 . HIS A 1 40  ? 4.047   3.810   -9.810  1.00 20.77 ? 144 HIS A CD2 1 
ATOM   311  C CE1 . HIS A 1 40  ? 3.753   3.282   -11.922 1.00 23.81 ? 144 HIS A CE1 1 
ATOM   312  N NE2 . HIS A 1 40  ? 4.170   2.820   -10.754 1.00 27.34 ? 144 HIS A NE2 1 
ATOM   313  N N   . LEU A 1 41  ? 2.516   9.300   -10.427 1.00 18.11 ? 145 LEU A N   1 
ATOM   314  C CA  . LEU A 1 41  ? 1.744   10.279  -9.688  1.00 16.90 ? 145 LEU A CA  1 
ATOM   315  C C   . LEU A 1 41  ? 0.708   9.556   -8.835  1.00 17.96 ? 145 LEU A C   1 
ATOM   316  O O   . LEU A 1 41  ? 0.149   8.550   -9.274  1.00 21.43 ? 145 LEU A O   1 
ATOM   317  C CB  . LEU A 1 41  ? 1.021   11.236  -10.630 1.00 25.37 ? 145 LEU A CB  1 
ATOM   318  C CG  . LEU A 1 41  ? 1.723   12.398  -11.337 1.00 28.31 ? 145 LEU A CG  1 
ATOM   319  C CD1 . LEU A 1 41  ? 0.720   13.536  -11.640 1.00 25.34 ? 145 LEU A CD1 1 
ATOM   320  C CD2 . LEU A 1 41  ? 2.937   12.898  -10.570 1.00 19.65 ? 145 LEU A CD2 1 
ATOM   321  N N   . PRO A 1 42  ? 0.412   10.053  -7.633  1.00 14.89 ? 146 PRO A N   1 
ATOM   322  C CA  . PRO A 1 42  ? -0.701  9.477   -6.865  1.00 13.28 ? 146 PRO A CA  1 
ATOM   323  C C   . PRO A 1 42  ? -1.964  9.279   -7.672  1.00 17.10 ? 146 PRO A C   1 
ATOM   324  O O   . PRO A 1 42  ? -2.667  8.285   -7.452  1.00 21.27 ? 146 PRO A O   1 
ATOM   325  C CB  . PRO A 1 42  ? -0.910  10.495  -5.741  1.00 14.49 ? 146 PRO A CB  1 
ATOM   326  C CG  . PRO A 1 42  ? 0.445   11.116  -5.572  1.00 18.08 ? 146 PRO A CG  1 
ATOM   327  C CD  . PRO A 1 42  ? 0.967   11.248  -6.980  1.00 17.75 ? 146 PRO A CD  1 
ATOM   328  N N   . SER A 1 43  ? -2.267  10.166  -8.627  1.00 19.36 ? 147 SER A N   1 
ATOM   329  C CA  . SER A 1 43  ? -3.514  10.011  -9.368  1.00 22.06 ? 147 SER A CA  1 
ATOM   330  C C   . SER A 1 43  ? -3.459  8.855   -10.364 1.00 19.35 ? 147 SER A C   1 
ATOM   331  O O   . SER A 1 43  ? -4.517  8.399   -10.811 1.00 27.97 ? 147 SER A O   1 
ATOM   332  C CB  . SER A 1 43  ? -3.896  11.322  -10.073 1.00 15.29 ? 147 SER A CB  1 
ATOM   333  O OG  . SER A 1 43  ? -2.931  11.674  -11.063 1.00 27.63 ? 147 SER A OG  1 
ATOM   334  N N   . ASP A 1 44  ? -2.269  8.367   -10.723 1.00 19.55 ? 148 ASP A N   1 
ATOM   335  C CA  . ASP A 1 44  ? -2.208  7.159   -11.546 1.00 21.57 ? 148 ASP A CA  1 
ATOM   336  C C   . ASP A 1 44  ? -2.541  5.913   -10.731 1.00 19.02 ? 148 ASP A C   1 
ATOM   337  O O   . ASP A 1 44  ? -2.843  4.864   -11.311 1.00 20.16 ? 148 ASP A O   1 
ATOM   338  C CB  . ASP A 1 44  ? -0.818  6.946   -12.189 1.00 13.40 ? 148 ASP A CB  1 
ATOM   339  C CG  . ASP A 1 44  ? -0.287  8.162   -12.958 1.00 21.83 ? 148 ASP A CG  1 
ATOM   340  O OD1 . ASP A 1 44  ? -1.065  8.883   -13.612 1.00 25.15 ? 148 ASP A OD1 1 
ATOM   341  O OD2 . ASP A 1 44  ? 0.950   8.374   -12.940 1.00 19.12 ? 148 ASP A OD2 1 
ATOM   342  N N   . LEU A 1 45  ? -2.444  5.986   -9.407  1.00 17.19 ? 149 LEU A N   1 
ATOM   343  C CA  . LEU A 1 45  ? -2.703  4.837   -8.546  1.00 18.86 ? 149 LEU A CA  1 
ATOM   344  C C   . LEU A 1 45  ? -4.126  4.841   -7.993  1.00 19.62 ? 149 LEU A C   1 
ATOM   345  O O   . LEU A 1 45  ? -4.800  3.808   -8.007  1.00 14.95 ? 149 LEU A O   1 
ATOM   346  C CB  . LEU A 1 45  ? -1.701  4.793   -7.383  1.00 14.42 ? 149 LEU A CB  1 
ATOM   347  C CG  . LEU A 1 45  ? -0.196  4.613   -7.585  1.00 26.00 ? 149 LEU A CG  1 
ATOM   348  C CD1 . LEU A 1 45  ? 0.491   4.378   -6.226  1.00 22.85 ? 149 LEU A CD1 1 
ATOM   349  C CD2 . LEU A 1 45  ? 0.124   3.485   -8.501  1.00 17.73 ? 149 LEU A CD2 1 
ATOM   350  N N   . VAL A 1 46  ? -4.597  5.992   -7.507  1.00 16.81 ? 150 VAL A N   1 
ATOM   351  C CA  . VAL A 1 46  ? -5.931  6.058   -6.928  1.00 21.47 ? 150 VAL A CA  1 
ATOM   352  C C   . VAL A 1 46  ? -6.944  5.657   -7.995  1.00 23.75 ? 150 VAL A C   1 
ATOM   353  O O   . VAL A 1 46  ? -6.838  6.068   -9.157  1.00 22.98 ? 150 VAL A O   1 
ATOM   354  C CB  . VAL A 1 46  ? -6.208  7.473   -6.380  1.00 13.87 ? 150 VAL A CB  1 
ATOM   355  C CG1 . VAL A 1 46  ? -7.670  7.650   -6.035  1.00 15.42 ? 150 VAL A CG1 1 
ATOM   356  C CG2 . VAL A 1 46  ? -5.375  7.738   -5.158  1.00 15.69 ? 150 VAL A CG2 1 
ATOM   357  N N   . ASP A 1 47  ? -7.912  4.826   -7.603  1.00 17.40 ? 151 ASP A N   1 
ATOM   358  C CA  . ASP A 1 47  ? -8.981  4.235   -8.418  1.00 25.22 ? 151 ASP A CA  1 
ATOM   359  C C   . ASP A 1 47  ? -8.490  3.062   -9.246  1.00 27.06 ? 151 ASP A C   1 
ATOM   360  O O   . ASP A 1 47  ? -9.261  2.566   -10.093 1.00 22.43 ? 151 ASP A O   1 
ATOM   361  C CB  . ASP A 1 47  ? -9.654  5.222   -9.384  1.00 30.27 ? 151 ASP A CB  1 
ATOM   362  C CG  . ASP A 1 47  ? -10.206 6.430   -8.680  1.00 31.93 ? 151 ASP A CG  1 
ATOM   363  O OD1 . ASP A 1 47  ? -10.924 6.240   -7.673  1.00 26.75 ? 151 ASP A OD1 1 
ATOM   364  O OD2 . ASP A 1 47  ? -9.908  7.560   -9.125  1.00 37.83 ? 151 ASP A OD2 1 
ATOM   365  N N   . GLN A 1 48  ? -7.245  2.642   -9.094  1.00 15.31 ? 152 GLN A N   1 
ATOM   366  C CA  . GLN A 1 48  ? -6.781  1.411   -9.707  1.00 23.60 ? 152 GLN A CA  1 
ATOM   367  C C   . GLN A 1 48  ? -6.586  0.374   -8.620  1.00 19.82 ? 152 GLN A C   1 
ATOM   368  O O   . GLN A 1 48  ? -6.631  0.665   -7.422  1.00 16.54 ? 152 GLN A O   1 
ATOM   369  C CB  . GLN A 1 48  ? -5.471  1.607   -10.483 1.00 23.83 ? 152 GLN A CB  1 
ATOM   370  C CG  . GLN A 1 48  ? -5.490  2.705   -11.538 1.00 25.41 ? 152 GLN A CG  1 
ATOM   371  C CD  . GLN A 1 48  ? -6.239  2.289   -12.789 1.00 34.91 ? 152 GLN A CD  1 
ATOM   372  O OE1 . GLN A 1 48  ? -5.945  1.250   -13.386 1.00 44.26 ? 152 GLN A OE1 1 
ATOM   373  N NE2 . GLN A 1 48  ? -7.224  3.091   -13.185 1.00 44.12 ? 152 GLN A NE2 1 
ATOM   374  N N   . SER A 1 49  ? -6.366  -0.847  -9.051  1.00 19.09 ? 153 SER A N   1 
ATOM   375  C CA  . SER A 1 49  ? -6.124  -1.934  -8.132  1.00 21.47 ? 153 SER A CA  1 
ATOM   376  C C   . SER A 1 49  ? -4.632  -2.030  -7.856  1.00 24.32 ? 153 SER A C   1 
ATOM   377  O O   . SER A 1 49  ? -3.819  -1.866  -8.761  1.00 23.05 ? 153 SER A O   1 
ATOM   378  C CB  . SER A 1 49  ? -6.652  -3.250  -8.706  1.00 21.33 ? 153 SER A CB  1 
ATOM   379  O OG  . SER A 1 49  ? -6.364  -4.297  -7.809  1.00 18.81 ? 153 SER A OG  1 
ATOM   380  N N   . ILE A 1 50  ? -4.286  -2.310  -6.598  1.00 24.62 ? 154 ILE A N   1 
ATOM   381  C CA  . ILE A 1 50  ? -2.898  -2.536  -6.230  1.00 22.11 ? 154 ILE A CA  1 
ATOM   382  C C   . ILE A 1 50  ? -2.288  -3.642  -7.077  1.00 28.36 ? 154 ILE A C   1 
ATOM   383  O O   . ILE A 1 50  ? -1.076  -3.629  -7.373  1.00 22.24 ? 154 ILE A O   1 
ATOM   384  C CB  . ILE A 1 50  ? -2.807  -2.846  -4.720  1.00 22.02 ? 154 ILE A CB  1 
ATOM   385  C CG1 . ILE A 1 50  ? -1.354  -2.740  -4.267  1.00 20.42 ? 154 ILE A CG1 1 
ATOM   386  C CG2 . ILE A 1 50  ? -3.330  -4.242  -4.401  1.00 22.91 ? 154 ILE A CG2 1 
ATOM   387  C CD1 . ILE A 1 50  ? -0.832  -1.365  -4.415  1.00 29.93 ? 154 ILE A CD1 1 
ATOM   388  N N   . PHE A 1 51  ? -3.117  -4.602  -7.497  1.00 20.03 ? 155 PHE A N   1 
ATOM   389  C CA  . PHE A 1 51  ? -2.650  -5.758  -8.255  1.00 26.72 ? 155 PHE A CA  1 
ATOM   390  C C   . PHE A 1 51  ? -2.330  -5.404  -9.695  1.00 25.70 ? 155 PHE A C   1 
ATOM   391  O O   . PHE A 1 51  ? -1.628  -6.167  -10.365 1.00 26.74 ? 155 PHE A O   1 
ATOM   392  C CB  . PHE A 1 51  ? -3.697  -6.882  -8.194  1.00 23.60 ? 155 PHE A CB  1 
ATOM   393  C CG  . PHE A 1 51  ? -3.944  -7.377  -6.803  1.00 18.91 ? 155 PHE A CG  1 
ATOM   394  C CD1 . PHE A 1 51  ? -3.012  -8.170  -6.172  1.00 21.44 ? 155 PHE A CD1 1 
ATOM   395  C CD2 . PHE A 1 51  ? -5.089  -7.013  -6.109  1.00 23.90 ? 155 PHE A CD2 1 
ATOM   396  C CE1 . PHE A 1 51  ? -3.211  -8.618  -4.875  1.00 22.93 ? 155 PHE A CE1 1 
ATOM   397  C CE2 . PHE A 1 51  ? -5.306  -7.464  -4.800  1.00 21.88 ? 155 PHE A CE2 1 
ATOM   398  C CZ  . PHE A 1 51  ? -4.369  -8.262  -4.186  1.00 23.84 ? 155 PHE A CZ  1 
ATOM   399  N N   . ASN A 1 52  ? -2.818  -4.262  -10.183 1.00 24.52 ? 156 ASN A N   1 
ATOM   400  C CA  . ASN A 1 52  ? -2.313  -3.742  -11.443 1.00 27.81 ? 156 ASN A CA  1 
ATOM   401  C C   . ASN A 1 52  ? -0.824  -3.410  -11.377 1.00 24.17 ? 156 ASN A C   1 
ATOM   402  O O   . ASN A 1 52  ? -0.187  -3.267  -12.424 1.00 25.42 ? 156 ASN A O   1 
ATOM   403  C CB  . ASN A 1 52  ? -3.114  -2.510  -11.852 1.00 27.75 ? 156 ASN A CB  1 
ATOM   404  C CG  . ASN A 1 52  ? -4.483  -2.863  -12.375 1.00 38.56 ? 156 ASN A CG  1 
ATOM   405  O OD1 . ASN A 1 52  ? -5.505  -2.516  -11.779 1.00 34.12 ? 156 ASN A OD1 1 
ATOM   406  N ND2 . ASN A 1 52  ? -4.516  -3.568  -13.500 1.00 41.77 ? 156 ASN A ND2 1 
ATOM   407  N N   . PHE A 1 53  ? -0.258  -3.277  -10.178 1.00 18.57 ? 157 PHE A N   1 
ATOM   408  C CA  . PHE A 1 53  ? 1.133   -2.870  -10.028 1.00 25.84 ? 157 PHE A CA  1 
ATOM   409  C C   . PHE A 1 53  ? 1.997   -3.946  -9.411  1.00 28.77 ? 157 PHE A C   1 
ATOM   410  O O   . PHE A 1 53  ? 3.223   -3.792  -9.375  1.00 30.23 ? 157 PHE A O   1 
ATOM   411  C CB  . PHE A 1 53  ? 1.243   -1.592  -9.180  1.00 13.49 ? 157 PHE A CB  1 
ATOM   412  C CG  . PHE A 1 53  ? 0.483   -0.458  -9.755  1.00 22.08 ? 157 PHE A CG  1 
ATOM   413  C CD1 . PHE A 1 53  ? -0.852  -0.273  -9.426  1.00 17.96 ? 157 PHE A CD1 1 
ATOM   414  C CD2 . PHE A 1 53  ? 1.071   0.383   -10.679 1.00 20.72 ? 157 PHE A CD2 1 
ATOM   415  C CE1 . PHE A 1 53  ? -1.575  0.756   -9.980  1.00 17.46 ? 157 PHE A CE1 1 
ATOM   416  C CE2 . PHE A 1 53  ? 0.343   1.421   -11.244 1.00 30.43 ? 157 PHE A CE2 1 
ATOM   417  C CZ  . PHE A 1 53  ? -0.989  1.597   -10.891 1.00 24.21 ? 157 PHE A CZ  1 
ATOM   418  N N   . ILE A 1 54  ? 1.399   -5.028  -8.946  1.00 21.31 ? 158 ILE A N   1 
ATOM   419  C CA  . ILE A 1 54  ? 2.130   -6.159  -8.398  1.00 27.87 ? 158 ILE A CA  1 
ATOM   420  C C   . ILE A 1 54  ? 2.260   -7.198  -9.505  1.00 32.34 ? 158 ILE A C   1 
ATOM   421  O O   . ILE A 1 54  ? 1.279   -7.439  -10.221 1.00 32.84 ? 158 ILE A O   1 
ATOM   422  C CB  . ILE A 1 54  ? 1.418   -6.732  -7.166  1.00 25.26 ? 158 ILE A CB  1 
ATOM   423  C CG1 . ILE A 1 54  ? 1.107   -5.594  -6.186  1.00 18.04 ? 158 ILE A CG1 1 
ATOM   424  C CG2 . ILE A 1 54  ? 2.258   -7.830  -6.514  1.00 25.22 ? 158 ILE A CG2 1 
ATOM   425  C CD1 . ILE A 1 54  ? 0.497   -6.074  -4.856  1.00 26.55 ? 158 ILE A CD1 1 
ATOM   426  N N   . PRO A 1 55  ? 3.450   -7.757  -9.733  1.00 32.59 ? 159 PRO A N   1 
ATOM   427  C CA  . PRO A 1 55  ? 3.593   -8.836  -10.714 1.00 34.34 ? 159 PRO A CA  1 
ATOM   428  C C   . PRO A 1 55  ? 2.642   -9.980  -10.408 1.00 29.28 ? 159 PRO A C   1 
ATOM   429  O O   . PRO A 1 55  ? 2.427   -10.334 -9.244  1.00 27.13 ? 159 PRO A O   1 
ATOM   430  C CB  . PRO A 1 55  ? 5.056   -9.266  -10.552 1.00 31.31 ? 159 PRO A CB  1 
ATOM   431  C CG  . PRO A 1 55  ? 5.736   -8.072  -10.062 1.00 25.35 ? 159 PRO A CG  1 
ATOM   432  C CD  . PRO A 1 55  ? 4.752   -7.352  -9.172  1.00 29.02 ? 159 PRO A CD  1 
ATOM   433  N N   . GLU A 1 56  ? 2.086   -10.568 -11.474 1.00 26.39 ? 160 GLU A N   1 
ATOM   434  C CA  . GLU A 1 56  ? 0.977   -11.505 -11.305 1.00 35.11 ? 160 GLU A CA  1 
ATOM   435  C C   . GLU A 1 56  ? 1.345   -12.655 -10.376 1.00 26.89 ? 160 GLU A C   1 
ATOM   436  O O   . GLU A 1 56  ? 0.541   -13.049 -9.523  1.00 33.21 ? 160 GLU A O   1 
ATOM   437  C CB  . GLU A 1 56  ? 0.521   -12.036 -12.661 1.00 40.22 ? 160 GLU A CB  1 
ATOM   438  C CG  . GLU A 1 56  ? -0.656  -12.988 -12.566 1.00 45.48 ? 160 GLU A CG  1 
ATOM   439  C CD  . GLU A 1 56  ? -1.116  -13.486 -13.928 1.00 63.26 ? 160 GLU A CD  1 
ATOM   440  O OE1 . GLU A 1 56  ? -1.784  -12.710 -14.656 1.00 66.36 ? 160 GLU A OE1 1 
ATOM   441  O OE2 . GLU A 1 56  ? -0.801  -14.649 -14.269 1.00 62.82 ? 160 GLU A OE2 1 
ATOM   442  N N   . GLY A 1 57  ? 2.562   -13.193 -10.506 1.00 25.00 ? 161 GLY A N   1 
ATOM   443  C CA  . GLY A 1 57  ? 2.944   -14.337 -9.685  1.00 24.85 ? 161 GLY A CA  1 
ATOM   444  C C   . GLY A 1 57  ? 2.876   -14.087 -8.196  1.00 24.52 ? 161 GLY A C   1 
ATOM   445  O O   . GLY A 1 57  ? 2.840   -15.047 -7.414  1.00 25.37 ? 161 GLY A O   1 
ATOM   446  N N   . GLU A 1 58  ? 2.840   -12.818 -7.779  1.00 25.19 ? 162 GLU A N   1 
ATOM   447  C CA  . GLU A 1 58  ? 2.771   -12.485 -6.364  1.00 25.78 ? 162 GLU A CA  1 
ATOM   448  C C   . GLU A 1 58  ? 1.339   -12.356 -5.832  1.00 24.15 ? 162 GLU A C   1 
ATOM   449  O O   . GLU A 1 58  ? 1.140   -12.430 -4.615  1.00 24.49 ? 162 GLU A O   1 
ATOM   450  C CB  . GLU A 1 58  ? 3.565   -11.187 -6.117  1.00 27.69 ? 162 GLU A CB  1 
ATOM   451  C CG  . GLU A 1 58  ? 5.087   -11.426 -6.164  1.00 24.09 ? 162 GLU A CG  1 
ATOM   452  C CD  . GLU A 1 58  ? 5.927   -10.169 -6.048  1.00 28.72 ? 162 GLU A CD  1 
ATOM   453  O OE1 . GLU A 1 58  ? 5.382   -9.046  -6.130  1.00 27.60 ? 162 GLU A OE1 1 
ATOM   454  O OE2 . GLU A 1 58  ? 7.160   -10.310 -5.889  1.00 33.70 ? 162 GLU A OE2 1 
ATOM   455  N N   . HIS A 1 59  ? 0.343   -12.200 -6.712  1.00 25.21 ? 163 HIS A N   1 
ATOM   456  C CA  . HIS A 1 59  ? -1.001  -11.806 -6.284  1.00 31.83 ? 163 HIS A CA  1 
ATOM   457  C C   . HIS A 1 59  ? -1.567  -12.762 -5.247  1.00 29.92 ? 163 HIS A C   1 
ATOM   458  O O   . HIS A 1 59  ? -2.098  -12.336 -4.211  1.00 27.27 ? 163 HIS A O   1 
ATOM   459  C CB  . HIS A 1 59  ? -1.944  -11.736 -7.489  1.00 26.31 ? 163 HIS A CB  1 
ATOM   460  C CG  . HIS A 1 59  ? -1.616  -10.640 -8.444  1.00 24.53 ? 163 HIS A CG  1 
ATOM   461  N ND1 . HIS A 1 59  ? -2.469  -10.257 -9.457  1.00 32.40 ? 163 HIS A ND1 1 
ATOM   462  C CD2 . HIS A 1 59  ? -0.528  -9.837  -8.539  1.00 23.80 ? 163 HIS A CD2 1 
ATOM   463  C CE1 . HIS A 1 59  ? -1.914  -9.272  -10.144 1.00 32.90 ? 163 HIS A CE1 1 
ATOM   464  N NE2 . HIS A 1 59  ? -0.735  -9.001  -9.607  1.00 27.73 ? 163 HIS A NE2 1 
ATOM   465  N N   . SER A 1 60  ? -1.469  -14.063 -5.518  1.00 29.37 ? 164 SER A N   1 
ATOM   466  C CA  . SER A 1 60  ? -2.059  -15.063 -4.636  1.00 34.08 ? 164 SER A CA  1 
ATOM   467  C C   . SER A 1 60  ? -1.577  -14.893 -3.199  1.00 29.29 ? 164 SER A C   1 
ATOM   468  O O   . SER A 1 60  ? -2.381  -14.833 -2.265  1.00 26.62 ? 164 SER A O   1 
ATOM   469  C CB  . SER A 1 60  ? -1.738  -16.465 -5.171  1.00 36.99 ? 164 SER A CB  1 
ATOM   470  O OG  . SER A 1 60  ? -2.382  -17.469 -4.404  1.00 45.75 ? 164 SER A OG  1 
ATOM   471  N N   . GLU A 1 61  ? -0.261  -14.766 -3.015  1.00 37.24 ? 165 GLU A N   1 
ATOM   472  C CA  . GLU A 1 61  ? 0.316   -14.696 -1.672  1.00 38.04 ? 165 GLU A CA  1 
ATOM   473  C C   . GLU A 1 61  ? 0.019   -13.370 -0.971  1.00 29.99 ? 165 GLU A C   1 
ATOM   474  O O   . GLU A 1 61  ? -0.091  -13.337 0.259   1.00 23.48 ? 165 GLU A O   1 
ATOM   475  C CB  . GLU A 1 61  ? 1.834   -14.901 -1.745  1.00 46.93 ? 165 GLU A CB  1 
ATOM   476  C CG  . GLU A 1 61  ? 2.263   -16.318 -2.088  1.00 50.29 ? 165 GLU A CG  1 
ATOM   477  C CD  . GLU A 1 61  ? 2.229   -17.227 -0.882  1.00 61.39 ? 165 GLU A CD  1 
ATOM   478  O OE1 . GLU A 1 61  ? 3.199   -17.199 -0.090  1.00 74.80 ? 165 GLU A OE1 1 
ATOM   479  O OE2 . GLU A 1 61  ? 1.223   -17.954 -0.718  1.00 68.62 ? 165 GLU A OE2 1 
ATOM   480  N N   . VAL A 1 62  ? -0.045  -12.265 -1.716  1.00 31.48 ? 166 VAL A N   1 
ATOM   481  C CA  . VAL A 1 62  ? -0.395  -10.991 -1.099  1.00 26.17 ? 166 VAL A CA  1 
ATOM   482  C C   . VAL A 1 62  ? -1.823  -11.033 -0.581  1.00 24.29 ? 166 VAL A C   1 
ATOM   483  O O   . VAL A 1 62  ? -2.078  -10.710 0.583   1.00 24.74 ? 166 VAL A O   1 
ATOM   484  C CB  . VAL A 1 62  ? -0.178  -9.826  -2.082  1.00 28.57 ? 166 VAL A CB  1 
ATOM   485  C CG1 . VAL A 1 62  ? -0.676  -8.500  -1.450  1.00 14.65 ? 166 VAL A CG1 1 
ATOM   486  C CG2 . VAL A 1 62  ? 1.298   -9.755  -2.465  1.00 22.37 ? 166 VAL A CG2 1 
ATOM   487  N N   . TYR A 1 63  ? -2.777  -11.455 -1.428  1.00 29.52 ? 167 TYR A N   1 
ATOM   488  C CA  . TYR A 1 63  ? -4.170  -11.517 -0.977  1.00 28.44 ? 167 TYR A CA  1 
ATOM   489  C C   . TYR A 1 63  ? -4.341  -12.501 0.160   1.00 24.86 ? 167 TYR A C   1 
ATOM   490  O O   . TYR A 1 63  ? -5.079  -12.235 1.122   1.00 20.88 ? 167 TYR A O   1 
ATOM   491  C CB  . TYR A 1 63  ? -5.114  -11.900 -2.113  1.00 32.34 ? 167 TYR A CB  1 
ATOM   492  C CG  . TYR A 1 63  ? -6.563  -11.624 -1.752  1.00 34.84 ? 167 TYR A CG  1 
ATOM   493  C CD1 . TYR A 1 63  ? -7.045  -10.326 -1.718  1.00 33.43 ? 167 TYR A CD1 1 
ATOM   494  C CD2 . TYR A 1 63  ? -7.437  -12.656 -1.403  1.00 35.76 ? 167 TYR A CD2 1 
ATOM   495  C CE1 . TYR A 1 63  ? -8.364  -10.052 -1.364  1.00 38.16 ? 167 TYR A CE1 1 
ATOM   496  C CE2 . TYR A 1 63  ? -8.771  -12.391 -1.040  1.00 31.02 ? 167 TYR A CE2 1 
ATOM   497  C CZ  . TYR A 1 63  ? -9.222  -11.080 -1.024  1.00 42.56 ? 167 TYR A CZ  1 
ATOM   498  O OH  . TYR A 1 63  ? -10.534 -10.775 -0.683  1.00 47.93 ? 167 TYR A OH  1 
ATOM   499  N N   . LYS A 1 64  ? -3.675  -13.656 0.059   1.00 28.54 ? 168 LYS A N   1 
ATOM   500  C CA  . LYS A 1 64  ? -3.746  -14.647 1.123   1.00 26.30 ? 168 LYS A CA  1 
ATOM   501  C C   . LYS A 1 64  ? -3.292  -14.052 2.439   1.00 26.75 ? 168 LYS A C   1 
ATOM   502  O O   . LYS A 1 64  ? -3.973  -14.177 3.463   1.00 26.62 ? 168 LYS A O   1 
ATOM   503  C CB  . LYS A 1 64  ? -2.892  -15.864 0.766   1.00 38.59 ? 168 LYS A CB  1 
ATOM   504  C CG  . LYS A 1 64  ? -3.130  -17.060 1.675   1.00 44.09 ? 168 LYS A CG  1 
ATOM   505  C CD  . LYS A 1 64  ? -2.515  -18.323 1.083   1.00 56.84 ? 168 LYS A CD  1 
ATOM   506  C CE  . LYS A 1 64  ? -2.544  -19.478 2.079   1.00 56.29 ? 168 LYS A CE  1 
ATOM   507  N NZ  . LYS A 1 64  ? -3.802  -20.270 1.984   1.00 63.33 ? 168 LYS A NZ  1 
ATOM   508  N N   . ILE A 1 65  ? -2.140  -13.377 2.421   1.00 26.43 ? 169 ILE A N   1 
ATOM   509  C CA  . ILE A 1 65  ? -1.569  -12.847 3.648   1.00 26.91 ? 169 ILE A CA  1 
ATOM   510  C C   . ILE A 1 65  ? -2.413  -11.694 4.207   1.00 21.10 ? 169 ILE A C   1 
ATOM   511  O O   . ILE A 1 65  ? -2.555  -11.571 5.428   1.00 22.99 ? 169 ILE A O   1 
ATOM   512  C CB  . ILE A 1 65  ? -0.089  -12.489 3.384   1.00 30.62 ? 169 ILE A CB  1 
ATOM   513  C CG1 . ILE A 1 65  ? 0.764   -12.767 4.617   1.00 30.87 ? 169 ILE A CG1 1 
ATOM   514  C CG2 . ILE A 1 65  ? 0.096   -11.085 2.892   1.00 27.06 ? 169 ILE A CG2 1 
ATOM   515  C CD1 . ILE A 1 65  ? 2.206   -12.798 4.287   1.00 29.99 ? 169 ILE A CD1 1 
ATOM   516  N N   . LEU A 1 66  ? -3.040  -10.874 3.347   1.00 23.20 ? 170 LEU A N   1 
ATOM   517  C CA  . LEU A 1 66  ? -4.012  -9.877  3.829   1.00 28.76 ? 170 LEU A CA  1 
ATOM   518  C C   . LEU A 1 66  ? -5.268  -10.535 4.422   1.00 27.60 ? 170 LEU A C   1 
ATOM   519  O O   . LEU A 1 66  ? -5.688  -10.204 5.541   1.00 23.95 ? 170 LEU A O   1 
ATOM   520  C CB  . LEU A 1 66  ? -4.413  -8.922  2.692   1.00 19.58 ? 170 LEU A CB  1 
ATOM   521  C CG  . LEU A 1 66  ? -3.425  -7.876  2.138   1.00 14.97 ? 170 LEU A CG  1 
ATOM   522  C CD1 . LEU A 1 66  ? -3.855  -7.378  0.758   1.00 17.71 ? 170 LEU A CD1 1 
ATOM   523  C CD2 . LEU A 1 66  ? -3.358  -6.703  3.048   1.00 15.02 ? 170 LEU A CD2 1 
ATOM   524  N N   . SER A 1 67  ? -5.911  -11.435 3.666   1.00 29.96 ? 171 SER A N   1 
ATOM   525  C CA  . SER A 1 67  ? -7.092  -12.155 4.149   1.00 26.32 ? 171 SER A CA  1 
ATOM   526  C C   . SER A 1 67  ? -6.835  -12.798 5.505   1.00 31.57 ? 171 SER A C   1 
ATOM   527  O O   . SER A 1 67  ? -7.567  -12.573 6.479   1.00 29.95 ? 171 SER A O   1 
ATOM   528  C CB  . SER A 1 67  ? -7.484  -13.246 3.151   1.00 20.93 ? 171 SER A CB  1 
ATOM   529  O OG  . SER A 1 67  ? -7.789  -12.698 1.890   1.00 38.66 ? 171 SER A OG  1 
ATOM   530  N N   . THR A 1 68  ? -5.794  -13.626 5.561   1.00 26.04 ? 172 THR A N   1 
ATOM   531  C CA  . THR A 1 68  ? -5.430  -14.299 6.795   1.00 29.67 ? 172 THR A CA  1 
ATOM   532  C C   . THR A 1 68  ? -5.289  -13.318 7.943   1.00 31.29 ? 172 THR A C   1 
ATOM   533  O O   . THR A 1 68  ? -5.723  -13.599 9.066   1.00 38.69 ? 172 THR A O   1 
ATOM   534  C CB  . THR A 1 68  ? -4.122  -15.056 6.585   1.00 34.10 ? 172 THR A CB  1 
ATOM   535  O OG1 . THR A 1 68  ? -4.267  -15.943 5.463   1.00 25.88 ? 172 THR A OG1 1 
ATOM   536  C CG2 . THR A 1 68  ? -3.738  -15.819 7.854   1.00 27.39 ? 172 THR A CG2 1 
ATOM   537  N N   . HIS A 1 69  ? -4.691  -12.152 7.678   1.00 28.88 ? 173 HIS A N   1 
ATOM   538  C CA  . HIS A 1 69  ? -4.535  -11.165 8.738   1.00 29.26 ? 173 HIS A CA  1 
ATOM   539  C C   . HIS A 1 69  ? -5.876  -10.587 9.170   1.00 32.52 ? 173 HIS A C   1 
ATOM   540  O O   . HIS A 1 69  ? -6.093  -10.352 10.365  1.00 31.62 ? 173 HIS A O   1 
ATOM   541  C CB  . HIS A 1 69  ? -3.602  -10.041 8.301   1.00 26.83 ? 173 HIS A CB  1 
ATOM   542  C CG  . HIS A 1 69  ? -3.292  -9.082  9.406   1.00 32.88 ? 173 HIS A CG  1 
ATOM   543  N ND1 . HIS A 1 69  ? -2.507  -9.427  10.486  1.00 31.07 ? 173 HIS A ND1 1 
ATOM   544  C CD2 . HIS A 1 69  ? -3.685  -7.805  9.622   1.00 28.79 ? 173 HIS A CD2 1 
ATOM   545  C CE1 . HIS A 1 69  ? -2.407  -8.396  11.305  1.00 30.22 ? 173 HIS A CE1 1 
ATOM   546  N NE2 . HIS A 1 69  ? -3.123  -7.402  10.810  1.00 32.44 ? 173 HIS A NE2 1 
ATOM   547  N N   . LEU A 1 70  ? -6.780  -10.320 8.219   1.00 34.06 ? 174 LEU A N   1 
ATOM   548  C CA  . LEU A 1 70  ? -8.068  -9.742  8.603   1.00 31.50 ? 174 LEU A CA  1 
ATOM   549  C C   . LEU A 1 70  ? -8.865  -10.705 9.476   1.00 33.06 ? 174 LEU A C   1 
ATOM   550  O O   . LEU A 1 70  ? -9.551  -10.279 10.417  1.00 27.35 ? 174 LEU A O   1 
ATOM   551  C CB  . LEU A 1 70  ? -8.870  -9.349  7.360   1.00 32.85 ? 174 LEU A CB  1 
ATOM   552  C CG  . LEU A 1 70  ? -10.278 -8.798  7.644   1.00 31.46 ? 174 LEU A CG  1 
ATOM   553  C CD1 . LEU A 1 70  ? -10.209 -7.693  8.686   1.00 28.57 ? 174 LEU A CD1 1 
ATOM   554  C CD2 . LEU A 1 70  ? -10.931 -8.288  6.370   1.00 31.32 ? 174 LEU A CD2 1 
ATOM   555  N N   . LEU A 1 71  ? -8.743  -12.008 9.212   1.00 35.81 ? 175 LEU A N   1 
ATOM   556  C CA  . LEU A 1 71  ? -9.413  -13.015 10.033  1.00 43.20 ? 175 LEU A CA  1 
ATOM   557  C C   . LEU A 1 71  ? -9.066  -12.904 11.510  1.00 43.90 ? 175 LEU A C   1 
ATOM   558  O O   . LEU A 1 71  ? -9.764  -13.491 12.341  1.00 46.64 ? 175 LEU A O   1 
ATOM   559  C CB  . LEU A 1 71  ? -9.046  -14.413 9.553   1.00 35.67 ? 175 LEU A CB  1 
ATOM   560  C CG  . LEU A 1 71  ? -9.721  -14.830 8.258   1.00 40.60 ? 175 LEU A CG  1 
ATOM   561  C CD1 . LEU A 1 71  ? -9.242  -16.222 7.885   1.00 40.27 ? 175 LEU A CD1 1 
ATOM   562  C CD2 . LEU A 1 71  ? -11.226 -14.779 8.458   1.00 31.26 ? 175 LEU A CD2 1 
ATOM   563  N N   . GLU A 1 72  ? -8.007  -12.176 11.859  1.00 41.21 ? 176 GLU A N   1 
ATOM   564  C CA  . GLU A 1 72  ? -7.628  -12.073 13.255  1.00 49.29 ? 176 GLU A CA  1 
ATOM   565  C C   . GLU A 1 72  ? -8.546  -11.142 14.026  1.00 49.47 ? 176 GLU A C   1 
ATOM   566  O O   . GLU A 1 72  ? -8.580  -11.211 15.257  1.00 63.98 ? 176 GLU A O   1 
ATOM   567  C CB  . GLU A 1 72  ? -6.168  -11.634 13.358  1.00 48.26 ? 176 GLU A CB  1 
ATOM   568  C CG  . GLU A 1 72  ? -5.223  -12.649 12.720  1.00 40.90 ? 176 GLU A CG  1 
ATOM   569  C CD  . GLU A 1 72  ? -3.763  -12.298 12.899  1.00 49.16 ? 176 GLU A CD  1 
ATOM   570  O OE1 . GLU A 1 72  ? -3.483  -11.295 13.590  1.00 52.26 ? 176 GLU A OE1 1 
ATOM   571  O OE2 . GLU A 1 72  ? -2.901  -13.022 12.347  1.00 45.71 ? 176 GLU A OE2 1 
ATOM   572  N N   . SER A 1 73  ? -9.295  -10.283 13.344  1.00 54.76 ? 177 SER A N   1 
ATOM   573  C CA  . SER A 1 73  ? -10.371 -9.578  14.023  1.00 56.81 ? 177 SER A CA  1 
ATOM   574  C C   . SER A 1 73  ? -11.408 -10.585 14.496  1.00 56.35 ? 177 SER A C   1 
ATOM   575  O O   . SER A 1 73  ? -11.670 -11.590 13.827  1.00 53.54 ? 177 SER A O   1 
ATOM   576  C CB  . SER A 1 73  ? -11.016 -8.545  13.101  1.00 48.73 ? 177 SER A CB  1 
ATOM   577  O OG  . SER A 1 73  ? -10.403 -7.277  13.272  1.00 61.29 ? 177 SER A OG  1 
ATOM   578  N N   . ASP A 1 74  ? -11.989 -10.323 15.668  1.00 60.31 ? 178 ASP A N   1 
ATOM   579  C CA  . ASP A 1 74  ? -12.902 -11.300 16.254  1.00 59.09 ? 178 ASP A CA  1 
ATOM   580  C C   . ASP A 1 74  ? -14.253 -11.284 15.548  1.00 65.36 ? 178 ASP A C   1 
ATOM   581  O O   . ASP A 1 74  ? -14.829 -12.348 15.280  1.00 59.30 ? 178 ASP A O   1 
ATOM   582  C CB  . ASP A 1 74  ? -13.036 -11.044 17.757  1.00 70.76 ? 178 ASP A CB  1 
ATOM   583  C CG  . ASP A 1 74  ? -11.691 -11.137 18.487  1.00 66.48 ? 178 ASP A CG  1 
ATOM   584  O OD1 . ASP A 1 74  ? -10.932 -12.094 18.221  1.00 69.63 ? 178 ASP A OD1 1 
ATOM   585  O OD2 . ASP A 1 74  ? -11.381 -10.249 19.313  1.00 59.74 ? 178 ASP A OD2 1 
ATOM   586  N N   . SER A 1 75  ? -14.755 -10.095 15.211  1.00 60.14 ? 179 SER A N   1 
ATOM   587  C CA  . SER A 1 75  ? -15.864 -9.948  14.284  1.00 54.46 ? 179 SER A CA  1 
ATOM   588  C C   . SER A 1 75  ? -15.414 -9.143  13.069  1.00 47.77 ? 179 SER A C   1 
ATOM   589  O O   . SER A 1 75  ? -14.473 -8.349  13.127  1.00 43.01 ? 179 SER A O   1 
ATOM   590  C CB  . SER A 1 75  ? -17.082 -9.275  14.941  1.00 50.08 ? 179 SER A CB  1 
ATOM   591  O OG  . SER A 1 75  ? -16.806 -7.932  15.319  1.00 50.19 ? 179 SER A OG  1 
ATOM   592  N N   . LEU A 1 76  ? -16.110 -9.361  11.961  1.00 37.57 ? 180 LEU A N   1 
ATOM   593  C CA  . LEU A 1 76  ? -15.905 -8.606  10.740  1.00 34.68 ? 180 LEU A CA  1 
ATOM   594  C C   . LEU A 1 76  ? -16.970 -7.538  10.520  1.00 32.73 ? 180 LEU A C   1 
ATOM   595  O O   . LEU A 1 76  ? -17.074 -6.993  9.416   1.00 40.38 ? 180 LEU A O   1 
ATOM   596  C CB  . LEU A 1 76  ? -15.856 -9.561  9.555   1.00 27.94 ? 180 LEU A CB  1 
ATOM   597  C CG  . LEU A 1 76  ? -14.750 -10.592 9.737   1.00 29.45 ? 180 LEU A CG  1 
ATOM   598  C CD1 . LEU A 1 76  ? -14.825 -11.573 8.623   1.00 31.51 ? 180 LEU A CD1 1 
ATOM   599  C CD2 . LEU A 1 76  ? -13.342 -9.935  9.780   1.00 30.79 ? 180 LEU A CD2 1 
ATOM   600  N N   . THR A 1 77  ? -17.750 -7.221  11.525  1.00 32.20 ? 181 THR A N   1 
ATOM   601  C CA  . THR A 1 77  ? -18.673 -6.111  11.358  1.00 43.93 ? 181 THR A CA  1 
ATOM   602  C C   . THR A 1 77  ? -17.908 -4.793  11.500  1.00 46.84 ? 181 THR A C   1 
ATOM   603  O O   . THR A 1 77  ? -17.195 -4.599  12.492  1.00 38.87 ? 181 THR A O   1 
ATOM   604  C CB  . THR A 1 77  ? -19.829 -6.209  12.357  1.00 38.44 ? 181 THR A CB  1 
ATOM   605  O OG1 . THR A 1 77  ? -20.611 -5.006  12.312  1.00 49.13 ? 181 THR A OG1 1 
ATOM   606  C CG2 . THR A 1 77  ? -19.325 -6.465  13.779  1.00 48.97 ? 181 THR A CG2 1 
ATOM   607  N N   . PRO A 1 78  ? -18.018 -3.880  10.530  1.00 41.35 ? 182 PRO A N   1 
ATOM   608  C CA  . PRO A 1 78  ? -17.043 -2.781  10.447  1.00 42.53 ? 182 PRO A CA  1 
ATOM   609  C C   . PRO A 1 78  ? -17.017 -1.884  11.666  1.00 47.93 ? 182 PRO A C   1 
ATOM   610  O O   . PRO A 1 78  ? -15.933 -1.467  12.098  1.00 47.20 ? 182 PRO A O   1 
ATOM   611  C CB  . PRO A 1 78  ? -17.492 -2.022  9.191   1.00 42.88 ? 182 PRO A CB  1 
ATOM   612  C CG  . PRO A 1 78  ? -18.313 -2.998  8.404   1.00 34.73 ? 182 PRO A CG  1 
ATOM   613  C CD  . PRO A 1 78  ? -19.019 -3.806  9.456   1.00 48.14 ? 182 PRO A CD  1 
ATOM   614  N N   . GLU A 1 79  ? -18.183 -1.578  12.236  1.00 43.54 ? 183 GLU A N   1 
ATOM   615  C CA  . GLU A 1 79  ? -18.234 -0.776  13.452  1.00 49.78 ? 183 GLU A CA  1 
ATOM   616  C C   . GLU A 1 79  ? -17.434 -1.415  14.586  1.00 56.52 ? 183 GLU A C   1 
ATOM   617  O O   . GLU A 1 79  ? -16.923 -0.702  15.455  1.00 55.70 ? 183 GLU A O   1 
ATOM   618  C CB  . GLU A 1 79  ? -19.696 -0.576  13.849  1.00 52.60 ? 183 GLU A CB  1 
ATOM   619  C CG  . GLU A 1 79  ? -19.945 -0.066  15.254  1.00 54.57 ? 183 GLU A CG  1 
ATOM   620  C CD  . GLU A 1 79  ? -21.316 -0.487  15.799  1.00 69.61 ? 183 GLU A CD  1 
ATOM   621  O OE1 . GLU A 1 79  ? -22.187 -0.933  15.006  1.00 55.86 ? 183 GLU A OE1 1 
ATOM   622  O OE2 . GLU A 1 79  ? -21.524 -0.360  17.026  1.00 71.12 ? 183 GLU A OE2 1 
ATOM   623  N N   . TYR A 1 80  ? -17.291 -2.745  14.579  1.00 47.87 ? 184 TYR A N   1 
ATOM   624  C CA  . TYR A 1 80  ? -16.581 -3.468  15.630  1.00 55.62 ? 184 TYR A CA  1 
ATOM   625  C C   . TYR A 1 80  ? -15.379 -4.255  15.106  1.00 61.15 ? 184 TYR A C   1 
ATOM   626  O O   . TYR A 1 80  ? -15.297 -5.465  15.344  1.00 58.80 ? 184 TYR A O   1 
ATOM   627  C CB  . TYR A 1 80  ? -17.515 -4.465  16.326  1.00 57.91 ? 184 TYR A CB  1 
ATOM   628  C CG  . TYR A 1 80  ? -18.764 -3.902  16.973  1.00 63.01 ? 184 TYR A CG  1 
ATOM   629  C CD1 . TYR A 1 80  ? -18.691 -2.986  18.019  1.00 64.43 ? 184 TYR A CD1 1 
ATOM   630  C CD2 . TYR A 1 80  ? -20.022 -4.324  16.559  1.00 68.15 ? 184 TYR A CD2 1 
ATOM   631  C CE1 . TYR A 1 80  ? -19.840 -2.493  18.622  1.00 56.26 ? 184 TYR A CE1 1 
ATOM   632  C CE2 . TYR A 1 80  ? -21.175 -3.835  17.148  1.00 68.58 ? 184 TYR A CE2 1 
ATOM   633  C CZ  . TYR A 1 80  ? -21.079 -2.926  18.180  1.00 71.04 ? 184 TYR A CZ  1 
ATOM   634  O OH  . TYR A 1 80  ? -22.235 -2.443  18.754  1.00 74.72 ? 184 TYR A OH  1 
ATOM   635  N N   . LEU A 1 81  ? -14.431 -3.607  14.416  1.00 53.33 ? 185 LEU A N   1 
ATOM   636  C CA  . LEU A 1 81  ? -13.362 -4.343  13.752  1.00 48.95 ? 185 LEU A CA  1 
ATOM   637  C C   . LEU A 1 81  ? -12.063 -4.182  14.521  1.00 53.22 ? 185 LEU A C   1 
ATOM   638  O O   . LEU A 1 81  ? -11.761 -5.012  15.405  1.00 53.17 ? 185 LEU A O   1 
ATOM   639  C CB  . LEU A 1 81  ? -13.261 -3.905  12.285  1.00 46.16 ? 185 LEU A CB  1 
ATOM   640  C CG  . LEU A 1 81  ? -12.200 -4.618  11.452  1.00 38.83 ? 185 LEU A CG  1 
ATOM   641  C CD1 . LEU A 1 81  ? -12.721 -5.949  10.975  1.00 38.14 ? 185 LEU A CD1 1 
ATOM   642  C CD2 . LEU A 1 81  ? -11.785 -3.746  10.290  1.00 35.05 ? 185 LEU A CD2 1 
ATOM   643  N N   . LYS A 1 82  ? -11.232 -3.185  14.211  1.00 54.43 ? 186 LYS A N   1 
ATOM   644  C CA  . LYS A 1 82  ? -9.948  -2.923  14.873  1.00 65.57 ? 186 LYS A CA  1 
ATOM   645  C C   . LYS A 1 82  ? -8.911  -4.038  14.702  1.00 59.37 ? 186 LYS A C   1 
ATOM   646  O O   . LYS A 1 82  ? -9.020  -5.114  15.304  1.00 53.89 ? 186 LYS A O   1 
ATOM   647  C CB  . LYS A 1 82  ? -10.160 -2.633  16.367  1.00 60.88 ? 186 LYS A CB  1 
ATOM   648  C CG  . LYS A 1 82  ? -8.908  -2.141  17.108  1.00 60.99 ? 186 LYS A CG  1 
ATOM   649  C CD  . LYS A 1 82  ? -8.052  -1.186  16.258  1.00 58.11 ? 186 LYS A CD  1 
ATOM   650  C CE  . LYS A 1 82  ? -7.503  -0.001  17.066  1.00 48.08 ? 186 LYS A CE  1 
ATOM   651  N NZ  . LYS A 1 82  ? -7.163  -0.314  18.493  1.00 38.43 ? 186 LYS A NZ  1 
ATOM   652  N N   . SER A 1 83  ? -7.883  -3.765  13.891  1.00 64.85 ? 187 SER A N   1 
ATOM   653  C CA  . SER A 1 83  ? -6.743  -4.668  13.766  1.00 57.04 ? 187 SER A CA  1 
ATOM   654  C C   . SER A 1 83  ? -6.046  -4.784  15.116  1.00 58.65 ? 187 SER A C   1 
ATOM   655  O O   . SER A 1 83  ? -5.759  -3.774  15.767  1.00 49.10 ? 187 SER A O   1 
ATOM   656  C CB  . SER A 1 83  ? -5.764  -4.137  12.706  1.00 53.55 ? 187 SER A CB  1 
ATOM   657  O OG  . SER A 1 83  ? -5.066  -5.166  12.010  1.00 50.15 ? 187 SER A OG  1 
ATOM   658  N N   . LYS A 1 84  ? -5.785  -6.021  15.547  1.00 58.85 ? 188 LYS A N   1 
ATOM   659  C CA  . LYS A 1 84  ? -5.125  -6.211  16.835  1.00 55.54 ? 188 LYS A CA  1 
ATOM   660  C C   . LYS A 1 84  ? -3.662  -5.777  16.771  1.00 55.31 ? 188 LYS A C   1 
ATOM   661  O O   . LYS A 1 84  ? -3.159  -5.134  17.700  1.00 50.32 ? 188 LYS A O   1 
ATOM   662  C CB  . LYS A 1 84  ? -5.251  -7.668  17.286  1.00 61.62 ? 188 LYS A CB  1 
ATOM   663  C CG  . LYS A 1 84  ? -6.662  -8.251  17.160  1.00 59.71 ? 188 LYS A CG  1 
ATOM   664  C CD  . LYS A 1 84  ? -6.970  -9.244  18.277  1.00 54.29 ? 188 LYS A CD  1 
ATOM   665  C CE  . LYS A 1 84  ? -8.465  -9.290  18.606  1.00 65.26 ? 188 LYS A CE  1 
ATOM   666  N NZ  . LYS A 1 84  ? -9.352  -8.860  17.470  1.00 67.67 ? 188 LYS A NZ  1 
ATOM   667  N N   . ASN A 1 85  ? -2.967  -6.098  15.679  1.00 54.95 ? 189 ASN A N   1 
ATOM   668  C CA  . ASN A 1 85  ? -1.610  -5.609  15.482  1.00 43.02 ? 189 ASN A CA  1 
ATOM   669  C C   . ASN A 1 85  ? -1.296  -5.561  13.993  1.00 40.77 ? 189 ASN A C   1 
ATOM   670  O O   . ASN A 1 85  ? -2.083  -6.005  13.149  1.00 39.70 ? 189 ASN A O   1 
ATOM   671  C CB  . ASN A 1 85  ? -0.585  -6.461  16.248  1.00 42.69 ? 189 ASN A CB  1 
ATOM   672  C CG  . ASN A 1 85  ? -0.810  -7.946  16.083  1.00 52.27 ? 189 ASN A CG  1 
ATOM   673  O OD1 . ASN A 1 85  ? -1.140  -8.430  14.991  1.00 49.48 ? 189 ASN A OD1 1 
ATOM   674  N ND2 . ASN A 1 85  ? -0.620  -8.688  17.166  1.00 45.92 ? 189 ASN A ND2 1 
ATOM   675  N N   . GLN A 1 86  ? -0.115  -5.029  13.685  1.00 35.43 ? 190 GLN A N   1 
ATOM   676  C CA  . GLN A 1 86  ? 0.247   -4.668  12.323  1.00 33.60 ? 190 GLN A CA  1 
ATOM   677  C C   . GLN A 1 86  ? 0.594   -5.891  11.487  1.00 32.20 ? 190 GLN A C   1 
ATOM   678  O O   . GLN A 1 86  ? 1.095   -6.902  11.989  1.00 33.93 ? 190 GLN A O   1 
ATOM   679  C CB  . GLN A 1 86  ? 1.433   -3.696  12.314  1.00 33.27 ? 190 GLN A CB  1 
ATOM   680  C CG  . GLN A 1 86  ? 1.200   -2.387  13.094  1.00 33.27 ? 190 GLN A CG  1 
ATOM   681  C CD  . GLN A 1 86  ? 2.181   -1.282  12.691  1.00 45.12 ? 190 GLN A CD  1 
ATOM   682  O OE1 . GLN A 1 86  ? 3.328   -1.249  13.147  1.00 46.30 ? 190 GLN A OE1 1 
ATOM   683  N NE2 . GLN A 1 86  ? 1.732   -0.378  11.831  1.00 41.85 ? 190 GLN A NE2 1 
ATOM   684  N N   . LEU A 1 87  ? 0.314   -5.779  10.194  1.00 27.40 ? 191 LEU A N   1 
ATOM   685  C CA  . LEU A 1 87  ? 0.695   -6.763  9.199   1.00 28.19 ? 191 LEU A CA  1 
ATOM   686  C C   . LEU A 1 87  ? 1.921   -6.275  8.436   1.00 30.29 ? 191 LEU A C   1 
ATOM   687  O O   . LEU A 1 87  ? 2.058   -5.078  8.154   1.00 22.49 ? 191 LEU A O   1 
ATOM   688  C CB  . LEU A 1 87  ? -0.462  -7.016  8.229   1.00 16.78 ? 191 LEU A CB  1 
ATOM   689  C CG  . LEU A 1 87  ? -0.179  -7.926  7.042   1.00 19.63 ? 191 LEU A CG  1 
ATOM   690  C CD1 . LEU A 1 87  ? 0.078   -9.353  7.500   1.00 32.32 ? 191 LEU A CD1 1 
ATOM   691  C CD2 . LEU A 1 87  ? -1.327  -7.869  6.011   1.00 20.66 ? 191 LEU A CD2 1 
ATOM   692  N N   . GLU A 1 88  ? 2.807   -7.209  8.091   1.00 30.55 ? 192 GLU A N   1 
ATOM   693  C CA  . GLU A 1 88  ? 4.028   -6.897  7.364   1.00 25.62 ? 192 GLU A CA  1 
ATOM   694  C C   . GLU A 1 88  ? 4.205   -7.870  6.207   1.00 29.34 ? 192 GLU A C   1 
ATOM   695  O O   . GLU A 1 88  ? 4.015   -9.077  6.369   1.00 31.17 ? 192 GLU A O   1 
ATOM   696  C CB  . GLU A 1 88  ? 5.231   -6.957  8.307   1.00 32.76 ? 192 GLU A CB  1 
ATOM   697  C CG  . GLU A 1 88  ? 6.316   -5.963  8.008   1.00 43.68 ? 192 GLU A CG  1 
ATOM   698  C CD  . GLU A 1 88  ? 7.531   -6.151  8.903   1.00 43.31 ? 192 GLU A CD  1 
ATOM   699  O OE1 . GLU A 1 88  ? 7.591   -5.501  9.970   1.00 36.05 ? 192 GLU A OE1 1 
ATOM   700  O OE2 . GLU A 1 88  ? 8.415   -6.960  8.536   1.00 55.64 ? 192 GLU A OE2 1 
ATOM   701  N N   . PHE A 1 89  ? 4.575   -7.351  5.043   1.00 29.09 ? 193 PHE A N   1 
ATOM   702  C CA  . PHE A 1 89  ? 4.825   -8.216  3.900   1.00 23.21 ? 193 PHE A CA  1 
ATOM   703  C C   . PHE A 1 89  ? 5.525   -7.405  2.824   1.00 25.84 ? 193 PHE A C   1 
ATOM   704  O O   . PHE A 1 89  ? 5.441   -6.178  2.794   1.00 28.66 ? 193 PHE A O   1 
ATOM   705  C CB  . PHE A 1 89  ? 3.528   -8.849  3.362   1.00 29.23 ? 193 PHE A CB  1 
ATOM   706  C CG  . PHE A 1 89  ? 2.612   -7.891  2.632   1.00 28.70 ? 193 PHE A CG  1 
ATOM   707  C CD1 . PHE A 1 89  ? 2.769   -7.648  1.272   1.00 24.54 ? 193 PHE A CD1 1 
ATOM   708  C CD2 . PHE A 1 89  ? 1.571   -7.256  3.303   1.00 21.13 ? 193 PHE A CD2 1 
ATOM   709  C CE1 . PHE A 1 89  ? 1.917   -6.782  0.605   1.00 19.71 ? 193 PHE A CE1 1 
ATOM   710  C CE2 . PHE A 1 89  ? 0.711   -6.412  2.645   1.00 15.82 ? 193 PHE A CE2 1 
ATOM   711  C CZ  . PHE A 1 89  ? 0.886   -6.166  1.289   1.00 26.17 ? 193 PHE A CZ  1 
ATOM   712  N N   . CYS A 1 90  ? 6.212   -8.101  1.934   1.00 23.65 ? 194 CYS A N   1 
ATOM   713  C CA  . CYS A 1 90  ? 6.951   -7.434  0.889   1.00 19.65 ? 194 CYS A CA  1 
ATOM   714  C C   . CYS A 1 90  ? 6.557   -8.042  -0.437  1.00 28.92 ? 194 CYS A C   1 
ATOM   715  O O   . CYS A 1 90  ? 6.022   -9.155  -0.497  1.00 32.60 ? 194 CYS A O   1 
ATOM   716  C CB  . CYS A 1 90  ? 8.490   -7.526  1.081   1.00 25.45 ? 194 CYS A CB  1 
ATOM   717  S SG  . CYS A 1 90  ? 9.084   -7.445  2.800   1.00 34.42 ? 194 CYS A SG  1 
ATOM   718  N N   . CYS A 1 91  ? 6.860   -7.297  -1.500  1.00 19.72 ? 195 CYS A N   1 
ATOM   719  C CA  . CYS A 1 91  ? 6.459   -7.669  -2.847  1.00 24.38 ? 195 CYS A CA  1 
ATOM   720  C C   . CYS A 1 91  ? 6.963   -6.592  -3.779  1.00 17.98 ? 195 CYS A C   1 
ATOM   721  O O   . CYS A 1 91  ? 7.446   -5.572  -3.303  1.00 29.62 ? 195 CYS A O   1 
ATOM   722  C CB  . CYS A 1 91  ? 4.933   -7.786  -2.954  1.00 35.28 ? 195 CYS A CB  1 
ATOM   723  S SG  . CYS A 1 91  ? 4.056   -6.146  -2.866  1.00 27.01 ? 195 CYS A SG  1 
ATOM   724  N N   . HIS A 1 92  ? 6.809   -6.763  -5.079  1.00 24.40 ? 196 HIS A N   1 
ATOM   725  C CA  . HIS A 1 92  ? 7.305   -5.782  -6.031  1.00 27.07 ? 196 HIS A CA  1 
ATOM   726  C C   . HIS A 1 92  ? 6.191   -4.833  -6.437  1.00 27.23 ? 196 HIS A C   1 
ATOM   727  O O   . HIS A 1 92  ? 5.008   -5.168  -6.374  1.00 24.20 ? 196 HIS A O   1 
ATOM   728  C CB  . HIS A 1 92  ? 7.880   -6.461  -7.284  1.00 24.83 ? 196 HIS A CB  1 
ATOM   729  C CG  . HIS A 1 92  ? 9.065   -7.329  -7.006  1.00 30.77 ? 196 HIS A CG  1 
ATOM   730  N ND1 . HIS A 1 92  ? 8.953   -8.587  -6.451  1.00 28.91 ? 196 HIS A ND1 1 
ATOM   731  C CD2 . HIS A 1 92  ? 10.392  -7.103  -7.165  1.00 26.33 ? 196 HIS A CD2 1 
ATOM   732  C CE1 . HIS A 1 92  ? 10.158  -9.105  -6.303  1.00 28.35 ? 196 HIS A CE1 1 
ATOM   733  N NE2 . HIS A 1 92  ? 11.048  -8.225  -6.721  1.00 26.09 ? 196 HIS A NE2 1 
ATOM   734  N N   . MET A 1 93  ? 6.583   -3.645  -6.893  1.00 27.76 ? 197 MET A N   1 
ATOM   735  C CA  . MET A 1 93  ? 5.618   -2.726  -7.466  1.00 30.31 ? 197 MET A CA  1 
ATOM   736  C C   . MET A 1 93  ? 6.184   -2.122  -8.743  1.00 23.03 ? 197 MET A C   1 
ATOM   737  O O   . MET A 1 93  ? 7.343   -1.710  -8.788  1.00 28.62 ? 197 MET A O   1 
ATOM   738  C CB  . MET A 1 93  ? 5.229   -1.639  -6.456  1.00 21.78 ? 197 MET A CB  1 
ATOM   739  C CG  . MET A 1 93  ? 4.232   -2.131  -5.406  1.00 26.15 ? 197 MET A CG  1 
ATOM   740  S SD  . MET A 1 93  ? 3.629   -0.816  -4.326  1.00 27.71 ? 197 MET A SD  1 
ATOM   741  C CE  . MET A 1 93  ? 2.708   0.151   -5.502  1.00 19.95 ? 197 MET A CE  1 
ATOM   742  N N   . LEU A 1 94  ? 5.355   -2.060  -9.774  1.00 27.93 ? 198 LEU A N   1 
ATOM   743  C CA  . LEU A 1 94  ? 5.801   -1.567  -11.067 1.00 28.48 ? 198 LEU A CA  1 
ATOM   744  C C   . LEU A 1 94  ? 6.133   -0.079  -10.977 1.00 36.07 ? 198 LEU A C   1 
ATOM   745  O O   . LEU A 1 94  ? 5.460   0.683   -10.273 1.00 33.49 ? 198 LEU A O   1 
ATOM   746  C CB  . LEU A 1 94  ? 4.716   -1.836  -12.113 1.00 25.17 ? 198 LEU A CB  1 
ATOM   747  C CG  . LEU A 1 94  ? 4.774   -1.265  -13.527 1.00 37.10 ? 198 LEU A CG  1 
ATOM   748  C CD1 . LEU A 1 94  ? 5.475   -2.225  -14.486 1.00 30.12 ? 198 LEU A CD1 1 
ATOM   749  C CD2 . LEU A 1 94  ? 3.364   -0.949  -14.010 1.00 30.70 ? 198 LEU A CD2 1 
ATOM   750  N N   . ARG A 1 95  ? 7.203   0.325   -11.662 1.00 29.19 ? 199 ARG A N   1 
ATOM   751  C CA  . ARG A 1 95  ? 7.615   1.719   -11.713 1.00 27.52 ? 199 ARG A CA  1 
ATOM   752  C C   . ARG A 1 95  ? 6.947   2.429   -12.886 1.00 30.48 ? 199 ARG A C   1 
ATOM   753  O O   . ARG A 1 95  ? 6.559   1.811   -13.880 1.00 26.77 ? 199 ARG A O   1 
ATOM   754  C CB  . ARG A 1 95  ? 9.137   1.833   -11.855 1.00 29.76 ? 199 ARG A CB  1 
ATOM   755  C CG  . ARG A 1 95  ? 9.956   1.163   -10.750 1.00 24.75 ? 199 ARG A CG  1 
ATOM   756  C CD  . ARG A 1 95  ? 11.444  1.467   -10.901 1.00 22.32 ? 199 ARG A CD  1 
ATOM   757  N NE  . ARG A 1 95  ? 11.714  2.889   -11.123 1.00 28.72 ? 199 ARG A NE  1 
ATOM   758  C CZ  . ARG A 1 95  ? 12.014  3.753   -10.148 1.00 35.44 ? 199 ARG A CZ  1 
ATOM   759  N NH1 . ARG A 1 95  ? 12.080  3.349   -8.887  1.00 26.21 ? 199 ARG A NH1 1 
ATOM   760  N NH2 . ARG A 1 95  ? 12.235  5.029   -10.427 1.00 29.18 ? 199 ARG A NH2 1 
ATOM   761  N N   . GLY A 1 96  ? 6.825   3.746   -12.762 1.00 27.56 ? 200 GLY A N   1 
ATOM   762  C CA  . GLY A 1 96  ? 6.349   4.554   -13.867 1.00 27.80 ? 200 GLY A CA  1 
ATOM   763  C C   . GLY A 1 96  ? 7.403   4.715   -14.949 1.00 39.45 ? 200 GLY A C   1 
ATOM   764  O O   . GLY A 1 96  ? 8.587   4.414   -14.773 1.00 35.09 ? 200 GLY A O   1 
ATOM   765  N N   . THR A 1 97  ? 6.956   5.224   -16.096 1.00 34.96 ? 201 THR A N   1 
ATOM   766  C CA  . THR A 1 97  ? 7.793   5.264   -17.282 1.00 32.91 ? 201 THR A CA  1 
ATOM   767  C C   . THR A 1 97  ? 7.562   6.532   -18.095 1.00 33.39 ? 201 THR A C   1 
ATOM   768  O O   . THR A 1 97  ? 6.425   6.861   -18.439 1.00 34.22 ? 201 THR A O   1 
ATOM   769  C CB  . THR A 1 97  ? 7.537   4.020   -18.147 1.00 44.87 ? 201 THR A CB  1 
ATOM   770  O OG1 . THR A 1 97  ? 8.095   4.218   -19.448 1.00 60.08 ? 201 THR A OG1 1 
ATOM   771  C CG2 . THR A 1 97  ? 6.027   3.725   -18.274 1.00 42.85 ? 201 THR A CG2 1 
ATOM   772  N N   . ILE A 1 98  ? 8.650   7.243   -18.402 1.00 42.61 ? 202 ILE A N   1 
ATOM   773  C CA  . ILE A 1 98  ? 8.599   8.297   -19.412 1.00 45.39 ? 202 ILE A CA  1 
ATOM   774  C C   . ILE A 1 98  ? 8.699   7.708   -20.823 1.00 46.73 ? 202 ILE A C   1 
ATOM   775  O O   . ILE A 1 98  ? 8.249   8.331   -21.797 1.00 33.29 ? 202 ILE A O   1 
ATOM   776  C CB  . ILE A 1 98  ? 9.711   9.330   -19.133 1.00 49.49 ? 202 ILE A CB  1 
ATOM   777  C CG1 . ILE A 1 98  ? 9.383   10.169  -17.888 1.00 47.31 ? 202 ILE A CG1 1 
ATOM   778  C CG2 . ILE A 1 98  ? 9.958   10.261  -20.318 1.00 29.75 ? 202 ILE A CG2 1 
ATOM   779  C CD1 . ILE A 1 98  ? 7.905   10.608  -17.773 1.00 42.93 ? 202 ILE A CD1 1 
ATOM   780  N N   . ASP A 1 99  ? 9.235   6.499   -20.948 1.00 55.41 ? 203 ASP A N   1 
ATOM   781  C CA  . ASP A 1 99  ? 9.533   5.881   -22.239 1.00 55.90 ? 203 ASP A CA  1 
ATOM   782  C C   . ASP A 1 99  ? 8.885   4.505   -22.260 1.00 56.09 ? 203 ASP A C   1 
ATOM   783  O O   . ASP A 1 99  ? 9.439   3.552   -21.688 1.00 54.92 ? 203 ASP A O   1 
ATOM   784  C CB  . ASP A 1 99  ? 11.042  5.784   -22.443 1.00 57.06 ? 203 ASP A CB  1 
ATOM   785  C CG  . ASP A 1 99  ? 11.423  5.334   -23.840 1.00 59.56 ? 203 ASP A CG  1 
ATOM   786  O OD1 . ASP A 1 99  ? 10.569  4.763   -24.546 1.00 56.73 ? 203 ASP A OD1 1 
ATOM   787  O OD2 . ASP A 1 99  ? 12.594  5.542   -24.226 1.00 61.98 ? 203 ASP A OD2 1 
ATOM   788  N N   . PRO A 1 100 ? 7.718   4.355   -22.900 1.00 61.89 ? 204 PRO A N   1 
ATOM   789  C CA  . PRO A 1 100 ? 7.059   3.035   -22.929 1.00 65.76 ? 204 PRO A CA  1 
ATOM   790  C C   . PRO A 1 100 ? 7.768   2.017   -23.812 1.00 64.09 ? 204 PRO A C   1 
ATOM   791  O O   . PRO A 1 100 ? 7.445   0.823   -23.730 1.00 61.36 ? 204 PRO A O   1 
ATOM   792  C CB  . PRO A 1 100 ? 5.658   3.357   -23.462 1.00 65.71 ? 204 PRO A CB  1 
ATOM   793  C CG  . PRO A 1 100 ? 5.849   4.584   -24.298 1.00 53.95 ? 204 PRO A CG  1 
ATOM   794  C CD  . PRO A 1 100 ? 7.011   5.359   -23.715 1.00 52.95 ? 204 PRO A CD  1 
ATOM   795  N N   . LYS A 1 101 ? 8.701   2.464   -24.660 1.00 59.90 ? 205 LYS A N   1 
ATOM   796  C CA  . LYS A 1 101 ? 9.588   1.557   -25.387 1.00 62.78 ? 205 LYS A CA  1 
ATOM   797  C C   . LYS A 1 101 ? 10.489  0.790   -24.419 1.00 65.96 ? 205 LYS A C   1 
ATOM   798  O O   . LYS A 1 101 ? 10.840  -0.374  -24.662 1.00 62.48 ? 205 LYS A O   1 
ATOM   799  C CB  . LYS A 1 101 ? 10.402  2.379   -26.394 1.00 63.42 ? 205 LYS A CB  1 
ATOM   800  C CG  . LYS A 1 101 ? 11.381  1.639   -27.271 1.00 63.97 ? 205 LYS A CG  1 
ATOM   801  C CD  . LYS A 1 101 ? 12.551  2.551   -27.657 1.00 69.47 ? 205 LYS A CD  1 
ATOM   802  C CE  . LYS A 1 101 ? 13.212  3.167   -26.424 1.00 58.00 ? 205 LYS A CE  1 
ATOM   803  N NZ  . LYS A 1 101 ? 14.259  4.178   -26.759 1.00 59.52 ? 205 LYS A NZ  1 
ATOM   804  N N   . GLU A 1 102 ? 10.858  1.432   -23.313 1.00 63.15 ? 206 GLU A N   1 
ATOM   805  C CA  . GLU A 1 102 ? 11.606  0.785   -22.246 1.00 59.19 ? 206 GLU A CA  1 
ATOM   806  C C   . GLU A 1 102 ? 10.814  -0.393  -21.677 1.00 55.31 ? 206 GLU A C   1 
ATOM   807  O O   . GLU A 1 102 ? 9.578   -0.345  -21.621 1.00 58.04 ? 206 GLU A O   1 
ATOM   808  C CB  . GLU A 1 102 ? 11.896  1.805   -21.141 1.00 57.38 ? 206 GLU A CB  1 
ATOM   809  C CG  . GLU A 1 102 ? 13.185  1.610   -20.369 1.00 69.48 ? 206 GLU A CG  1 
ATOM   810  C CD  . GLU A 1 102 ? 13.042  2.003   -18.900 1.00 71.97 ? 206 GLU A CD  1 
ATOM   811  O OE1 . GLU A 1 102 ? 13.774  1.427   -18.057 1.00 65.79 ? 206 GLU A OE1 1 
ATOM   812  O OE2 . GLU A 1 102 ? 12.189  2.874   -18.594 1.00 58.18 ? 206 GLU A OE2 1 
ATOM   813  N N   . PRO A 1 103 ? 11.485  -1.465  -21.264 1.00 50.27 ? 207 PRO A N   1 
ATOM   814  C CA  . PRO A 1 103 ? 10.790  -2.551  -20.558 1.00 52.37 ? 207 PRO A CA  1 
ATOM   815  C C   . PRO A 1 103 ? 10.449  -2.179  -19.121 1.00 46.77 ? 207 PRO A C   1 
ATOM   816  O O   . PRO A 1 103 ? 11.089  -1.331  -18.493 1.00 45.20 ? 207 PRO A O   1 
ATOM   817  C CB  . PRO A 1 103 ? 11.801  -3.702  -20.600 1.00 53.90 ? 207 PRO A CB  1 
ATOM   818  C CG  . PRO A 1 103 ? 13.131  -3.026  -20.768 1.00 46.56 ? 207 PRO A CG  1 
ATOM   819  C CD  . PRO A 1 103 ? 12.864  -1.826  -21.623 1.00 45.67 ? 207 PRO A CD  1 
ATOM   820  N N   . SER A 1 104 ? 9.439   -2.868  -18.594 1.00 40.30 ? 208 SER A N   1 
ATOM   821  C CA  . SER A 1 104 ? 8.905   -2.569  -17.270 1.00 37.95 ? 208 SER A CA  1 
ATOM   822  C C   . SER A 1 104 ? 9.937   -2.820  -16.175 1.00 43.40 ? 208 SER A C   1 
ATOM   823  O O   . SER A 1 104 ? 10.666  -3.817  -16.204 1.00 43.61 ? 208 SER A O   1 
ATOM   824  C CB  . SER A 1 104 ? 7.674   -3.424  -17.012 1.00 34.96 ? 208 SER A CB  1 
ATOM   825  O OG  . SER A 1 104 ? 6.589   -2.982  -17.789 1.00 43.21 ? 208 SER A OG  1 
ATOM   826  N N   . THR A 1 105 ? 9.991   -1.909  -15.196 1.00 33.07 ? 209 THR A N   1 
ATOM   827  C CA  . THR A 1 105 ? 10.886  -2.029  -14.054 1.00 29.86 ? 209 THR A CA  1 
ATOM   828  C C   . THR A 1 105 ? 10.089  -1.950  -12.760 1.00 35.06 ? 209 THR A C   1 
ATOM   829  O O   . THR A 1 105 ? 9.035   -1.308  -12.701 1.00 29.23 ? 209 THR A O   1 
ATOM   830  C CB  . THR A 1 105 ? 11.961  -0.938  -14.045 1.00 33.24 ? 209 THR A CB  1 
ATOM   831  O OG1 . THR A 1 105 ? 11.333  0.344   -13.932 1.00 31.17 ? 209 THR A OG1 1 
ATOM   832  C CG2 . THR A 1 105 ? 12.806  -0.990  -15.325 1.00 37.87 ? 209 THR A CG2 1 
ATOM   833  N N   . TYR A 1 106 ? 10.639  -2.572  -11.711 1.00 24.89 ? 210 TYR A N   1 
ATOM   834  C CA  . TYR A 1 106 ? 9.953   -2.798  -10.453 1.00 27.84 ? 210 TYR A CA  1 
ATOM   835  C C   . TYR A 1 106 ? 10.835  -2.388  -9.283  1.00 36.11 ? 210 TYR A C   1 
ATOM   836  O O   . TYR A 1 106 ? 12.066  -2.423  -9.364  1.00 41.95 ? 210 TYR A O   1 
ATOM   837  C CB  . TYR A 1 106 ? 9.558   -4.284  -10.313 1.00 31.13 ? 210 TYR A CB  1 
ATOM   838  C CG  . TYR A 1 106 ? 8.645   -4.748  -11.435 1.00 32.36 ? 210 TYR A CG  1 
ATOM   839  C CD1 . TYR A 1 106 ? 9.163   -5.164  -12.658 1.00 34.81 ? 210 TYR A CD1 1 
ATOM   840  C CD2 . TYR A 1 106 ? 7.266   -4.739  -11.278 1.00 28.37 ? 210 TYR A CD2 1 
ATOM   841  C CE1 . TYR A 1 106 ? 8.330   -5.572  -13.688 1.00 34.76 ? 210 TYR A CE1 1 
ATOM   842  C CE2 . TYR A 1 106 ? 6.427   -5.137  -12.292 1.00 32.16 ? 210 TYR A CE2 1 
ATOM   843  C CZ  . TYR A 1 106 ? 6.963   -5.557  -13.494 1.00 35.93 ? 210 TYR A CZ  1 
ATOM   844  O OH  . TYR A 1 106 ? 6.117   -5.947  -14.503 1.00 51.00 ? 210 TYR A OH  1 
ATOM   845  N N   . GLU A 1 107 ? 10.196  -1.995  -8.184  1.00 30.88 ? 211 GLU A N   1 
ATOM   846  C CA  . GLU A 1 107 ? 10.871  -1.850  -6.901  1.00 26.50 ? 211 GLU A CA  1 
ATOM   847  C C   . GLU A 1 107 ? 10.333  -2.895  -5.945  1.00 30.15 ? 211 GLU A C   1 
ATOM   848  O O   . GLU A 1 107 ? 9.111   -3.100  -5.861  1.00 27.49 ? 211 GLU A O   1 
ATOM   849  C CB  . GLU A 1 107 ? 10.674  -0.453  -6.297  1.00 28.18 ? 211 GLU A CB  1 
ATOM   850  C CG  . GLU A 1 107 ? 11.150  0.682   -7.177  1.00 28.17 ? 211 GLU A CG  1 
ATOM   851  C CD  . GLU A 1 107 ? 12.652  0.805   -7.234  1.00 31.38 ? 211 GLU A CD  1 
ATOM   852  O OE1 . GLU A 1 107 ? 13.333  0.470   -6.232  1.00 26.60 ? 211 GLU A OE1 1 
ATOM   853  O OE2 . GLU A 1 107 ? 13.145  1.234   -8.294  1.00 37.95 ? 211 GLU A OE2 1 
ATOM   854  N N   . TYR A 1 108 ? 11.246  -3.560  -5.242  1.00 27.70 ? 212 TYR A N   1 
ATOM   855  C CA  . TYR A 1 108 ? 10.885  -4.398  -4.111  1.00 31.10 ? 212 TYR A CA  1 
ATOM   856  C C   . TYR A 1 108 ? 10.600  -3.486  -2.930  1.00 35.56 ? 212 TYR A C   1 
ATOM   857  O O   . TYR A 1 108 ? 11.408  -2.602  -2.628  1.00 25.60 ? 212 TYR A O   1 
ATOM   858  C CB  . TYR A 1 108 ? 12.028  -5.357  -3.786  1.00 33.44 ? 212 TYR A CB  1 
ATOM   859  C CG  . TYR A 1 108 ? 11.712  -6.476  -2.813  1.00 30.88 ? 212 TYR A CG  1 
ATOM   860  C CD1 . TYR A 1 108 ? 10.993  -7.599  -3.214  1.00 32.64 ? 212 TYR A CD1 1 
ATOM   861  C CD2 . TYR A 1 108 ? 12.183  -6.432  -1.509  1.00 30.72 ? 212 TYR A CD2 1 
ATOM   862  C CE1 . TYR A 1 108 ? 10.736  -8.643  -2.324  1.00 27.31 ? 212 TYR A CE1 1 
ATOM   863  C CE2 . TYR A 1 108 ? 11.926  -7.456  -0.613  1.00 34.81 ? 212 TYR A CE2 1 
ATOM   864  C CZ  . TYR A 1 108 ? 11.211  -8.558  -1.024  1.00 33.31 ? 212 TYR A CZ  1 
ATOM   865  O OH  . TYR A 1 108 ? 10.976  -9.576  -0.128  1.00 41.39 ? 212 TYR A OH  1 
ATOM   866  N N   . VAL A 1 109 ? 9.436   -3.673  -2.286  1.00 27.34 ? 213 VAL A N   1 
ATOM   867  C CA  . VAL A 1 109 ? 8.967   -2.768  -1.238  1.00 27.36 ? 213 VAL A CA  1 
ATOM   868  C C   . VAL A 1 109 ? 8.430   -3.592  -0.077  1.00 28.40 ? 213 VAL A C   1 
ATOM   869  O O   . VAL A 1 109 ? 8.054   -4.751  -0.240  1.00 25.57 ? 213 VAL A O   1 
ATOM   870  C CB  . VAL A 1 109 ? 7.868   -1.811  -1.749  1.00 31.33 ? 213 VAL A CB  1 
ATOM   871  C CG1 . VAL A 1 109 ? 8.427   -0.813  -2.779  1.00 28.12 ? 213 VAL A CG1 1 
ATOM   872  C CG2 . VAL A 1 109 ? 6.701   -2.624  -2.356  1.00 20.98 ? 213 VAL A CG2 1 
ATOM   873  N N   . LYS A 1 110 ? 8.382   -2.977  1.107   1.00 26.34 ? 214 LYS A N   1 
ATOM   874  C CA  . LYS A 1 110 ? 7.760   -3.594  2.280   1.00 27.10 ? 214 LYS A CA  1 
ATOM   875  C C   . LYS A 1 110 ? 6.520   -2.811  2.704   1.00 27.63 ? 214 LYS A C   1 
ATOM   876  O O   . LYS A 1 110 ? 6.585   -1.585  2.857   1.00 17.94 ? 214 LYS A O   1 
ATOM   877  C CB  . LYS A 1 110 ? 8.739   -3.671  3.457   1.00 28.32 ? 214 LYS A CB  1 
ATOM   878  C CG  . LYS A 1 110 ? 8.103   -4.206  4.741   1.00 31.93 ? 214 LYS A CG  1 
ATOM   879  C CD  . LYS A 1 110 ? 9.016   -4.045  5.955   1.00 32.90 ? 214 LYS A CD  1 
ATOM   880  C CE  . LYS A 1 110 ? 10.140  -5.061  5.963   1.00 43.40 ? 214 LYS A CE  1 
ATOM   881  N NZ  . LYS A 1 110 ? 11.222  -4.688  6.930   1.00 40.00 ? 214 LYS A NZ  1 
ATOM   882  N N   . PHE A 1 111 ? 5.394   -3.520  2.887   1.00 26.88 ? 215 PHE A N   1 
ATOM   883  C CA  . PHE A 1 111 ? 4.167   -2.954  3.458   1.00 25.47 ? 215 PHE A CA  1 
ATOM   884  C C   . PHE A 1 111 ? 4.153   -3.138  4.969   1.00 20.12 ? 215 PHE A C   1 
ATOM   885  O O   . PHE A 1 111 ? 4.529   -4.195  5.470   1.00 27.15 ? 215 PHE A O   1 
ATOM   886  C CB  . PHE A 1 111 ? 2.905   -3.633  2.905   1.00 24.97 ? 215 PHE A CB  1 
ATOM   887  C CG  . PHE A 1 111 ? 2.534   -3.243  1.500   1.00 23.71 ? 215 PHE A CG  1 
ATOM   888  C CD1 . PHE A 1 111 ? 3.435   -3.373  0.457   1.00 20.12 ? 215 PHE A CD1 1 
ATOM   889  C CD2 . PHE A 1 111 ? 1.252   -2.804  1.215   1.00 25.49 ? 215 PHE A CD2 1 
ATOM   890  C CE1 . PHE A 1 111 ? 3.072   -3.047  -0.836  1.00 21.48 ? 215 PHE A CE1 1 
ATOM   891  C CE2 . PHE A 1 111 ? 0.886   -2.474  -0.091  1.00 20.46 ? 215 PHE A CE2 1 
ATOM   892  C CZ  . PHE A 1 111 ? 1.794   -2.609  -1.111  1.00 15.24 ? 215 PHE A CZ  1 
ATOM   893  N N   . ILE A 1 112 ? 3.695   -2.117  5.690   1.00 20.16 ? 216 ILE A N   1 
ATOM   894  C CA  . ILE A 1 112 ? 3.316   -2.246  7.096   1.00 24.22 ? 216 ILE A CA  1 
ATOM   895  C C   . ILE A 1 112 ? 1.989   -1.522  7.267   1.00 23.10 ? 216 ILE A C   1 
ATOM   896  O O   . ILE A 1 112 ? 1.904   -0.312  7.016   1.00 25.07 ? 216 ILE A O   1 
ATOM   897  C CB  . ILE A 1 112 ? 4.359   -1.660  8.076   1.00 32.30 ? 216 ILE A CB  1 
ATOM   898  C CG1 . ILE A 1 112 ? 5.785   -2.030  7.660   1.00 41.45 ? 216 ILE A CG1 1 
ATOM   899  C CG2 . ILE A 1 112 ? 4.083   -2.148  9.505   1.00 33.77 ? 216 ILE A CG2 1 
ATOM   900  C CD1 . ILE A 1 112 ? 6.874   -1.334  8.461   1.00 41.52 ? 216 ILE A CD1 1 
ATOM   901  N N   . GLY A 1 113 ? 0.960   -2.239  7.704   1.00 22.85 ? 217 GLY A N   1 
ATOM   902  C CA  . GLY A 1 113 ? -0.306  -1.557  7.866   1.00 22.70 ? 217 GLY A CA  1 
ATOM   903  C C   . GLY A 1 113 ? -1.276  -2.300  8.752   1.00 31.19 ? 217 GLY A C   1 
ATOM   904  O O   . GLY A 1 113 ? -0.954  -3.335  9.343   1.00 31.03 ? 217 GLY A O   1 
ATOM   905  N N   . ASN A 1 114 ? -2.489  -1.741  8.819   1.00 24.62 ? 218 ASN A N   1 
ATOM   906  C CA  . ASN A 1 114 ? -3.582  -2.263  9.623   1.00 24.74 ? 218 ASN A CA  1 
ATOM   907  C C   . ASN A 1 114 ? -4.881  -2.115  8.860   1.00 28.43 ? 218 ASN A C   1 
ATOM   908  O O   . ASN A 1 114 ? -5.081  -1.136  8.132   1.00 22.20 ? 218 ASN A O   1 
ATOM   909  C CB  . ASN A 1 114 ? -3.762  -1.524  10.957  1.00 21.30 ? 218 ASN A CB  1 
ATOM   910  C CG  . ASN A 1 114 ? -2.549  -1.645  11.866  1.00 35.21 ? 218 ASN A CG  1 
ATOM   911  O OD1 . ASN A 1 114 ? -1.590  -0.881  11.745  1.00 34.89 ? 218 ASN A OD1 1 
ATOM   912  N ND2 . ASN A 1 114 ? -2.586  -2.607  12.775  1.00 38.98 ? 218 ASN A ND2 1 
ATOM   913  N N   . PHE A 1 115 ? -5.773  -3.083  9.067   1.00 23.12 ? 219 PHE A N   1 
ATOM   914  C CA  . PHE A 1 115 ? -7.166  -2.918  8.683   1.00 23.72 ? 219 PHE A CA  1 
ATOM   915  C C   . PHE A 1 115 ? -7.852  -1.931  9.605   1.00 18.66 ? 219 PHE A C   1 
ATOM   916  O O   . PHE A 1 115 ? -7.547  -1.855  10.793  1.00 30.35 ? 219 PHE A O   1 
ATOM   917  C CB  . PHE A 1 115 ? -7.886  -4.259  8.709   1.00 21.20 ? 219 PHE A CB  1 
ATOM   918  C CG  . PHE A 1 115 ? -7.411  -5.175  7.647   1.00 25.61 ? 219 PHE A CG  1 
ATOM   919  C CD1 . PHE A 1 115 ? -7.782  -4.958  6.323   1.00 18.08 ? 219 PHE A CD1 1 
ATOM   920  C CD2 . PHE A 1 115 ? -6.542  -6.206  7.943   1.00 22.57 ? 219 PHE A CD2 1 
ATOM   921  C CE1 . PHE A 1 115 ? -7.319  -5.779  5.320   1.00 21.25 ? 219 PHE A CE1 1 
ATOM   922  C CE2 . PHE A 1 115 ? -6.068  -7.041  6.929   1.00 26.23 ? 219 PHE A CE2 1 
ATOM   923  C CZ  . PHE A 1 115 ? -6.453  -6.822  5.621   1.00 25.97 ? 219 PHE A CZ  1 
ATOM   924  N N   . LYS A 1 116 ? -8.766  -1.160  9.036   1.00 23.61 ? 220 LYS A N   1 
ATOM   925  C CA  . LYS A 1 116 ? -9.513  -0.150  9.765   1.00 32.23 ? 220 LYS A CA  1 
ATOM   926  C C   . LYS A 1 116 ? -10.780 0.149   8.980   1.00 23.00 ? 220 LYS A C   1 
ATOM   927  O O   . LYS A 1 116 ? -10.755 0.225   7.751   1.00 24.31 ? 220 LYS A O   1 
ATOM   928  C CB  . LYS A 1 116 ? -8.682  1.130   9.960   1.00 26.73 ? 220 LYS A CB  1 
ATOM   929  C CG  . LYS A 1 116 ? -9.472  2.317   10.486  1.00 25.42 ? 220 LYS A CG  1 
ATOM   930  C CD  . LYS A 1 116 ? -9.412  2.405   12.000  1.00 27.88 ? 220 LYS A CD  1 
ATOM   931  C CE  . LYS A 1 116 ? -10.395 3.429   12.539  1.00 28.58 ? 220 LYS A CE  1 
ATOM   932  N NZ  . LYS A 1 116 ? -11.781 3.217   12.066  1.00 34.17 ? 220 LYS A NZ  1 
ATOM   933  N N   . SER A 1 117 ? -11.877 0.311   9.691   1.00 26.40 ? 221 SER A N   1 
ATOM   934  C CA  . SER A 1 117 ? -13.141 0.628   9.053   1.00 39.12 ? 221 SER A CA  1 
ATOM   935  C C   . SER A 1 117 ? -13.203 2.114   8.718   1.00 31.66 ? 221 SER A C   1 
ATOM   936  O O   . SER A 1 117 ? -12.773 2.964   9.502   1.00 35.99 ? 221 SER A O   1 
ATOM   937  C CB  . SER A 1 117 ? -14.287 0.251   9.975   1.00 40.16 ? 221 SER A CB  1 
ATOM   938  O OG  . SER A 1 117 ? -13.970 0.692   11.281  1.00 42.67 ? 221 SER A OG  1 
ATOM   939  N N   . LEU A 1 118 ? -13.751 2.422   7.556   1.00 29.42 ? 222 LEU A N   1 
ATOM   940  C CA  . LEU A 1 118 ? -13.830 3.803   7.100   1.00 46.73 ? 222 LEU A CA  1 
ATOM   941  C C   . LEU A 1 118 ? -15.045 4.513   7.700   1.00 45.75 ? 222 LEU A C   1 
ATOM   942  O O   . LEU A 1 118 ? -15.947 3.891   8.268   1.00 53.16 ? 222 LEU A O   1 
ATOM   943  C CB  . LEU A 1 118 ? -13.909 3.856   5.576   1.00 36.19 ? 222 LEU A CB  1 
ATOM   944  C CG  . LEU A 1 118 ? -12.609 3.555   4.852   1.00 42.06 ? 222 LEU A CG  1 
ATOM   945  C CD1 . LEU A 1 118 ? -12.837 3.462   3.350   1.00 43.17 ? 222 LEU A CD1 1 
ATOM   946  C CD2 . LEU A 1 118 ? -11.647 4.658   5.165   1.00 33.26 ? 222 LEU A CD2 1 
ATOM   947  N N   . ASN A 1 119 ? -15.060 5.836   7.558   1.00 56.14 ? 223 ASN A N   1 
ATOM   948  C CA  . ASN A 1 119 ? -16.268 6.630   7.804   1.00 67.60 ? 223 ASN A CA  1 
ATOM   949  C C   . ASN A 1 119 ? -16.734 6.536   9.262   1.00 67.07 ? 223 ASN A C   1 
ATOM   950  O O   . ASN A 1 119 ? -15.964 6.167   10.156  1.00 66.20 ? 223 ASN A O   1 
ATOM   951  C CB  . ASN A 1 119 ? -17.382 6.179   6.838   1.00 52.50 ? 223 ASN A CB  1 
ATOM   952  C CG  . ASN A 1 119 ? -18.649 7.008   6.957   1.00 68.79 ? 223 ASN A CG  1 
ATOM   953  O OD1 . ASN A 1 119 ? -18.942 7.839   6.094   1.00 65.58 ? 223 ASN A OD1 1 
ATOM   954  N ND2 . ASN A 1 119 ? -19.426 6.759   8.008   1.00 74.03 ? 223 ASN A ND2 1 
ATOM   955  N N   . ASP A 1 143 ? -20.201 1.523   6.405   1.00 49.73 ? 247 ASP A N   1 
ATOM   956  C CA  . ASP A 1 143 ? -18.842 1.289   6.882   1.00 46.56 ? 247 ASP A CA  1 
ATOM   957  C C   . ASP A 1 143 ? -18.120 0.232   6.029   1.00 46.38 ? 247 ASP A C   1 
ATOM   958  O O   . ASP A 1 143 ? -18.599 -0.892  5.903   1.00 43.37 ? 247 ASP A O   1 
ATOM   959  C CB  . ASP A 1 143 ? -18.871 0.846   8.347   1.00 52.41 ? 247 ASP A CB  1 
ATOM   960  C CG  . ASP A 1 143 ? -19.112 1.985   9.313   1.00 61.65 ? 247 ASP A CG  1 
ATOM   961  O OD1 . ASP A 1 143 ? -18.367 2.993   9.263   1.00 62.18 ? 247 ASP A OD1 1 
ATOM   962  O OD2 . ASP A 1 143 ? -20.041 1.857   10.140  1.00 62.19 ? 247 ASP A OD2 1 
ATOM   963  N N   . ARG A 1 144 ? -16.978 0.595   5.445   1.00 45.97 ? 248 ARG A N   1 
ATOM   964  C CA  . ARG A 1 144 ? -16.162 -0.299  4.631   1.00 36.76 ? 248 ARG A CA  1 
ATOM   965  C C   . ARG A 1 144 ? -14.895 -0.681  5.396   1.00 37.13 ? 248 ARG A C   1 
ATOM   966  O O   . ARG A 1 144 ? -14.532 -0.051  6.387   1.00 38.75 ? 248 ARG A O   1 
ATOM   967  C CB  . ARG A 1 144 ? -15.791 0.358   3.292   1.00 30.73 ? 248 ARG A CB  1 
ATOM   968  C CG  . ARG A 1 144 ? -16.933 1.075   2.589   1.00 43.40 ? 248 ARG A CG  1 
ATOM   969  C CD  . ARG A 1 144 ? -17.835 0.057   1.956   1.00 32.97 ? 248 ARG A CD  1 
ATOM   970  N NE  . ARG A 1 144 ? -17.001 -1.030  1.458   1.00 33.18 ? 248 ARG A NE  1 
ATOM   971  C CZ  . ARG A 1 144 ? -16.676 -1.171  0.181   1.00 34.33 ? 248 ARG A CZ  1 
ATOM   972  N NH1 . ARG A 1 144 ? -17.132 -0.289  -0.708  1.00 33.71 ? 248 ARG A NH1 1 
ATOM   973  N NH2 . ARG A 1 144 ? -15.891 -2.177  -0.203  1.00 32.47 ? 248 ARG A NH2 1 
ATOM   974  N N   . VAL A 1 145 ? -14.208 -1.722  4.923   1.00 25.57 ? 249 VAL A N   1 
ATOM   975  C CA  . VAL A 1 145 ? -12.954 -2.156  5.521   1.00 22.47 ? 249 VAL A CA  1 
ATOM   976  C C   . VAL A 1 145 ? -11.830 -1.776  4.589   1.00 30.71 ? 249 VAL A C   1 
ATOM   977  O O   . VAL A 1 145 ? -11.822 -2.169  3.417   1.00 29.71 ? 249 VAL A O   1 
ATOM   978  C CB  . VAL A 1 145 ? -12.924 -3.662  5.796   1.00 28.08 ? 249 VAL A CB  1 
ATOM   979  C CG1 . VAL A 1 145 ? -11.527 -4.053  6.349   1.00 20.63 ? 249 VAL A CG1 1 
ATOM   980  C CG2 . VAL A 1 145 ? -14.053 -4.036  6.759   1.00 20.71 ? 249 VAL A CG2 1 
ATOM   981  N N   . CYS A 1 146 ? -10.870 -1.032  5.106   1.00 25.30 ? 250 CYS A N   1 
ATOM   982  C CA  . CYS A 1 146 ? -9.739  -0.628  4.305   1.00 20.91 ? 250 CYS A CA  1 
ATOM   983  C C   . CYS A 1 146 ? -8.454  -0.943  5.056   1.00 26.60 ? 250 CYS A C   1 
ATOM   984  O O   . CYS A 1 146 ? -8.447  -1.141  6.279   1.00 24.31 ? 250 CYS A O   1 
ATOM   985  C CB  . CYS A 1 146 ? -9.807  0.862   3.957   1.00 29.63 ? 250 CYS A CB  1 
ATOM   986  S SG  . CYS A 1 146 ? -9.389  1.890   5.317   1.00 39.87 ? 250 CYS A SG  1 
ATOM   987  N N   . PHE A 1 147 ? -7.369  -1.021  4.289   1.00 21.98 ? 251 PHE A N   1 
ATOM   988  C CA  . PHE A 1 147 ? -6.034  -1.292  4.794   1.00 21.28 ? 251 PHE A CA  1 
ATOM   989  C C   . PHE A 1 147 ? -5.224  -0.015  4.628   1.00 17.06 ? 251 PHE A C   1 
ATOM   990  O O   . PHE A 1 147 ? -5.079  0.492   3.506   1.00 11.65 ? 251 PHE A O   1 
ATOM   991  C CB  . PHE A 1 147 ? -5.406  -2.464  4.033   1.00 14.97 ? 251 PHE A CB  1 
ATOM   992  C CG  . PHE A 1 147 ? -4.151  -2.995  4.667   1.00 18.42 ? 251 PHE A CG  1 
ATOM   993  C CD1 . PHE A 1 147 ? -4.210  -3.689  5.865   1.00 21.12 ? 251 PHE A CD1 1 
ATOM   994  C CD2 . PHE A 1 147 ? -2.916  -2.806  4.060   1.00 11.74 ? 251 PHE A CD2 1 
ATOM   995  C CE1 . PHE A 1 147 ? -3.055  -4.178  6.461   1.00 21.92 ? 251 PHE A CE1 1 
ATOM   996  C CE2 . PHE A 1 147 ? -1.775  -3.297  4.633   1.00 14.69 ? 251 PHE A CE2 1 
ATOM   997  C CZ  . PHE A 1 147 ? -1.840  -3.987  5.843   1.00 21.66 ? 251 PHE A CZ  1 
ATOM   998  N N   . VAL A 1 148 ? -4.763  0.550   5.739   1.00 13.57 ? 252 VAL A N   1 
ATOM   999  C CA  . VAL A 1 148 ? -3.936  1.749   5.704   1.00 17.33 ? 252 VAL A CA  1 
ATOM   1000 C C   . VAL A 1 148 ? -2.510  1.328   6.026   1.00 21.84 ? 252 VAL A C   1 
ATOM   1001 O O   . VAL A 1 148 ? -2.279  0.615   7.017   1.00 15.78 ? 252 VAL A O   1 
ATOM   1002 C CB  . VAL A 1 148 ? -4.457  2.836   6.659   1.00 18.17 ? 252 VAL A CB  1 
ATOM   1003 C CG1 . VAL A 1 148 ? -5.845  3.311   6.185   1.00 20.96 ? 252 VAL A CG1 1 
ATOM   1004 C CG2 . VAL A 1 148 ? -4.538  2.323   8.108   1.00 19.74 ? 252 VAL A CG2 1 
ATOM   1005 N N   . ALA A 1 149 ? -1.559  1.764   5.184   1.00 18.07 ? 253 ALA A N   1 
ATOM   1006 C CA  . ALA A 1 149 ? -0.205  1.225   5.216   1.00 19.24 ? 253 ALA A CA  1 
ATOM   1007 C C   . ALA A 1 149 ? 0.855   2.267   4.862   1.00 20.88 ? 253 ALA A C   1 
ATOM   1008 O O   . ALA A 1 149 ? 0.607   3.240   4.139   1.00 12.74 ? 253 ALA A O   1 
ATOM   1009 C CB  . ALA A 1 149 ? -0.068  0.029   4.249   1.00 19.57 ? 253 ALA A CB  1 
ATOM   1010 N N   . THR A 1 150 ? 2.057   2.005   5.362   1.00 18.57 ? 254 THR A N   1 
ATOM   1011 C CA  . THR A 1 150 ? 3.283   2.623   4.903   1.00 15.39 ? 254 THR A CA  1 
ATOM   1012 C C   . THR A 1 150 ? 4.002   1.630   3.994   1.00 23.28 ? 254 THR A C   1 
ATOM   1013 O O   . THR A 1 150 ? 4.187   0.464   4.363   1.00 26.31 ? 254 THR A O   1 
ATOM   1014 C CB  . THR A 1 150 ? 4.176   2.996   6.091   1.00 18.61 ? 254 THR A CB  1 
ATOM   1015 O OG1 . THR A 1 150 ? 3.396   3.661   7.080   1.00 19.96 ? 254 THR A OG1 1 
ATOM   1016 C CG2 . THR A 1 150 ? 5.291   3.925   5.672   1.00 21.36 ? 254 THR A CG2 1 
ATOM   1017 N N   . VAL A 1 151 ? 4.405   2.085   2.811   1.00 19.15 ? 255 VAL A N   1 
ATOM   1018 C CA  . VAL A 1 151 ? 5.146   1.267   1.855   1.00 19.26 ? 255 VAL A CA  1 
ATOM   1019 C C   . VAL A 1 151 ? 6.538   1.882   1.723   1.00 23.03 ? 255 VAL A C   1 
ATOM   1020 O O   . VAL A 1 151 ? 6.659   3.067   1.400   1.00 17.53 ? 255 VAL A O   1 
ATOM   1021 C CB  . VAL A 1 151 ? 4.413   1.191   0.505   1.00 19.12 ? 255 VAL A CB  1 
ATOM   1022 C CG1 . VAL A 1 151 ? 5.068   0.178   -0.436  1.00 24.34 ? 255 VAL A CG1 1 
ATOM   1023 C CG2 . VAL A 1 151 ? 2.939   0.826   0.713   1.00 21.97 ? 255 VAL A CG2 1 
ATOM   1024 N N   . ARG A 1 152 ? 7.584   1.100   2.037   1.00 26.42 ? 256 ARG A N   1 
ATOM   1025 C CA  . ARG A 1 152 ? 8.978   1.542   1.992   1.00 28.12 ? 256 ARG A CA  1 
ATOM   1026 C C   . ARG A 1 152 ? 9.784   0.691   1.024   1.00 25.82 ? 256 ARG A C   1 
ATOM   1027 O O   . ARG A 1 152 ? 9.461   -0.472  0.779   1.00 29.74 ? 256 ARG A O   1 
ATOM   1028 C CB  . ARG A 1 152 ? 9.688   1.453   3.356   1.00 21.82 ? 256 ARG A CB  1 
ATOM   1029 C CG  . ARG A 1 152 ? 8.881   1.833   4.570   1.00 30.95 ? 256 ARG A CG  1 
ATOM   1030 C CD  . ARG A 1 152 ? 9.371   1.085   5.811   1.00 28.70 ? 256 ARG A CD  1 
ATOM   1031 N NE  . ARG A 1 152 ? 10.729  1.470   6.182   1.00 38.42 ? 256 ARG A NE  1 
ATOM   1032 C CZ  . ARG A 1 152 ? 11.501  0.773   7.016   1.00 38.18 ? 256 ARG A CZ  1 
ATOM   1033 N NH1 . ARG A 1 152 ? 11.035  -0.341  7.554   1.00 36.19 ? 256 ARG A NH1 1 
ATOM   1034 N NH2 . ARG A 1 152 ? 12.739  1.185   7.308   1.00 27.07 ? 256 ARG A NH2 1 
ATOM   1035 N N   . LEU A 1 153 ? 10.866  1.271   0.507   1.00 25.58 ? 257 LEU A N   1 
ATOM   1036 C CA  . LEU A 1 153 ? 11.831  0.475   -0.235  1.00 31.04 ? 257 LEU A CA  1 
ATOM   1037 C C   . LEU A 1 153 ? 12.418  -0.588  0.681   1.00 36.50 ? 257 LEU A C   1 
ATOM   1038 O O   . LEU A 1 153 ? 12.603  -0.369  1.886   1.00 29.69 ? 257 LEU A O   1 
ATOM   1039 C CB  . LEU A 1 153 ? 12.957  1.342   -0.803  1.00 22.01 ? 257 LEU A CB  1 
ATOM   1040 C CG  . LEU A 1 153 ? 12.598  2.494   -1.746  1.00 39.30 ? 257 LEU A CG  1 
ATOM   1041 C CD1 . LEU A 1 153 ? 13.850  3.298   -2.120  1.00 34.38 ? 257 LEU A CD1 1 
ATOM   1042 C CD2 . LEU A 1 153 ? 11.844  2.016   -3.005  1.00 34.06 ? 257 LEU A CD2 1 
ATOM   1043 N N   . ALA A 1 154 ? 12.680  -1.759  0.110   1.00 34.10 ? 258 ALA A N   1 
ATOM   1044 C CA  . ALA A 1 154 ? 13.233  -2.872  0.858   1.00 39.74 ? 258 ALA A CA  1 
ATOM   1045 C C   . ALA A 1 154 ? 14.215  -3.612  -0.036  1.00 40.01 ? 258 ALA A C   1 
ATOM   1046 O O   . ALA A 1 154 ? 14.314  -3.348  -1.238  1.00 37.79 ? 258 ALA A O   1 
ATOM   1047 C CB  . ALA A 1 154 ? 12.130  -3.811  1.363   1.00 36.43 ? 258 ALA A CB  1 
ATOM   1048 N N   . THR A 1 155 ? 14.950  -4.540  0.570   1.00 50.55 ? 259 THR A N   1 
ATOM   1049 C CA  . THR A 1 155 ? 15.881  -5.432  -0.107  1.00 48.99 ? 259 THR A CA  1 
ATOM   1050 C C   . THR A 1 155 ? 15.709  -6.820  0.486   1.00 51.63 ? 259 THR A C   1 
ATOM   1051 O O   . THR A 1 155 ? 15.417  -6.949  1.682   1.00 52.57 ? 259 THR A O   1 
ATOM   1052 C CB  . THR A 1 155 ? 17.339  -4.983  0.061   1.00 55.64 ? 259 THR A CB  1 
ATOM   1053 O OG1 . THR A 1 155 ? 17.574  -4.634  1.433   1.00 61.32 ? 259 THR A OG1 1 
ATOM   1054 C CG2 . THR A 1 155 ? 17.631  -3.777  -0.816  1.00 45.54 ? 259 THR A CG2 1 
ATOM   1055 N N   . PRO A 1 156 ? 15.880  -7.879  -0.322  1.00 53.58 ? 260 PRO A N   1 
ATOM   1056 C CA  . PRO A 1 156 ? 15.607  -9.234  0.172   1.00 45.60 ? 260 PRO A CA  1 
ATOM   1057 C C   . PRO A 1 156 ? 16.858  -9.952  0.652   1.00 45.42 ? 260 PRO A C   1 
ATOM   1058 O O   . PRO A 1 156 ? 17.323  -9.625  1.743   1.00 52.14 ? 260 PRO A O   1 
ATOM   1059 C CB  . PRO A 1 156 ? 15.004  -9.927  -1.056  1.00 44.72 ? 260 PRO A CB  1 
ATOM   1060 C CG  . PRO A 1 156 ? 15.684  -9.214  -2.253  1.00 49.78 ? 260 PRO A CG  1 
ATOM   1061 C CD  . PRO A 1 156 ? 16.234  -7.876  -1.754  1.00 38.57 ? 260 PRO A CD  1 
HETATM 1062 O O   . HOH B 2 .   ? -10.479 5.565   -5.693  1.00 34.94 ? 301 HOH A O   1 
HETATM 1063 O O   . HOH B 2 .   ? 4.499   11.088  0.915   1.00 29.80 ? 302 HOH A O   1 
HETATM 1064 O O   . HOH B 2 .   ? -3.082  11.162  -13.196 1.00 30.77 ? 303 HOH A O   1 
HETATM 1065 O O   . HOH B 2 .   ? 11.229  4.142   -14.194 1.00 33.87 ? 304 HOH A O   1 
HETATM 1066 O O   . HOH B 2 .   ? -8.464  -5.749  -7.079  1.00 25.95 ? 305 HOH A O   1 
HETATM 1067 O O   . HOH B 2 .   ? 12.669  9.975   -3.016  1.00 40.80 ? 306 HOH A O   1 
HETATM 1068 O O   . HOH B 2 .   ? -7.435  -1.239  -12.445 1.00 32.53 ? 307 HOH A O   1 
HETATM 1069 O O   . HOH B 2 .   ? 14.980  -3.756  -3.533  1.00 36.53 ? 308 HOH A O   1 
HETATM 1070 O O   . HOH B 2 .   ? -6.578  -8.226  11.467  1.00 37.29 ? 309 HOH A O   1 
HETATM 1071 O O   . HOH B 2 .   ? 6.695   -0.321  4.968   1.00 35.08 ? 310 HOH A O   1 
HETATM 1072 O O   . HOH B 2 .   ? 1.692   -15.402 -5.231  1.00 34.61 ? 311 HOH A O   1 
HETATM 1073 O O   . HOH B 2 .   ? -10.113 7.895   -2.888  1.00 32.04 ? 312 HOH A O   1 
HETATM 1074 O O   . HOH B 2 .   ? 5.391   -5.143  11.165  1.00 44.41 ? 313 HOH A O   1 
HETATM 1075 O O   . HOH B 2 .   ? -0.930  1.351   9.049   1.00 27.83 ? 314 HOH A O   1 
HETATM 1076 O O   . HOH B 2 .   ? -7.867  9.841   -2.464  1.00 24.39 ? 315 HOH A O   1 
HETATM 1077 O O   . HOH B 2 .   ? 2.990   -9.769  -13.760 1.00 37.49 ? 316 HOH A O   1 
HETATM 1078 O O   . HOH B 2 .   ? -18.449 -3.221  4.765   1.00 32.79 ? 317 HOH A O   1 
HETATM 1079 O O   . HOH B 2 .   ? 5.914   12.896  1.882   1.00 25.08 ? 318 HOH A O   1 
HETATM 1080 O O   . HOH B 2 .   ? -1.540  -13.012 7.398   1.00 23.13 ? 319 HOH A O   1 
HETATM 1081 O O   . HOH B 2 .   ? -18.293 2.081   -1.014  1.00 44.48 ? 320 HOH A O   1 
HETATM 1082 O O   . HOH B 2 .   ? 9.556   -5.831  -17.572 1.00 39.30 ? 321 HOH A O   1 
HETATM 1083 O O   . HOH B 2 .   ? -3.479  0.474   -14.086 1.00 45.20 ? 322 HOH A O   1 
HETATM 1084 O O   . HOH B 2 .   ? 10.014  16.536  -0.205  1.00 47.14 ? 323 HOH A O   1 
HETATM 1085 O O   . HOH B 2 .   ? 3.321   -9.396  9.571   1.00 28.34 ? 324 HOH A O   1 
HETATM 1086 O O   . HOH B 2 .   ? 0.545   13.861  5.386   1.00 27.45 ? 325 HOH A O   1 
HETATM 1087 O O   . HOH B 2 .   ? -0.974  11.748  4.721   1.00 35.64 ? 326 HOH A O   1 
HETATM 1088 O O   . HOH B 2 .   ? 5.698   15.666  -5.058  1.00 34.90 ? 327 HOH A O   1 
HETATM 1089 O O   . HOH B 2 .   ? -0.763  21.176  10.388  1.00 39.94 ? 328 HOH A O   1 
HETATM 1090 O O   . HOH B 2 .   ? -1.829  12.530  -2.575  1.00 28.60 ? 329 HOH A O   1 
HETATM 1091 O O   . HOH B 2 .   ? -12.962 -3.339  1.231   1.00 25.62 ? 330 HOH A O   1 
HETATM 1092 O O   . HOH B 2 .   ? -7.058  8.853   -9.922  1.00 21.16 ? 331 HOH A O   1 
HETATM 1093 O O   . HOH B 2 .   ? -1.739  -12.059 10.025  1.00 31.82 ? 332 HOH A O   1 
HETATM 1094 O O   . HOH B 2 .   ? 12.074  -5.323  -14.337 1.00 33.52 ? 333 HOH A O   1 
HETATM 1095 O O   . HOH B 2 .   ? 1.923   1.746   8.891   1.00 34.50 ? 334 HOH A O   1 
HETATM 1096 O O   . HOH B 2 .   ? 13.542  -1.246  -4.046  1.00 36.15 ? 335 HOH A O   1 
HETATM 1097 O O   . HOH B 2 .   ? 5.267   25.886  14.377  1.00 42.97 ? 336 HOH A O   1 
HETATM 1098 O O   . HOH B 2 .   ? 12.663  7.245   -8.757  1.00 33.91 ? 337 HOH A O   1 
HETATM 1099 O O   . HOH B 2 .   ? -1.964  1.827   11.010  1.00 29.04 ? 338 HOH A O   1 
HETATM 1100 O O   . HOH B 2 .   ? -4.144  9.958   -2.859  1.00 25.99 ? 339 HOH A O   1 
HETATM 1101 O O   . HOH B 2 .   ? 9.649   9.553   1.225   1.00 18.41 ? 340 HOH A O   1 
HETATM 1102 O O   . HOH B 2 .   ? 5.451   10.469  -12.287 1.00 23.19 ? 341 HOH A O   1 
HETATM 1103 O O   . HOH B 2 .   ? 2.566   6.205   -13.966 1.00 27.93 ? 342 HOH A O   1 
HETATM 1104 O O   . HOH B 2 .   ? 0.059   20.441  7.029   1.00 40.04 ? 343 HOH A O   1 
HETATM 1105 O O   . HOH B 2 .   ? -13.916 -4.135  -0.963  0.30 21.87 ? 344 HOH A O   1 
HETATM 1106 O O   . HOH B 2 .   ? 9.248   18.397  6.010   1.00 33.15 ? 345 HOH A O   1 
HETATM 1107 O O   . HOH B 2 .   ? 8.629   12.172  2.276   1.00 28.19 ? 346 HOH A O   1 
HETATM 1108 O O   . HOH B 2 .   ? 13.640  2.111   -14.190 1.00 39.59 ? 347 HOH A O   1 
HETATM 1109 O O   . HOH B 2 .   ? 13.165  5.662   -15.067 1.00 45.81 ? 348 HOH A O   1 
HETATM 1110 O O   . HOH B 2 .   ? 10.365  1.781   -16.511 1.00 43.77 ? 349 HOH A O   1 
HETATM 1111 O O   . HOH B 2 .   ? -2.554  16.754  13.913  1.00 22.83 ? 350 HOH A O   1 
HETATM 1112 O O   . HOH B 2 .   ? 3.439   14.045  -6.441  1.00 35.26 ? 351 HOH A O   1 
HETATM 1113 O O   . HOH B 2 .   ? 4.032   14.699  3.372   1.00 34.45 ? 352 HOH A O   1 
HETATM 1114 O O   . HOH B 2 .   ? -6.199  6.274   -12.170 1.00 37.58 ? 353 HOH A O   1 
HETATM 1115 O O   . HOH B 2 .   ? 5.259   25.136  10.006  1.00 48.86 ? 354 HOH A O   1 
HETATM 1116 O O   . HOH B 2 .   ? -9.919  0.039   -8.378  1.00 29.91 ? 355 HOH A O   1 
HETATM 1117 O O   . HOH B 2 .   ? 4.780   16.996  2.647   1.00 36.52 ? 356 HOH A O   1 
HETATM 1118 O O   . HOH B 2 .   ? 15.074  -4.020  3.657   1.00 46.78 ? 357 HOH A O   1 
HETATM 1119 O O   . HOH B 2 .   ? -1.631  13.238  -8.628  1.00 23.45 ? 358 HOH A O   1 
HETATM 1120 O O   . HOH B 2 .   ? 2.002   -5.443  -13.190 1.00 33.89 ? 359 HOH A O   1 
HETATM 1121 O O   . HOH B 2 .   ? 7.816   13.049  -4.569  1.00 35.20 ? 360 HOH A O   1 
HETATM 1122 O O   . HOH B 2 .   ? 2.065   -4.766  16.077  1.00 32.25 ? 361 HOH A O   1 
HETATM 1123 O O   . HOH B 2 .   ? -1.093  -16.090 4.263   1.00 47.36 ? 362 HOH A O   1 
HETATM 1124 O O   . HOH B 2 .   ? -2.796  15.019  11.903  1.00 26.28 ? 363 HOH A O   1 
HETATM 1125 O O   . HOH B 2 .   ? -19.563 1.315   -3.210  1.00 49.40 ? 364 HOH A O   1 
HETATM 1126 O O   . HOH B 2 .   ? 8.300   19.423  3.717   1.00 45.98 ? 365 HOH A O   1 
HETATM 1127 O O   . HOH B 2 .   ? 6.259   19.262  3.061   1.00 40.76 ? 366 HOH A O   1 
HETATM 1128 O O   . HOH B 2 .   ? -17.723 5.052   3.227   1.00 45.88 ? 367 HOH A O   1 
HETATM 1129 O O   . HOH B 2 .   ? -0.268  -15.408 6.671   1.00 34.39 ? 368 HOH A O   1 
HETATM 1130 O O   . HOH B 2 .   ? 19.253  -11.033 -1.961  1.00 37.50 ? 369 HOH A O   1 
HETATM 1131 O O   . HOH B 2 .   ? 1.347   1.695   -14.904 1.00 34.81 ? 370 HOH A O   1 
HETATM 1132 O O   . HOH B 2 .   ? 1.298   14.846  -5.691  1.00 24.27 ? 371 HOH A O   1 
HETATM 1133 O O   . HOH B 2 .   ? -13.864 5.549   0.466   1.00 34.09 ? 372 HOH A O   1 
# 
